data_1JNT
# 
_entry.id   1JNT 
# 
_audit_conform.dict_name       mmcif_pdbx.dic 
_audit_conform.dict_version    5.392 
_audit_conform.dict_location   http://mmcif.pdb.org/dictionaries/ascii/mmcif_pdbx.dic 
# 
loop_
_database_2.database_id 
_database_2.database_code 
_database_2.pdbx_database_accession 
_database_2.pdbx_DOI 
PDB   1JNT         pdb_00001jnt 10.2210/pdb1jnt/pdb 
RCSB  RCSB013983   ?            ?                   
WWPDB D_1000013983 ?            ?                   
# 
loop_
_pdbx_audit_revision_history.ordinal 
_pdbx_audit_revision_history.data_content_type 
_pdbx_audit_revision_history.major_revision 
_pdbx_audit_revision_history.minor_revision 
_pdbx_audit_revision_history.revision_date 
1 'Structure model' 1 0 2003-06-17 
2 'Structure model' 1 1 2008-04-27 
3 'Structure model' 1 2 2011-07-13 
4 'Structure model' 1 3 2022-02-23 
5 'Structure model' 1 4 2024-05-22 
# 
_pdbx_audit_revision_details.ordinal             1 
_pdbx_audit_revision_details.revision_ordinal    1 
_pdbx_audit_revision_details.data_content_type   'Structure model' 
_pdbx_audit_revision_details.provider            repository 
_pdbx_audit_revision_details.type                'Initial release' 
_pdbx_audit_revision_details.description         ? 
_pdbx_audit_revision_details.details             ? 
# 
loop_
_pdbx_audit_revision_group.ordinal 
_pdbx_audit_revision_group.revision_ordinal 
_pdbx_audit_revision_group.data_content_type 
_pdbx_audit_revision_group.group 
1 2 'Structure model' 'Version format compliance' 
2 3 'Structure model' 'Version format compliance' 
3 4 'Structure model' 'Data collection'           
4 4 'Structure model' 'Database references'       
5 4 'Structure model' 'Derived calculations'      
6 5 'Structure model' 'Data collection'           
# 
loop_
_pdbx_audit_revision_category.ordinal 
_pdbx_audit_revision_category.revision_ordinal 
_pdbx_audit_revision_category.data_content_type 
_pdbx_audit_revision_category.category 
1 4 'Structure model' database_2            
2 4 'Structure model' pdbx_nmr_software     
3 4 'Structure model' pdbx_struct_assembly  
4 4 'Structure model' pdbx_struct_oper_list 
5 5 'Structure model' chem_comp_atom        
6 5 'Structure model' chem_comp_bond        
# 
loop_
_pdbx_audit_revision_item.ordinal 
_pdbx_audit_revision_item.revision_ordinal 
_pdbx_audit_revision_item.data_content_type 
_pdbx_audit_revision_item.item 
1 4 'Structure model' '_database_2.pdbx_DOI'                
2 4 'Structure model' '_database_2.pdbx_database_accession' 
3 4 'Structure model' '_pdbx_nmr_software.name'             
# 
_pdbx_database_status.status_code                     REL 
_pdbx_database_status.entry_id                        1JNT 
_pdbx_database_status.recvd_initial_deposition_date   2001-07-25 
_pdbx_database_status.deposit_site                    RCSB 
_pdbx_database_status.process_site                    RCSB 
_pdbx_database_status.status_code_sf                  ? 
_pdbx_database_status.status_code_mr                  REL 
_pdbx_database_status.SG_entry                        ? 
_pdbx_database_status.pdb_format_compatible           Y 
_pdbx_database_status.status_code_cs                  ? 
_pdbx_database_status.status_code_nmr_data            ? 
_pdbx_database_status.methods_development_category    ? 
# 
_pdbx_database_related.db_name        PDB 
_pdbx_database_related.db_id          1JNS 
_pdbx_database_related.details        'same protein, ensemble of 18 structures' 
_pdbx_database_related.content_type   unspecified 
# 
loop_
_audit_author.name 
_audit_author.pdbx_ordinal 
'Kuehlewein, A.' 1 
'Voll, G.'       2 
'Schelbert, B.'  3 
'Kessler, H.'    4 
'Fischer, G.'    5 
'Rahfeld, J.U.'  6 
'Gemmecker, G.'  7 
# 
_citation.id                        primary 
_citation.title                     
'Solution structure of Escherichia coli Par10: The prototypic member of the Parvulin family of peptidyl-prolyl cis/trans isomerases.' 
_citation.journal_abbrev            'Protein Sci.' 
_citation.journal_volume            13 
_citation.page_first                2378 
_citation.page_last                 2387 
_citation.year                      2004 
_citation.journal_id_ASTM           PRCIEI 
_citation.country                   US 
_citation.journal_id_ISSN           0961-8368 
_citation.journal_id_CSD            0795 
_citation.book_publisher            ? 
_citation.pdbx_database_id_PubMed   15322281 
_citation.pdbx_database_id_DOI      10.1110/ps.04756704 
# 
loop_
_citation_author.citation_id 
_citation_author.name 
_citation_author.ordinal 
_citation_author.identifier_ORCID 
primary 'Kuehlewein, A.' 1 ? 
primary 'Voll, G.'       2 ? 
primary 'Alvarez, B.H.'  3 ? 
primary 'Kessler, H.'    4 ? 
primary 'Fischer, G.'    5 ? 
primary 'Rahfeld, J.U.'  6 ? 
primary 'Gemmecker, G.'  7 ? 
# 
_entity.id                         1 
_entity.type                       polymer 
_entity.src_method                 man 
_entity.pdbx_description           'PEPTIDYL-PROLYL CIS-TRANS ISOMERASE C' 
_entity.formula_weight             10117.838 
_entity.pdbx_number_of_molecules   1 
_entity.pdbx_ec                    5.2.1.8 
_entity.pdbx_mutation              ? 
_entity.pdbx_fragment              ? 
_entity.details                    ? 
# 
_entity_name_com.entity_id   1 
_entity_name_com.name        'PARVULIN, PPIASE C, ROTAMASE C' 
# 
_entity_poly.entity_id                      1 
_entity_poly.type                           'polypeptide(L)' 
_entity_poly.nstd_linkage                   no 
_entity_poly.nstd_monomer                   no 
_entity_poly.pdbx_seq_one_letter_code       
;AKTAAALHILVKEEKLALDLLEQIKNGADFGKLAKKHSICPSGKRGGDLGEFRQGQMVPAFDKVVFSCPVLEPTGPLHTQ
FGYHIIKVLYRN
;
_entity_poly.pdbx_seq_one_letter_code_can   
;AKTAAALHILVKEEKLALDLLEQIKNGADFGKLAKKHSICPSGKRGGDLGEFRQGQMVPAFDKVVFSCPVLEPTGPLHTQ
FGYHIIKVLYRN
;
_entity_poly.pdbx_strand_id                 A 
_entity_poly.pdbx_target_identifier         ? 
# 
loop_
_entity_poly_seq.entity_id 
_entity_poly_seq.num 
_entity_poly_seq.mon_id 
_entity_poly_seq.hetero 
1 1  ALA n 
1 2  LYS n 
1 3  THR n 
1 4  ALA n 
1 5  ALA n 
1 6  ALA n 
1 7  LEU n 
1 8  HIS n 
1 9  ILE n 
1 10 LEU n 
1 11 VAL n 
1 12 LYS n 
1 13 GLU n 
1 14 GLU n 
1 15 LYS n 
1 16 LEU n 
1 17 ALA n 
1 18 LEU n 
1 19 ASP n 
1 20 LEU n 
1 21 LEU n 
1 22 GLU n 
1 23 GLN n 
1 24 ILE n 
1 25 LYS n 
1 26 ASN n 
1 27 GLY n 
1 28 ALA n 
1 29 ASP n 
1 30 PHE n 
1 31 GLY n 
1 32 LYS n 
1 33 LEU n 
1 34 ALA n 
1 35 LYS n 
1 36 LYS n 
1 37 HIS n 
1 38 SER n 
1 39 ILE n 
1 40 CYS n 
1 41 PRO n 
1 42 SER n 
1 43 GLY n 
1 44 LYS n 
1 45 ARG n 
1 46 GLY n 
1 47 GLY n 
1 48 ASP n 
1 49 LEU n 
1 50 GLY n 
1 51 GLU n 
1 52 PHE n 
1 53 ARG n 
1 54 GLN n 
1 55 GLY n 
1 56 GLN n 
1 57 MET n 
1 58 VAL n 
1 59 PRO n 
1 60 ALA n 
1 61 PHE n 
1 62 ASP n 
1 63 LYS n 
1 64 VAL n 
1 65 VAL n 
1 66 PHE n 
1 67 SER n 
1 68 CYS n 
1 69 PRO n 
1 70 VAL n 
1 71 LEU n 
1 72 GLU n 
1 73 PRO n 
1 74 THR n 
1 75 GLY n 
1 76 PRO n 
1 77 LEU n 
1 78 HIS n 
1 79 THR n 
1 80 GLN n 
1 81 PHE n 
1 82 GLY n 
1 83 TYR n 
1 84 HIS n 
1 85 ILE n 
1 86 ILE n 
1 87 LYS n 
1 88 VAL n 
1 89 LEU n 
1 90 TYR n 
1 91 ARG n 
1 92 ASN n 
# 
_entity_src_gen.entity_id                          1 
_entity_src_gen.pdbx_src_id                        1 
_entity_src_gen.pdbx_alt_source_flag               sample 
_entity_src_gen.pdbx_seq_type                      ? 
_entity_src_gen.pdbx_beg_seq_num                   ? 
_entity_src_gen.pdbx_end_seq_num                   ? 
_entity_src_gen.gene_src_common_name               ? 
_entity_src_gen.gene_src_genus                     Escherichia 
_entity_src_gen.pdbx_gene_src_gene                 parA 
_entity_src_gen.gene_src_species                   ? 
_entity_src_gen.gene_src_strain                    ? 
_entity_src_gen.gene_src_tissue                    ? 
_entity_src_gen.gene_src_tissue_fraction           ? 
_entity_src_gen.gene_src_details                   ? 
_entity_src_gen.pdbx_gene_src_fragment             ? 
_entity_src_gen.pdbx_gene_src_scientific_name      'Escherichia coli' 
_entity_src_gen.pdbx_gene_src_ncbi_taxonomy_id     562 
_entity_src_gen.pdbx_gene_src_variant              ? 
_entity_src_gen.pdbx_gene_src_cell_line            ? 
_entity_src_gen.pdbx_gene_src_atcc                 ? 
_entity_src_gen.pdbx_gene_src_organ                ? 
_entity_src_gen.pdbx_gene_src_organelle            ? 
_entity_src_gen.pdbx_gene_src_cell                 ? 
_entity_src_gen.pdbx_gene_src_cellular_location    ? 
_entity_src_gen.host_org_common_name               ? 
_entity_src_gen.pdbx_host_org_scientific_name      'Escherichia coli' 
_entity_src_gen.pdbx_host_org_ncbi_taxonomy_id     562 
_entity_src_gen.host_org_genus                     Escherichia 
_entity_src_gen.pdbx_host_org_gene                 ? 
_entity_src_gen.pdbx_host_org_organ                ? 
_entity_src_gen.host_org_species                   ? 
_entity_src_gen.pdbx_host_org_tissue               ? 
_entity_src_gen.pdbx_host_org_tissue_fraction      ? 
_entity_src_gen.pdbx_host_org_strain               'M15[pREP4]' 
_entity_src_gen.pdbx_host_org_variant              ? 
_entity_src_gen.pdbx_host_org_cell_line            ? 
_entity_src_gen.pdbx_host_org_atcc                 ? 
_entity_src_gen.pdbx_host_org_culture_collection   ? 
_entity_src_gen.pdbx_host_org_cell                 ? 
_entity_src_gen.pdbx_host_org_organelle            ? 
_entity_src_gen.pdbx_host_org_cellular_location    ? 
_entity_src_gen.pdbx_host_org_vector_type          PLASMID 
_entity_src_gen.pdbx_host_org_vector               ? 
_entity_src_gen.host_org_details                   ? 
_entity_src_gen.expression_system_id               ? 
_entity_src_gen.plasmid_name                       pSEP612 
_entity_src_gen.plasmid_details                    ? 
_entity_src_gen.pdbx_description                   ? 
# 
loop_
_chem_comp.id 
_chem_comp.type 
_chem_comp.mon_nstd_flag 
_chem_comp.name 
_chem_comp.pdbx_synonyms 
_chem_comp.formula 
_chem_comp.formula_weight 
ALA 'L-peptide linking' y ALANINE         ? 'C3 H7 N O2'     89.093  
ARG 'L-peptide linking' y ARGININE        ? 'C6 H15 N4 O2 1' 175.209 
ASN 'L-peptide linking' y ASPARAGINE      ? 'C4 H8 N2 O3'    132.118 
ASP 'L-peptide linking' y 'ASPARTIC ACID' ? 'C4 H7 N O4'     133.103 
CYS 'L-peptide linking' y CYSTEINE        ? 'C3 H7 N O2 S'   121.158 
GLN 'L-peptide linking' y GLUTAMINE       ? 'C5 H10 N2 O3'   146.144 
GLU 'L-peptide linking' y 'GLUTAMIC ACID' ? 'C5 H9 N O4'     147.129 
GLY 'peptide linking'   y GLYCINE         ? 'C2 H5 N O2'     75.067  
HIS 'L-peptide linking' y HISTIDINE       ? 'C6 H10 N3 O2 1' 156.162 
ILE 'L-peptide linking' y ISOLEUCINE      ? 'C6 H13 N O2'    131.173 
LEU 'L-peptide linking' y LEUCINE         ? 'C6 H13 N O2'    131.173 
LYS 'L-peptide linking' y LYSINE          ? 'C6 H15 N2 O2 1' 147.195 
MET 'L-peptide linking' y METHIONINE      ? 'C5 H11 N O2 S'  149.211 
PHE 'L-peptide linking' y PHENYLALANINE   ? 'C9 H11 N O2'    165.189 
PRO 'L-peptide linking' y PROLINE         ? 'C5 H9 N O2'     115.130 
SER 'L-peptide linking' y SERINE          ? 'C3 H7 N O3'     105.093 
THR 'L-peptide linking' y THREONINE       ? 'C4 H9 N O3'     119.119 
TYR 'L-peptide linking' y TYROSINE        ? 'C9 H11 N O3'    181.189 
VAL 'L-peptide linking' y VALINE          ? 'C5 H11 N O2'    117.146 
# 
loop_
_pdbx_poly_seq_scheme.asym_id 
_pdbx_poly_seq_scheme.entity_id 
_pdbx_poly_seq_scheme.seq_id 
_pdbx_poly_seq_scheme.mon_id 
_pdbx_poly_seq_scheme.ndb_seq_num 
_pdbx_poly_seq_scheme.pdb_seq_num 
_pdbx_poly_seq_scheme.auth_seq_num 
_pdbx_poly_seq_scheme.pdb_mon_id 
_pdbx_poly_seq_scheme.auth_mon_id 
_pdbx_poly_seq_scheme.pdb_strand_id 
_pdbx_poly_seq_scheme.pdb_ins_code 
_pdbx_poly_seq_scheme.hetero 
A 1 1  ALA 1  1  1  ALA ALA A . n 
A 1 2  LYS 2  2  2  LYS LYS A . n 
A 1 3  THR 3  3  3  THR THR A . n 
A 1 4  ALA 4  4  4  ALA ALA A . n 
A 1 5  ALA 5  5  5  ALA ALA A . n 
A 1 6  ALA 6  6  6  ALA ALA A . n 
A 1 7  LEU 7  7  7  LEU LEU A . n 
A 1 8  HIS 8  8  8  HIS HIS A . n 
A 1 9  ILE 9  9  9  ILE ILE A . n 
A 1 10 LEU 10 10 10 LEU LEU A . n 
A 1 11 VAL 11 11 11 VAL VAL A . n 
A 1 12 LYS 12 12 12 LYS LYS A . n 
A 1 13 GLU 13 13 13 GLU GLU A . n 
A 1 14 GLU 14 14 14 GLU GLU A . n 
A 1 15 LYS 15 15 15 LYS LYS A . n 
A 1 16 LEU 16 16 16 LEU LEU A . n 
A 1 17 ALA 17 17 17 ALA ALA A . n 
A 1 18 LEU 18 18 18 LEU LEU A . n 
A 1 19 ASP 19 19 19 ASP ASP A . n 
A 1 20 LEU 20 20 20 LEU LEU A . n 
A 1 21 LEU 21 21 21 LEU LEU A . n 
A 1 22 GLU 22 22 22 GLU GLU A . n 
A 1 23 GLN 23 23 23 GLN GLN A . n 
A 1 24 ILE 24 24 24 ILE ILE A . n 
A 1 25 LYS 25 25 25 LYS LYS A . n 
A 1 26 ASN 26 26 26 ASN ASN A . n 
A 1 27 GLY 27 27 27 GLY GLY A . n 
A 1 28 ALA 28 28 28 ALA ALA A . n 
A 1 29 ASP 29 29 29 ASP ASP A . n 
A 1 30 PHE 30 30 30 PHE PHE A . n 
A 1 31 GLY 31 31 31 GLY GLY A . n 
A 1 32 LYS 32 32 32 LYS LYS A . n 
A 1 33 LEU 33 33 33 LEU LEU A . n 
A 1 34 ALA 34 34 34 ALA ALA A . n 
A 1 35 LYS 35 35 35 LYS LYS A . n 
A 1 36 LYS 36 36 36 LYS LYS A . n 
A 1 37 HIS 37 37 37 HIS HIS A . n 
A 1 38 SER 38 38 38 SER SER A . n 
A 1 39 ILE 39 39 39 ILE ILE A . n 
A 1 40 CYS 40 40 40 CYS CYS A . n 
A 1 41 PRO 41 41 41 PRO PRO A . n 
A 1 42 SER 42 42 42 SER SER A . n 
A 1 43 GLY 43 43 43 GLY GLY A . n 
A 1 44 LYS 44 44 44 LYS LYS A . n 
A 1 45 ARG 45 45 45 ARG ARG A . n 
A 1 46 GLY 46 46 46 GLY GLY A . n 
A 1 47 GLY 47 47 47 GLY GLY A . n 
A 1 48 ASP 48 48 48 ASP ASP A . n 
A 1 49 LEU 49 49 49 LEU LEU A . n 
A 1 50 GLY 50 50 50 GLY GLY A . n 
A 1 51 GLU 51 51 51 GLU GLU A . n 
A 1 52 PHE 52 52 52 PHE PHE A . n 
A 1 53 ARG 53 53 53 ARG ARG A . n 
A 1 54 GLN 54 54 54 GLN GLN A . n 
A 1 55 GLY 55 55 55 GLY GLY A . n 
A 1 56 GLN 56 56 56 GLN GLN A . n 
A 1 57 MET 57 57 57 MET MET A . n 
A 1 58 VAL 58 58 58 VAL VAL A . n 
A 1 59 PRO 59 59 59 PRO PRO A . n 
A 1 60 ALA 60 60 60 ALA ALA A . n 
A 1 61 PHE 61 61 61 PHE PHE A . n 
A 1 62 ASP 62 62 62 ASP ASP A . n 
A 1 63 LYS 63 63 63 LYS LYS A . n 
A 1 64 VAL 64 64 64 VAL VAL A . n 
A 1 65 VAL 65 65 65 VAL VAL A . n 
A 1 66 PHE 66 66 66 PHE PHE A . n 
A 1 67 SER 67 67 67 SER SER A . n 
A 1 68 CYS 68 68 68 CYS CYS A . n 
A 1 69 PRO 69 69 69 PRO PRO A . n 
A 1 70 VAL 70 70 70 VAL VAL A . n 
A 1 71 LEU 71 71 71 LEU LEU A . n 
A 1 72 GLU 72 72 72 GLU GLU A . n 
A 1 73 PRO 73 73 73 PRO PRO A . n 
A 1 74 THR 74 74 74 THR THR A . n 
A 1 75 GLY 75 75 75 GLY GLY A . n 
A 1 76 PRO 76 76 76 PRO PRO A . n 
A 1 77 LEU 77 77 77 LEU LEU A . n 
A 1 78 HIS 78 78 78 HIS HIS A . n 
A 1 79 THR 79 79 79 THR THR A . n 
A 1 80 GLN 80 80 80 GLN GLN A . n 
A 1 81 PHE 81 81 81 PHE PHE A . n 
A 1 82 GLY 82 82 82 GLY GLY A . n 
A 1 83 TYR 83 83 83 TYR TYR A . n 
A 1 84 HIS 84 84 84 HIS HIS A . n 
A 1 85 ILE 85 85 85 ILE ILE A . n 
A 1 86 ILE 86 86 86 ILE ILE A . n 
A 1 87 LYS 87 87 87 LYS LYS A . n 
A 1 88 VAL 88 88 88 VAL VAL A . n 
A 1 89 LEU 89 89 89 LEU LEU A . n 
A 1 90 TYR 90 90 90 TYR TYR A . n 
A 1 91 ARG 91 91 91 ARG ARG A . n 
A 1 92 ASN 92 92 92 ASN ASN A . n 
# 
_cell.entry_id           1JNT 
_cell.length_a           ? 
_cell.length_b           ? 
_cell.length_c           ? 
_cell.angle_alpha        ? 
_cell.angle_beta         ? 
_cell.angle_gamma        ? 
_cell.Z_PDB              1 
_cell.pdbx_unique_axis   ? 
# 
_exptl.entry_id          1JNT 
_exptl.method            'SOLUTION NMR' 
_exptl.crystals_number   ? 
# 
_exptl_crystal.id                    1 
_exptl_crystal.density_meas          ? 
_exptl_crystal.density_Matthews      ? 
_exptl_crystal.density_percent_sol   ? 
_exptl_crystal.description           ? 
# 
_diffrn.id                     1 
_diffrn.crystal_id             1 
_diffrn.ambient_temp           ? 
_diffrn.ambient_temp_details   ? 
# 
_diffrn_radiation.diffrn_id                        1 
_diffrn_radiation.wavelength_id                    1 
_diffrn_radiation.pdbx_monochromatic_or_laue_m_l   M 
_diffrn_radiation.monochromator                    ? 
_diffrn_radiation.pdbx_diffrn_protocol             'SINGLE WAVELENGTH' 
_diffrn_radiation.pdbx_scattering_type             ? 
# 
_diffrn_radiation_wavelength.id           1 
_diffrn_radiation_wavelength.wavelength   . 
_diffrn_radiation_wavelength.wt           1.0 
# 
_struct.entry_id                  1JNT 
_struct.title                     'NMR Structure of the E. coli Peptidyl-Prolyl cis/trans-Isomerase Parvulin 10' 
_struct.pdbx_model_details        ? 
_struct.pdbx_CASP_flag            ? 
_struct.pdbx_model_type_details   'minimized average' 
# 
_struct_keywords.entry_id        1JNT 
_struct_keywords.pdbx_keywords   ISOMERASE 
_struct_keywords.text            'ALPHA-BETA SANDWICH, CIS PEPTIDE BOND, ISOMERASE' 
# 
_struct_asym.id                            A 
_struct_asym.pdbx_blank_PDB_chainid_flag   N 
_struct_asym.pdbx_modified                 N 
_struct_asym.entity_id                     1 
_struct_asym.details                       ? 
# 
_struct_ref.id                         1 
_struct_ref.db_name                    UNP 
_struct_ref.db_code                    PPIC_ECOLI 
_struct_ref.entity_id                  1 
_struct_ref.pdbx_seq_one_letter_code   
;AKTAAALHILVKEEKLALDLLEQIKNGADFGKLAKKHSICPSGKRGGDLGEFRQGQMVPAFDKVVFSCPVLEPTGPLHTQ
FGYHIIKVLYRN
;
_struct_ref.pdbx_align_begin           1 
_struct_ref.pdbx_db_accession          P0A9L5 
_struct_ref.pdbx_db_isoform            ? 
# 
_struct_ref_seq.align_id                      1 
_struct_ref_seq.ref_id                        1 
_struct_ref_seq.pdbx_PDB_id_code              1JNT 
_struct_ref_seq.pdbx_strand_id                A 
_struct_ref_seq.seq_align_beg                 1 
_struct_ref_seq.pdbx_seq_align_beg_ins_code   ? 
_struct_ref_seq.seq_align_end                 92 
_struct_ref_seq.pdbx_seq_align_end_ins_code   ? 
_struct_ref_seq.pdbx_db_accession             P0A9L5 
_struct_ref_seq.db_align_beg                  1 
_struct_ref_seq.pdbx_db_align_beg_ins_code    ? 
_struct_ref_seq.db_align_end                  92 
_struct_ref_seq.pdbx_db_align_end_ins_code    ? 
_struct_ref_seq.pdbx_auth_seq_align_beg       1 
_struct_ref_seq.pdbx_auth_seq_align_end       92 
# 
_pdbx_struct_assembly.id                   1 
_pdbx_struct_assembly.details              author_defined_assembly 
_pdbx_struct_assembly.method_details       ? 
_pdbx_struct_assembly.oligomeric_details   monomeric 
_pdbx_struct_assembly.oligomeric_count     1 
# 
_pdbx_struct_assembly_gen.assembly_id       1 
_pdbx_struct_assembly_gen.oper_expression   1 
_pdbx_struct_assembly_gen.asym_id_list      A 
# 
_pdbx_struct_oper_list.id                   1 
_pdbx_struct_oper_list.type                 'identity operation' 
_pdbx_struct_oper_list.name                 1_555 
_pdbx_struct_oper_list.symmetry_operation   x,y,z 
_pdbx_struct_oper_list.matrix[1][1]         1.0000000000 
_pdbx_struct_oper_list.matrix[1][2]         0.0000000000 
_pdbx_struct_oper_list.matrix[1][3]         0.0000000000 
_pdbx_struct_oper_list.vector[1]            0.0000000000 
_pdbx_struct_oper_list.matrix[2][1]         0.0000000000 
_pdbx_struct_oper_list.matrix[2][2]         1.0000000000 
_pdbx_struct_oper_list.matrix[2][3]         0.0000000000 
_pdbx_struct_oper_list.vector[2]            0.0000000000 
_pdbx_struct_oper_list.matrix[3][1]         0.0000000000 
_pdbx_struct_oper_list.matrix[3][2]         0.0000000000 
_pdbx_struct_oper_list.matrix[3][3]         1.0000000000 
_pdbx_struct_oper_list.vector[3]            0.0000000000 
# 
_struct_biol.id   1 
# 
loop_
_struct_conf.conf_type_id 
_struct_conf.id 
_struct_conf.pdbx_PDB_helix_id 
_struct_conf.beg_label_comp_id 
_struct_conf.beg_label_asym_id 
_struct_conf.beg_label_seq_id 
_struct_conf.pdbx_beg_PDB_ins_code 
_struct_conf.end_label_comp_id 
_struct_conf.end_label_asym_id 
_struct_conf.end_label_seq_id 
_struct_conf.pdbx_end_PDB_ins_code 
_struct_conf.beg_auth_comp_id 
_struct_conf.beg_auth_asym_id 
_struct_conf.beg_auth_seq_id 
_struct_conf.end_auth_comp_id 
_struct_conf.end_auth_asym_id 
_struct_conf.end_auth_seq_id 
_struct_conf.pdbx_PDB_helix_class 
_struct_conf.details 
_struct_conf.pdbx_PDB_helix_length 
HELX_P HELX_P1 1 GLU A 14 ? GLY A 27 ? GLU A 14 GLY A 27 1 ? 14 
HELX_P HELX_P2 2 PHE A 30 ? LYS A 36 ? PHE A 30 LYS A 36 1 ? 7  
HELX_P HELX_P3 3 GLY A 43 ? GLY A 47 ? GLY A 43 GLY A 47 5 ? 5  
HELX_P HELX_P4 4 ALA A 60 ? SER A 67 ? ALA A 60 SER A 67 1 ? 8  
# 
_struct_conf_type.id          HELX_P 
_struct_conf_type.criteria    ? 
_struct_conf_type.reference   ? 
# 
_struct_mon_prot_cis.pdbx_id                1 
_struct_mon_prot_cis.label_comp_id          GLY 
_struct_mon_prot_cis.label_seq_id           75 
_struct_mon_prot_cis.label_asym_id          A 
_struct_mon_prot_cis.label_alt_id           . 
_struct_mon_prot_cis.pdbx_PDB_ins_code      ? 
_struct_mon_prot_cis.auth_comp_id           GLY 
_struct_mon_prot_cis.auth_seq_id            75 
_struct_mon_prot_cis.auth_asym_id           A 
_struct_mon_prot_cis.pdbx_label_comp_id_2   PRO 
_struct_mon_prot_cis.pdbx_label_seq_id_2    76 
_struct_mon_prot_cis.pdbx_label_asym_id_2   A 
_struct_mon_prot_cis.pdbx_PDB_ins_code_2    ? 
_struct_mon_prot_cis.pdbx_auth_comp_id_2    PRO 
_struct_mon_prot_cis.pdbx_auth_seq_id_2     76 
_struct_mon_prot_cis.pdbx_auth_asym_id_2    A 
_struct_mon_prot_cis.pdbx_PDB_model_num     1 
_struct_mon_prot_cis.pdbx_omega_angle       -1.45 
# 
_struct_sheet.id               A 
_struct_sheet.type             ? 
_struct_sheet.number_strands   4 
_struct_sheet.details          ? 
# 
loop_
_struct_sheet_order.sheet_id 
_struct_sheet_order.range_id_1 
_struct_sheet_order.range_id_2 
_struct_sheet_order.offset 
_struct_sheet_order.sense 
A 1 2 ? anti-parallel 
A 2 3 ? anti-parallel 
A 3 4 ? anti-parallel 
# 
loop_
_struct_sheet_range.sheet_id 
_struct_sheet_range.id 
_struct_sheet_range.beg_label_comp_id 
_struct_sheet_range.beg_label_asym_id 
_struct_sheet_range.beg_label_seq_id 
_struct_sheet_range.pdbx_beg_PDB_ins_code 
_struct_sheet_range.end_label_comp_id 
_struct_sheet_range.end_label_asym_id 
_struct_sheet_range.end_label_seq_id 
_struct_sheet_range.pdbx_end_PDB_ins_code 
_struct_sheet_range.beg_auth_comp_id 
_struct_sheet_range.beg_auth_asym_id 
_struct_sheet_range.beg_auth_seq_id 
_struct_sheet_range.end_auth_comp_id 
_struct_sheet_range.end_auth_asym_id 
_struct_sheet_range.end_auth_seq_id 
A 1 GLY A 50 ? ARG A 53 ? GLY A 50 ARG A 53 
A 2 THR A 3  ? VAL A 11 ? THR A 3  VAL A 11 
A 3 GLY A 82 ? LEU A 89 ? GLY A 82 LEU A 89 
A 4 THR A 74 ? THR A 79 ? THR A 74 THR A 79 
# 
loop_
_pdbx_struct_sheet_hbond.sheet_id 
_pdbx_struct_sheet_hbond.range_id_1 
_pdbx_struct_sheet_hbond.range_id_2 
_pdbx_struct_sheet_hbond.range_1_label_atom_id 
_pdbx_struct_sheet_hbond.range_1_label_comp_id 
_pdbx_struct_sheet_hbond.range_1_label_asym_id 
_pdbx_struct_sheet_hbond.range_1_label_seq_id 
_pdbx_struct_sheet_hbond.range_1_PDB_ins_code 
_pdbx_struct_sheet_hbond.range_1_auth_atom_id 
_pdbx_struct_sheet_hbond.range_1_auth_comp_id 
_pdbx_struct_sheet_hbond.range_1_auth_asym_id 
_pdbx_struct_sheet_hbond.range_1_auth_seq_id 
_pdbx_struct_sheet_hbond.range_2_label_atom_id 
_pdbx_struct_sheet_hbond.range_2_label_comp_id 
_pdbx_struct_sheet_hbond.range_2_label_asym_id 
_pdbx_struct_sheet_hbond.range_2_label_seq_id 
_pdbx_struct_sheet_hbond.range_2_PDB_ins_code 
_pdbx_struct_sheet_hbond.range_2_auth_atom_id 
_pdbx_struct_sheet_hbond.range_2_auth_comp_id 
_pdbx_struct_sheet_hbond.range_2_auth_asym_id 
_pdbx_struct_sheet_hbond.range_2_auth_seq_id 
A 1 2 O PHE A 52 ? O PHE A 52 N ALA A 4  ? N ALA A 4  
A 2 3 O VAL A 11 ? O VAL A 11 N TYR A 83 ? N TYR A 83 
A 3 4 N ILE A 86 ? N ILE A 86 O THR A 74 ? O THR A 74 
# 
loop_
_pdbx_validate_close_contact.id 
_pdbx_validate_close_contact.PDB_model_num 
_pdbx_validate_close_contact.auth_atom_id_1 
_pdbx_validate_close_contact.auth_asym_id_1 
_pdbx_validate_close_contact.auth_comp_id_1 
_pdbx_validate_close_contact.auth_seq_id_1 
_pdbx_validate_close_contact.PDB_ins_code_1 
_pdbx_validate_close_contact.label_alt_id_1 
_pdbx_validate_close_contact.auth_atom_id_2 
_pdbx_validate_close_contact.auth_asym_id_2 
_pdbx_validate_close_contact.auth_comp_id_2 
_pdbx_validate_close_contact.auth_seq_id_2 
_pdbx_validate_close_contact.PDB_ins_code_2 
_pdbx_validate_close_contact.label_alt_id_2 
_pdbx_validate_close_contact.dist 
1 1 O A PRO 59 ? ? H A ASP 62 ? ? 1.53 
2 1 O A VAL 64 ? ? H A SER 67 ? ? 1.56 
# 
loop_
_pdbx_validate_torsion.id 
_pdbx_validate_torsion.PDB_model_num 
_pdbx_validate_torsion.auth_comp_id 
_pdbx_validate_torsion.auth_asym_id 
_pdbx_validate_torsion.auth_seq_id 
_pdbx_validate_torsion.PDB_ins_code 
_pdbx_validate_torsion.label_alt_id 
_pdbx_validate_torsion.phi 
_pdbx_validate_torsion.psi 
1  1 ALA A 28 ? ? 89.77   96.61  
2  1 ASP A 29 ? ? -178.05 83.04  
3  1 ILE A 39 ? ? 37.60   29.60  
4  1 ASP A 48 ? ? -170.38 78.01  
5  1 GLN A 56 ? ? -132.92 -61.96 
6  1 MET A 57 ? ? -106.16 -66.03 
7  1 ALA A 60 ? ? -35.53  -29.64 
8  1 SER A 67 ? ? -94.76  -70.54 
9  1 VAL A 70 ? ? -57.13  170.56 
10 1 GLU A 72 ? ? -163.47 93.48  
11 1 TYR A 90 ? ? 32.02   -86.73 
# 
_pdbx_nmr_ensemble.entry_id                             1JNT 
_pdbx_nmr_ensemble.conformers_calculated_total_number   ? 
_pdbx_nmr_ensemble.conformers_submitted_total_number    1 
_pdbx_nmr_ensemble.conformer_selection_criteria         ? 
# 
_pdbx_nmr_representative.entry_id             1JNT 
_pdbx_nmr_representative.conformer_id         ? 
_pdbx_nmr_representative.selection_criteria   'minimized average structure' 
# 
loop_
_pdbx_nmr_sample_details.solution_id 
_pdbx_nmr_sample_details.contents 
_pdbx_nmr_sample_details.solvent_system 
1 '0.8 mM [U-15N] Parvulin 10, 10 mM phosphate buffer, pH 6.0, 100 mM KCl, 1 mM EDTA, 1 mM DTE'      '90% H2O/10% D2O' 
2 '0.8 mM [U-13C, 15N] Parvulin 10, 10 mM phosphate buffer, pH 6.0, 100 mM KCl, 1 mM EDTA, 1 mM DTE' '90% H2O/10% D2O' 
# 
_pdbx_nmr_exptl_sample_conditions.conditions_id       1 
_pdbx_nmr_exptl_sample_conditions.temperature         297.6 
_pdbx_nmr_exptl_sample_conditions.pressure            ambient 
_pdbx_nmr_exptl_sample_conditions.pH                  6.0 
_pdbx_nmr_exptl_sample_conditions.ionic_strength      '100 mM KCl' 
_pdbx_nmr_exptl_sample_conditions.pressure_units      ? 
_pdbx_nmr_exptl_sample_conditions.temperature_units   K 
# 
loop_
_pdbx_nmr_exptl.experiment_id 
_pdbx_nmr_exptl.solution_id 
_pdbx_nmr_exptl.conditions_id 
_pdbx_nmr_exptl.type 
1 1 1 HNHA                       
2 1 1 3D_15N-separated_NOESY     
3 2 1 3D_13C-separated_NOESY     
4 2 1 3D_13C/13C-separated_NOESY 
5 2 1 3D_13C/15N-separated_NOESY 
6 2 1 2D_MEXICO                  
# 
_pdbx_nmr_details.entry_id   1JNT 
_pdbx_nmr_details.text       'The structure was determined using triple-resonance NMR spectroscopy.' 
# 
_pdbx_nmr_refine.entry_id           1JNT 
_pdbx_nmr_refine.method             'The averaged structure of the ensemble (1JNS) was regularized under experimental constraints' 
_pdbx_nmr_refine.details            
;the structures are based on 1097 NOE-derived distance constraints, 68 dihedral restraints for CSI-derived helical regions, 42 3J(HN,HA) restraints, 30 distance constraints for hydrogen bonds based on CSI and MEXICO data.
;
_pdbx_nmr_refine.software_ordinal   1 
# 
loop_
_pdbx_nmr_software.name 
_pdbx_nmr_software.version 
_pdbx_nmr_software.classification 
_pdbx_nmr_software.authors 
_pdbx_nmr_software.ordinal 
XwinNMR 2.6   collection           'BRUKER, KARLSRUHE' 1 
XwinNMR 2.6   processing           'BRUKER, KARLSRUHE' 2 
TRIAD   6.6   'data analysis'      'TRIPOS, ST. LOUIS' 3 
ARIA    0.53  'structure solution' 'NILGES ET AL.'     4 
CNS     0.5   'structure solution' 'BRUNGER ET AL.'    5 
X-PLOR  3.851 'structure solution' 'BRUNGER ET AL.'    6 
X-PLOR  3.851 refinement           BRUNGER             7 
# 
loop_
_chem_comp_atom.comp_id 
_chem_comp_atom.atom_id 
_chem_comp_atom.type_symbol 
_chem_comp_atom.pdbx_aromatic_flag 
_chem_comp_atom.pdbx_stereo_config 
_chem_comp_atom.pdbx_ordinal 
ALA N    N N N 1   
ALA CA   C N S 2   
ALA C    C N N 3   
ALA O    O N N 4   
ALA CB   C N N 5   
ALA OXT  O N N 6   
ALA H    H N N 7   
ALA H2   H N N 8   
ALA HA   H N N 9   
ALA HB1  H N N 10  
ALA HB2  H N N 11  
ALA HB3  H N N 12  
ALA HXT  H N N 13  
ARG N    N N N 14  
ARG CA   C N S 15  
ARG C    C N N 16  
ARG O    O N N 17  
ARG CB   C N N 18  
ARG CG   C N N 19  
ARG CD   C N N 20  
ARG NE   N N N 21  
ARG CZ   C N N 22  
ARG NH1  N N N 23  
ARG NH2  N N N 24  
ARG OXT  O N N 25  
ARG H    H N N 26  
ARG H2   H N N 27  
ARG HA   H N N 28  
ARG HB2  H N N 29  
ARG HB3  H N N 30  
ARG HG2  H N N 31  
ARG HG3  H N N 32  
ARG HD2  H N N 33  
ARG HD3  H N N 34  
ARG HE   H N N 35  
ARG HH11 H N N 36  
ARG HH12 H N N 37  
ARG HH21 H N N 38  
ARG HH22 H N N 39  
ARG HXT  H N N 40  
ASN N    N N N 41  
ASN CA   C N S 42  
ASN C    C N N 43  
ASN O    O N N 44  
ASN CB   C N N 45  
ASN CG   C N N 46  
ASN OD1  O N N 47  
ASN ND2  N N N 48  
ASN OXT  O N N 49  
ASN H    H N N 50  
ASN H2   H N N 51  
ASN HA   H N N 52  
ASN HB2  H N N 53  
ASN HB3  H N N 54  
ASN HD21 H N N 55  
ASN HD22 H N N 56  
ASN HXT  H N N 57  
ASP N    N N N 58  
ASP CA   C N S 59  
ASP C    C N N 60  
ASP O    O N N 61  
ASP CB   C N N 62  
ASP CG   C N N 63  
ASP OD1  O N N 64  
ASP OD2  O N N 65  
ASP OXT  O N N 66  
ASP H    H N N 67  
ASP H2   H N N 68  
ASP HA   H N N 69  
ASP HB2  H N N 70  
ASP HB3  H N N 71  
ASP HD2  H N N 72  
ASP HXT  H N N 73  
CYS N    N N N 74  
CYS CA   C N R 75  
CYS C    C N N 76  
CYS O    O N N 77  
CYS CB   C N N 78  
CYS SG   S N N 79  
CYS OXT  O N N 80  
CYS H    H N N 81  
CYS H2   H N N 82  
CYS HA   H N N 83  
CYS HB2  H N N 84  
CYS HB3  H N N 85  
CYS HG   H N N 86  
CYS HXT  H N N 87  
GLN N    N N N 88  
GLN CA   C N S 89  
GLN C    C N N 90  
GLN O    O N N 91  
GLN CB   C N N 92  
GLN CG   C N N 93  
GLN CD   C N N 94  
GLN OE1  O N N 95  
GLN NE2  N N N 96  
GLN OXT  O N N 97  
GLN H    H N N 98  
GLN H2   H N N 99  
GLN HA   H N N 100 
GLN HB2  H N N 101 
GLN HB3  H N N 102 
GLN HG2  H N N 103 
GLN HG3  H N N 104 
GLN HE21 H N N 105 
GLN HE22 H N N 106 
GLN HXT  H N N 107 
GLU N    N N N 108 
GLU CA   C N S 109 
GLU C    C N N 110 
GLU O    O N N 111 
GLU CB   C N N 112 
GLU CG   C N N 113 
GLU CD   C N N 114 
GLU OE1  O N N 115 
GLU OE2  O N N 116 
GLU OXT  O N N 117 
GLU H    H N N 118 
GLU H2   H N N 119 
GLU HA   H N N 120 
GLU HB2  H N N 121 
GLU HB3  H N N 122 
GLU HG2  H N N 123 
GLU HG3  H N N 124 
GLU HE2  H N N 125 
GLU HXT  H N N 126 
GLY N    N N N 127 
GLY CA   C N N 128 
GLY C    C N N 129 
GLY O    O N N 130 
GLY OXT  O N N 131 
GLY H    H N N 132 
GLY H2   H N N 133 
GLY HA2  H N N 134 
GLY HA3  H N N 135 
GLY HXT  H N N 136 
HIS N    N N N 137 
HIS CA   C N S 138 
HIS C    C N N 139 
HIS O    O N N 140 
HIS CB   C N N 141 
HIS CG   C Y N 142 
HIS ND1  N Y N 143 
HIS CD2  C Y N 144 
HIS CE1  C Y N 145 
HIS NE2  N Y N 146 
HIS OXT  O N N 147 
HIS H    H N N 148 
HIS H2   H N N 149 
HIS HA   H N N 150 
HIS HB2  H N N 151 
HIS HB3  H N N 152 
HIS HD1  H N N 153 
HIS HD2  H N N 154 
HIS HE1  H N N 155 
HIS HE2  H N N 156 
HIS HXT  H N N 157 
ILE N    N N N 158 
ILE CA   C N S 159 
ILE C    C N N 160 
ILE O    O N N 161 
ILE CB   C N S 162 
ILE CG1  C N N 163 
ILE CG2  C N N 164 
ILE CD1  C N N 165 
ILE OXT  O N N 166 
ILE H    H N N 167 
ILE H2   H N N 168 
ILE HA   H N N 169 
ILE HB   H N N 170 
ILE HG12 H N N 171 
ILE HG13 H N N 172 
ILE HG21 H N N 173 
ILE HG22 H N N 174 
ILE HG23 H N N 175 
ILE HD11 H N N 176 
ILE HD12 H N N 177 
ILE HD13 H N N 178 
ILE HXT  H N N 179 
LEU N    N N N 180 
LEU CA   C N S 181 
LEU C    C N N 182 
LEU O    O N N 183 
LEU CB   C N N 184 
LEU CG   C N N 185 
LEU CD1  C N N 186 
LEU CD2  C N N 187 
LEU OXT  O N N 188 
LEU H    H N N 189 
LEU H2   H N N 190 
LEU HA   H N N 191 
LEU HB2  H N N 192 
LEU HB3  H N N 193 
LEU HG   H N N 194 
LEU HD11 H N N 195 
LEU HD12 H N N 196 
LEU HD13 H N N 197 
LEU HD21 H N N 198 
LEU HD22 H N N 199 
LEU HD23 H N N 200 
LEU HXT  H N N 201 
LYS N    N N N 202 
LYS CA   C N S 203 
LYS C    C N N 204 
LYS O    O N N 205 
LYS CB   C N N 206 
LYS CG   C N N 207 
LYS CD   C N N 208 
LYS CE   C N N 209 
LYS NZ   N N N 210 
LYS OXT  O N N 211 
LYS H    H N N 212 
LYS H2   H N N 213 
LYS HA   H N N 214 
LYS HB2  H N N 215 
LYS HB3  H N N 216 
LYS HG2  H N N 217 
LYS HG3  H N N 218 
LYS HD2  H N N 219 
LYS HD3  H N N 220 
LYS HE2  H N N 221 
LYS HE3  H N N 222 
LYS HZ1  H N N 223 
LYS HZ2  H N N 224 
LYS HZ3  H N N 225 
LYS HXT  H N N 226 
MET N    N N N 227 
MET CA   C N S 228 
MET C    C N N 229 
MET O    O N N 230 
MET CB   C N N 231 
MET CG   C N N 232 
MET SD   S N N 233 
MET CE   C N N 234 
MET OXT  O N N 235 
MET H    H N N 236 
MET H2   H N N 237 
MET HA   H N N 238 
MET HB2  H N N 239 
MET HB3  H N N 240 
MET HG2  H N N 241 
MET HG3  H N N 242 
MET HE1  H N N 243 
MET HE2  H N N 244 
MET HE3  H N N 245 
MET HXT  H N N 246 
PHE N    N N N 247 
PHE CA   C N S 248 
PHE C    C N N 249 
PHE O    O N N 250 
PHE CB   C N N 251 
PHE CG   C Y N 252 
PHE CD1  C Y N 253 
PHE CD2  C Y N 254 
PHE CE1  C Y N 255 
PHE CE2  C Y N 256 
PHE CZ   C Y N 257 
PHE OXT  O N N 258 
PHE H    H N N 259 
PHE H2   H N N 260 
PHE HA   H N N 261 
PHE HB2  H N N 262 
PHE HB3  H N N 263 
PHE HD1  H N N 264 
PHE HD2  H N N 265 
PHE HE1  H N N 266 
PHE HE2  H N N 267 
PHE HZ   H N N 268 
PHE HXT  H N N 269 
PRO N    N N N 270 
PRO CA   C N S 271 
PRO C    C N N 272 
PRO O    O N N 273 
PRO CB   C N N 274 
PRO CG   C N N 275 
PRO CD   C N N 276 
PRO OXT  O N N 277 
PRO H    H N N 278 
PRO HA   H N N 279 
PRO HB2  H N N 280 
PRO HB3  H N N 281 
PRO HG2  H N N 282 
PRO HG3  H N N 283 
PRO HD2  H N N 284 
PRO HD3  H N N 285 
PRO HXT  H N N 286 
SER N    N N N 287 
SER CA   C N S 288 
SER C    C N N 289 
SER O    O N N 290 
SER CB   C N N 291 
SER OG   O N N 292 
SER OXT  O N N 293 
SER H    H N N 294 
SER H2   H N N 295 
SER HA   H N N 296 
SER HB2  H N N 297 
SER HB3  H N N 298 
SER HG   H N N 299 
SER HXT  H N N 300 
THR N    N N N 301 
THR CA   C N S 302 
THR C    C N N 303 
THR O    O N N 304 
THR CB   C N R 305 
THR OG1  O N N 306 
THR CG2  C N N 307 
THR OXT  O N N 308 
THR H    H N N 309 
THR H2   H N N 310 
THR HA   H N N 311 
THR HB   H N N 312 
THR HG1  H N N 313 
THR HG21 H N N 314 
THR HG22 H N N 315 
THR HG23 H N N 316 
THR HXT  H N N 317 
TYR N    N N N 318 
TYR CA   C N S 319 
TYR C    C N N 320 
TYR O    O N N 321 
TYR CB   C N N 322 
TYR CG   C Y N 323 
TYR CD1  C Y N 324 
TYR CD2  C Y N 325 
TYR CE1  C Y N 326 
TYR CE2  C Y N 327 
TYR CZ   C Y N 328 
TYR OH   O N N 329 
TYR OXT  O N N 330 
TYR H    H N N 331 
TYR H2   H N N 332 
TYR HA   H N N 333 
TYR HB2  H N N 334 
TYR HB3  H N N 335 
TYR HD1  H N N 336 
TYR HD2  H N N 337 
TYR HE1  H N N 338 
TYR HE2  H N N 339 
TYR HH   H N N 340 
TYR HXT  H N N 341 
VAL N    N N N 342 
VAL CA   C N S 343 
VAL C    C N N 344 
VAL O    O N N 345 
VAL CB   C N N 346 
VAL CG1  C N N 347 
VAL CG2  C N N 348 
VAL OXT  O N N 349 
VAL H    H N N 350 
VAL H2   H N N 351 
VAL HA   H N N 352 
VAL HB   H N N 353 
VAL HG11 H N N 354 
VAL HG12 H N N 355 
VAL HG13 H N N 356 
VAL HG21 H N N 357 
VAL HG22 H N N 358 
VAL HG23 H N N 359 
VAL HXT  H N N 360 
# 
loop_
_chem_comp_bond.comp_id 
_chem_comp_bond.atom_id_1 
_chem_comp_bond.atom_id_2 
_chem_comp_bond.value_order 
_chem_comp_bond.pdbx_aromatic_flag 
_chem_comp_bond.pdbx_stereo_config 
_chem_comp_bond.pdbx_ordinal 
ALA N   CA   sing N N 1   
ALA N   H    sing N N 2   
ALA N   H2   sing N N 3   
ALA CA  C    sing N N 4   
ALA CA  CB   sing N N 5   
ALA CA  HA   sing N N 6   
ALA C   O    doub N N 7   
ALA C   OXT  sing N N 8   
ALA CB  HB1  sing N N 9   
ALA CB  HB2  sing N N 10  
ALA CB  HB3  sing N N 11  
ALA OXT HXT  sing N N 12  
ARG N   CA   sing N N 13  
ARG N   H    sing N N 14  
ARG N   H2   sing N N 15  
ARG CA  C    sing N N 16  
ARG CA  CB   sing N N 17  
ARG CA  HA   sing N N 18  
ARG C   O    doub N N 19  
ARG C   OXT  sing N N 20  
ARG CB  CG   sing N N 21  
ARG CB  HB2  sing N N 22  
ARG CB  HB3  sing N N 23  
ARG CG  CD   sing N N 24  
ARG CG  HG2  sing N N 25  
ARG CG  HG3  sing N N 26  
ARG CD  NE   sing N N 27  
ARG CD  HD2  sing N N 28  
ARG CD  HD3  sing N N 29  
ARG NE  CZ   sing N N 30  
ARG NE  HE   sing N N 31  
ARG CZ  NH1  sing N N 32  
ARG CZ  NH2  doub N N 33  
ARG NH1 HH11 sing N N 34  
ARG NH1 HH12 sing N N 35  
ARG NH2 HH21 sing N N 36  
ARG NH2 HH22 sing N N 37  
ARG OXT HXT  sing N N 38  
ASN N   CA   sing N N 39  
ASN N   H    sing N N 40  
ASN N   H2   sing N N 41  
ASN CA  C    sing N N 42  
ASN CA  CB   sing N N 43  
ASN CA  HA   sing N N 44  
ASN C   O    doub N N 45  
ASN C   OXT  sing N N 46  
ASN CB  CG   sing N N 47  
ASN CB  HB2  sing N N 48  
ASN CB  HB3  sing N N 49  
ASN CG  OD1  doub N N 50  
ASN CG  ND2  sing N N 51  
ASN ND2 HD21 sing N N 52  
ASN ND2 HD22 sing N N 53  
ASN OXT HXT  sing N N 54  
ASP N   CA   sing N N 55  
ASP N   H    sing N N 56  
ASP N   H2   sing N N 57  
ASP CA  C    sing N N 58  
ASP CA  CB   sing N N 59  
ASP CA  HA   sing N N 60  
ASP C   O    doub N N 61  
ASP C   OXT  sing N N 62  
ASP CB  CG   sing N N 63  
ASP CB  HB2  sing N N 64  
ASP CB  HB3  sing N N 65  
ASP CG  OD1  doub N N 66  
ASP CG  OD2  sing N N 67  
ASP OD2 HD2  sing N N 68  
ASP OXT HXT  sing N N 69  
CYS N   CA   sing N N 70  
CYS N   H    sing N N 71  
CYS N   H2   sing N N 72  
CYS CA  C    sing N N 73  
CYS CA  CB   sing N N 74  
CYS CA  HA   sing N N 75  
CYS C   O    doub N N 76  
CYS C   OXT  sing N N 77  
CYS CB  SG   sing N N 78  
CYS CB  HB2  sing N N 79  
CYS CB  HB3  sing N N 80  
CYS SG  HG   sing N N 81  
CYS OXT HXT  sing N N 82  
GLN N   CA   sing N N 83  
GLN N   H    sing N N 84  
GLN N   H2   sing N N 85  
GLN CA  C    sing N N 86  
GLN CA  CB   sing N N 87  
GLN CA  HA   sing N N 88  
GLN C   O    doub N N 89  
GLN C   OXT  sing N N 90  
GLN CB  CG   sing N N 91  
GLN CB  HB2  sing N N 92  
GLN CB  HB3  sing N N 93  
GLN CG  CD   sing N N 94  
GLN CG  HG2  sing N N 95  
GLN CG  HG3  sing N N 96  
GLN CD  OE1  doub N N 97  
GLN CD  NE2  sing N N 98  
GLN NE2 HE21 sing N N 99  
GLN NE2 HE22 sing N N 100 
GLN OXT HXT  sing N N 101 
GLU N   CA   sing N N 102 
GLU N   H    sing N N 103 
GLU N   H2   sing N N 104 
GLU CA  C    sing N N 105 
GLU CA  CB   sing N N 106 
GLU CA  HA   sing N N 107 
GLU C   O    doub N N 108 
GLU C   OXT  sing N N 109 
GLU CB  CG   sing N N 110 
GLU CB  HB2  sing N N 111 
GLU CB  HB3  sing N N 112 
GLU CG  CD   sing N N 113 
GLU CG  HG2  sing N N 114 
GLU CG  HG3  sing N N 115 
GLU CD  OE1  doub N N 116 
GLU CD  OE2  sing N N 117 
GLU OE2 HE2  sing N N 118 
GLU OXT HXT  sing N N 119 
GLY N   CA   sing N N 120 
GLY N   H    sing N N 121 
GLY N   H2   sing N N 122 
GLY CA  C    sing N N 123 
GLY CA  HA2  sing N N 124 
GLY CA  HA3  sing N N 125 
GLY C   O    doub N N 126 
GLY C   OXT  sing N N 127 
GLY OXT HXT  sing N N 128 
HIS N   CA   sing N N 129 
HIS N   H    sing N N 130 
HIS N   H2   sing N N 131 
HIS CA  C    sing N N 132 
HIS CA  CB   sing N N 133 
HIS CA  HA   sing N N 134 
HIS C   O    doub N N 135 
HIS C   OXT  sing N N 136 
HIS CB  CG   sing N N 137 
HIS CB  HB2  sing N N 138 
HIS CB  HB3  sing N N 139 
HIS CG  ND1  sing Y N 140 
HIS CG  CD2  doub Y N 141 
HIS ND1 CE1  doub Y N 142 
HIS ND1 HD1  sing N N 143 
HIS CD2 NE2  sing Y N 144 
HIS CD2 HD2  sing N N 145 
HIS CE1 NE2  sing Y N 146 
HIS CE1 HE1  sing N N 147 
HIS NE2 HE2  sing N N 148 
HIS OXT HXT  sing N N 149 
ILE N   CA   sing N N 150 
ILE N   H    sing N N 151 
ILE N   H2   sing N N 152 
ILE CA  C    sing N N 153 
ILE CA  CB   sing N N 154 
ILE CA  HA   sing N N 155 
ILE C   O    doub N N 156 
ILE C   OXT  sing N N 157 
ILE CB  CG1  sing N N 158 
ILE CB  CG2  sing N N 159 
ILE CB  HB   sing N N 160 
ILE CG1 CD1  sing N N 161 
ILE CG1 HG12 sing N N 162 
ILE CG1 HG13 sing N N 163 
ILE CG2 HG21 sing N N 164 
ILE CG2 HG22 sing N N 165 
ILE CG2 HG23 sing N N 166 
ILE CD1 HD11 sing N N 167 
ILE CD1 HD12 sing N N 168 
ILE CD1 HD13 sing N N 169 
ILE OXT HXT  sing N N 170 
LEU N   CA   sing N N 171 
LEU N   H    sing N N 172 
LEU N   H2   sing N N 173 
LEU CA  C    sing N N 174 
LEU CA  CB   sing N N 175 
LEU CA  HA   sing N N 176 
LEU C   O    doub N N 177 
LEU C   OXT  sing N N 178 
LEU CB  CG   sing N N 179 
LEU CB  HB2  sing N N 180 
LEU CB  HB3  sing N N 181 
LEU CG  CD1  sing N N 182 
LEU CG  CD2  sing N N 183 
LEU CG  HG   sing N N 184 
LEU CD1 HD11 sing N N 185 
LEU CD1 HD12 sing N N 186 
LEU CD1 HD13 sing N N 187 
LEU CD2 HD21 sing N N 188 
LEU CD2 HD22 sing N N 189 
LEU CD2 HD23 sing N N 190 
LEU OXT HXT  sing N N 191 
LYS N   CA   sing N N 192 
LYS N   H    sing N N 193 
LYS N   H2   sing N N 194 
LYS CA  C    sing N N 195 
LYS CA  CB   sing N N 196 
LYS CA  HA   sing N N 197 
LYS C   O    doub N N 198 
LYS C   OXT  sing N N 199 
LYS CB  CG   sing N N 200 
LYS CB  HB2  sing N N 201 
LYS CB  HB3  sing N N 202 
LYS CG  CD   sing N N 203 
LYS CG  HG2  sing N N 204 
LYS CG  HG3  sing N N 205 
LYS CD  CE   sing N N 206 
LYS CD  HD2  sing N N 207 
LYS CD  HD3  sing N N 208 
LYS CE  NZ   sing N N 209 
LYS CE  HE2  sing N N 210 
LYS CE  HE3  sing N N 211 
LYS NZ  HZ1  sing N N 212 
LYS NZ  HZ2  sing N N 213 
LYS NZ  HZ3  sing N N 214 
LYS OXT HXT  sing N N 215 
MET N   CA   sing N N 216 
MET N   H    sing N N 217 
MET N   H2   sing N N 218 
MET CA  C    sing N N 219 
MET CA  CB   sing N N 220 
MET CA  HA   sing N N 221 
MET C   O    doub N N 222 
MET C   OXT  sing N N 223 
MET CB  CG   sing N N 224 
MET CB  HB2  sing N N 225 
MET CB  HB3  sing N N 226 
MET CG  SD   sing N N 227 
MET CG  HG2  sing N N 228 
MET CG  HG3  sing N N 229 
MET SD  CE   sing N N 230 
MET CE  HE1  sing N N 231 
MET CE  HE2  sing N N 232 
MET CE  HE3  sing N N 233 
MET OXT HXT  sing N N 234 
PHE N   CA   sing N N 235 
PHE N   H    sing N N 236 
PHE N   H2   sing N N 237 
PHE CA  C    sing N N 238 
PHE CA  CB   sing N N 239 
PHE CA  HA   sing N N 240 
PHE C   O    doub N N 241 
PHE C   OXT  sing N N 242 
PHE CB  CG   sing N N 243 
PHE CB  HB2  sing N N 244 
PHE CB  HB3  sing N N 245 
PHE CG  CD1  doub Y N 246 
PHE CG  CD2  sing Y N 247 
PHE CD1 CE1  sing Y N 248 
PHE CD1 HD1  sing N N 249 
PHE CD2 CE2  doub Y N 250 
PHE CD2 HD2  sing N N 251 
PHE CE1 CZ   doub Y N 252 
PHE CE1 HE1  sing N N 253 
PHE CE2 CZ   sing Y N 254 
PHE CE2 HE2  sing N N 255 
PHE CZ  HZ   sing N N 256 
PHE OXT HXT  sing N N 257 
PRO N   CA   sing N N 258 
PRO N   CD   sing N N 259 
PRO N   H    sing N N 260 
PRO CA  C    sing N N 261 
PRO CA  CB   sing N N 262 
PRO CA  HA   sing N N 263 
PRO C   O    doub N N 264 
PRO C   OXT  sing N N 265 
PRO CB  CG   sing N N 266 
PRO CB  HB2  sing N N 267 
PRO CB  HB3  sing N N 268 
PRO CG  CD   sing N N 269 
PRO CG  HG2  sing N N 270 
PRO CG  HG3  sing N N 271 
PRO CD  HD2  sing N N 272 
PRO CD  HD3  sing N N 273 
PRO OXT HXT  sing N N 274 
SER N   CA   sing N N 275 
SER N   H    sing N N 276 
SER N   H2   sing N N 277 
SER CA  C    sing N N 278 
SER CA  CB   sing N N 279 
SER CA  HA   sing N N 280 
SER C   O    doub N N 281 
SER C   OXT  sing N N 282 
SER CB  OG   sing N N 283 
SER CB  HB2  sing N N 284 
SER CB  HB3  sing N N 285 
SER OG  HG   sing N N 286 
SER OXT HXT  sing N N 287 
THR N   CA   sing N N 288 
THR N   H    sing N N 289 
THR N   H2   sing N N 290 
THR CA  C    sing N N 291 
THR CA  CB   sing N N 292 
THR CA  HA   sing N N 293 
THR C   O    doub N N 294 
THR C   OXT  sing N N 295 
THR CB  OG1  sing N N 296 
THR CB  CG2  sing N N 297 
THR CB  HB   sing N N 298 
THR OG1 HG1  sing N N 299 
THR CG2 HG21 sing N N 300 
THR CG2 HG22 sing N N 301 
THR CG2 HG23 sing N N 302 
THR OXT HXT  sing N N 303 
TYR N   CA   sing N N 304 
TYR N   H    sing N N 305 
TYR N   H2   sing N N 306 
TYR CA  C    sing N N 307 
TYR CA  CB   sing N N 308 
TYR CA  HA   sing N N 309 
TYR C   O    doub N N 310 
TYR C   OXT  sing N N 311 
TYR CB  CG   sing N N 312 
TYR CB  HB2  sing N N 313 
TYR CB  HB3  sing N N 314 
TYR CG  CD1  doub Y N 315 
TYR CG  CD2  sing Y N 316 
TYR CD1 CE1  sing Y N 317 
TYR CD1 HD1  sing N N 318 
TYR CD2 CE2  doub Y N 319 
TYR CD2 HD2  sing N N 320 
TYR CE1 CZ   doub Y N 321 
TYR CE1 HE1  sing N N 322 
TYR CE2 CZ   sing Y N 323 
TYR CE2 HE2  sing N N 324 
TYR CZ  OH   sing N N 325 
TYR OH  HH   sing N N 326 
TYR OXT HXT  sing N N 327 
VAL N   CA   sing N N 328 
VAL N   H    sing N N 329 
VAL N   H2   sing N N 330 
VAL CA  C    sing N N 331 
VAL CA  CB   sing N N 332 
VAL CA  HA   sing N N 333 
VAL C   O    doub N N 334 
VAL C   OXT  sing N N 335 
VAL CB  CG1  sing N N 336 
VAL CB  CG2  sing N N 337 
VAL CB  HB   sing N N 338 
VAL CG1 HG11 sing N N 339 
VAL CG1 HG12 sing N N 340 
VAL CG1 HG13 sing N N 341 
VAL CG2 HG21 sing N N 342 
VAL CG2 HG22 sing N N 343 
VAL CG2 HG23 sing N N 344 
VAL OXT HXT  sing N N 345 
# 
loop_
_pdbx_nmr_spectrometer.spectrometer_id 
_pdbx_nmr_spectrometer.type 
_pdbx_nmr_spectrometer.manufacturer 
_pdbx_nmr_spectrometer.model 
_pdbx_nmr_spectrometer.field_strength 
1 ? Bruker DMX 600 
2 ? Bruker DMX 750 
# 
_atom_sites.entry_id                    1JNT 
_atom_sites.fract_transf_matrix[1][1]   1.000000 
_atom_sites.fract_transf_matrix[1][2]   0.000000 
_atom_sites.fract_transf_matrix[1][3]   0.000000 
_atom_sites.fract_transf_matrix[2][1]   0.000000 
_atom_sites.fract_transf_matrix[2][2]   1.000000 
_atom_sites.fract_transf_matrix[2][3]   0.000000 
_atom_sites.fract_transf_matrix[3][1]   0.000000 
_atom_sites.fract_transf_matrix[3][2]   0.000000 
_atom_sites.fract_transf_matrix[3][3]   1.000000 
_atom_sites.fract_transf_vector[1]      0.00000 
_atom_sites.fract_transf_vector[2]      0.00000 
_atom_sites.fract_transf_vector[3]      0.00000 
# 
loop_
_atom_type.symbol 
C 
H 
N 
O 
S 
# 
loop_
_atom_site.group_PDB 
_atom_site.id 
_atom_site.type_symbol 
_atom_site.label_atom_id 
_atom_site.label_alt_id 
_atom_site.label_comp_id 
_atom_site.label_asym_id 
_atom_site.label_entity_id 
_atom_site.label_seq_id 
_atom_site.pdbx_PDB_ins_code 
_atom_site.Cartn_x 
_atom_site.Cartn_y 
_atom_site.Cartn_z 
_atom_site.occupancy 
_atom_site.B_iso_or_equiv 
_atom_site.pdbx_formal_charge 
_atom_site.auth_seq_id 
_atom_site.auth_comp_id 
_atom_site.auth_asym_id 
_atom_site.auth_atom_id 
_atom_site.pdbx_PDB_model_num 
ATOM 1    N N    . ALA A 1 1  ? -13.666 7.506   5.996   1.00 3.38 ? 1  ALA A N    1 
ATOM 2    C CA   . ALA A 1 1  ? -14.165 6.885   7.258   1.00 2.62 ? 1  ALA A CA   1 
ATOM 3    C C    . ALA A 1 1  ? -13.330 7.365   8.448   1.00 2.39 ? 1  ALA A C    1 
ATOM 4    O O    . ALA A 1 1  ? -12.367 8.091   8.291   1.00 2.47 ? 1  ALA A O    1 
ATOM 5    C CB   . ALA A 1 1  ? -13.992 5.380   7.054   1.00 2.27 ? 1  ALA A CB   1 
ATOM 6    H H1   . ALA A 1 1  ? -13.567 8.532   6.128   1.00 3.77 ? 1  ALA A H1   1 
ATOM 7    H H2   . ALA A 1 1  ? -14.342 7.318   5.227   1.00 3.53 ? 1  ALA A H2   1 
ATOM 8    H H3   . ALA A 1 1  ? -12.740 7.100   5.752   1.00 3.80 ? 1  ALA A H3   1 
ATOM 9    H HA   . ALA A 1 1  ? -15.206 7.121   7.407   1.00 2.77 ? 1  ALA A HA   1 
ATOM 10   H HB1  . ALA A 1 1  ? -13.632 4.931   7.968   1.00 2.29 ? 1  ALA A HB1  1 
ATOM 11   H HB2  . ALA A 1 1  ? -13.280 5.201   6.260   1.00 2.48 ? 1  ALA A HB2  1 
ATOM 12   H HB3  . ALA A 1 1  ? -14.942 4.941   6.788   1.00 2.60 ? 1  ALA A HB3  1 
ATOM 13   N N    . LYS A 1 2  ? -13.682 6.959   9.639   1.00 2.29 ? 2  LYS A N    1 
ATOM 14   C CA   . LYS A 1 2  ? -12.897 7.389   10.833  1.00 2.17 ? 2  LYS A CA   1 
ATOM 15   C C    . LYS A 1 2  ? -11.455 6.918   10.699  1.00 1.76 ? 2  LYS A C    1 
ATOM 16   O O    . LYS A 1 2  ? -10.522 7.695   10.714  1.00 2.06 ? 2  LYS A O    1 
ATOM 17   C CB   . LYS A 1 2  ? -13.556 6.672   12.010  1.00 2.30 ? 2  LYS A CB   1 
ATOM 18   C CG   . LYS A 1 2  ? -14.972 7.195   12.197  1.00 2.73 ? 2  LYS A CG   1 
ATOM 19   C CD   . LYS A 1 2  ? -15.628 6.474   13.377  1.00 3.25 ? 2  LYS A CD   1 
ATOM 20   C CE   . LYS A 1 2  ? -17.052 6.996   13.570  1.00 4.05 ? 2  LYS A CE   1 
ATOM 21   N NZ   . LYS A 1 2  ? -17.692 6.019   14.496  1.00 4.64 ? 2  LYS A NZ   1 
ATOM 22   H H    . LYS A 1 2  ? -14.457 6.368   9.746   1.00 2.41 ? 2  LYS A H    1 
ATOM 23   H HA   . LYS A 1 2  ? -12.947 8.458   10.968  1.00 2.38 ? 2  LYS A HA   1 
ATOM 24   H HB2  . LYS A 1 2  ? -13.587 5.611   11.811  1.00 2.35 ? 2  LYS A HB2  1 
ATOM 25   H HB3  . LYS A 1 2  ? -12.983 6.854   12.907  1.00 2.59 ? 2  LYS A HB3  1 
ATOM 26   H HG2  . LYS A 1 2  ? -14.933 8.251   12.392  1.00 3.21 ? 2  LYS A HG2  1 
ATOM 27   H HG3  . LYS A 1 2  ? -15.546 7.015   11.300  1.00 2.86 ? 2  LYS A HG3  1 
ATOM 28   H HD2  . LYS A 1 2  ? -15.658 5.413   13.178  1.00 3.59 ? 2  LYS A HD2  1 
ATOM 29   H HD3  . LYS A 1 2  ? -15.054 6.656   14.273  1.00 3.26 ? 2  LYS A HD3  1 
ATOM 30   H HE2  . LYS A 1 2  ? -17.035 7.980   14.015  1.00 4.55 ? 2  LYS A HE2  1 
ATOM 31   H HE3  . LYS A 1 2  ? -17.576 7.018   12.625  1.00 4.14 ? 2  LYS A HE3  1 
ATOM 32   H HZ1  . LYS A 1 2  ? -17.997 5.182   13.961  1.00 4.94 ? 2  LYS A HZ1  1 
ATOM 33   H HZ2  . LYS A 1 2  ? -18.517 6.462   14.951  1.00 4.84 ? 2  LYS A HZ2  1 
ATOM 34   H HZ3  . LYS A 1 2  ? -17.007 5.730   15.223  1.00 4.93 ? 2  LYS A HZ3  1 
ATOM 35   N N    . THR A 1 3  ? -11.285 5.644   10.530  1.00 1.37 ? 3  THR A N    1 
ATOM 36   C CA   . THR A 1 3  ? -9.918  5.081   10.346  1.00 1.01 ? 3  THR A CA   1 
ATOM 37   C C    . THR A 1 3  ? -9.978  3.889   9.391   1.00 0.83 ? 3  THR A C    1 
ATOM 38   O O    . THR A 1 3  ? -11.013 3.278   9.219   1.00 0.97 ? 3  THR A O    1 
ATOM 39   C CB   . THR A 1 3  ? -9.485  4.632   11.741  1.00 1.14 ? 3  THR A CB   1 
ATOM 40   O OG1  . THR A 1 3  ? -10.199 3.458   12.100  1.00 1.69 ? 3  THR A OG1  1 
ATOM 41   C CG2  . THR A 1 3  ? -9.787  5.740   12.751  1.00 1.48 ? 3  THR A CG2  1 
ATOM 42   H H    . THR A 1 3  ? -12.069 5.057   10.499  1.00 1.59 ? 3  THR A H    1 
ATOM 43   H HA   . THR A 1 3  ? -9.243  5.836   9.971   1.00 0.99 ? 3  THR A HA   1 
ATOM 44   H HB   . THR A 1 3  ? -8.426  4.427   11.744  1.00 1.56 ? 3  THR A HB   1 
ATOM 45   H HG1  . THR A 1 3  ? -9.747  3.050   12.841  1.00 1.99 ? 3  THR A HG1  1 
ATOM 46   H HG21 . THR A 1 3  ? -9.366  6.671   12.402  1.00 2.06 ? 3  THR A HG21 1 
ATOM 47   H HG22 . THR A 1 3  ? -9.352  5.486   13.707  1.00 1.97 ? 3  THR A HG22 1 
ATOM 48   H HG23 . THR A 1 3  ? -10.856 5.847   12.860  1.00 1.75 ? 3  THR A HG23 1 
ATOM 49   N N    . ALA A 1 4  ? -8.886  3.551   8.762   1.00 0.64 ? 4  ALA A N    1 
ATOM 50   C CA   . ALA A 1 4  ? -8.910  2.401   7.816   1.00 0.54 ? 4  ALA A CA   1 
ATOM 51   C C    . ALA A 1 4  ? -7.772  1.433   8.125   1.00 0.49 ? 4  ALA A C    1 
ATOM 52   O O    . ALA A 1 4  ? -6.697  1.833   8.527   1.00 0.50 ? 4  ALA A O    1 
ATOM 53   C CB   . ALA A 1 4  ? -8.728  3.022   6.430   1.00 0.62 ? 4  ALA A CB   1 
ATOM 54   H H    . ALA A 1 4  ? -8.057  4.056   8.904   1.00 0.66 ? 4  ALA A H    1 
ATOM 55   H HA   . ALA A 1 4  ? -9.856  1.892   7.869   1.00 0.57 ? 4  ALA A HA   1 
ATOM 56   H HB1  . ALA A 1 4  ? -9.651  3.491   6.122   1.00 1.09 ? 4  ALA A HB1  1 
ATOM 57   H HB2  . ALA A 1 4  ? -8.461  2.251   5.723   1.00 1.28 ? 4  ALA A HB2  1 
ATOM 58   H HB3  . ALA A 1 4  ? -7.944  3.764   6.468   1.00 1.19 ? 4  ALA A HB3  1 
ATOM 59   N N    . ALA A 1 5  ? -7.970  0.172   7.851   1.00 0.46 ? 5  ALA A N    1 
ATOM 60   C CA   . ALA A 1 5  ? -6.864  -0.810  8.029   1.00 0.45 ? 5  ALA A CA   1 
ATOM 61   C C    . ALA A 1 5  ? -6.159  -1.014  6.690   1.00 0.42 ? 5  ALA A C    1 
ATOM 62   O O    . ALA A 1 5  ? -6.799  -1.201  5.679   1.00 0.46 ? 5  ALA A O    1 
ATOM 63   C CB   . ALA A 1 5  ? -7.543  -2.100  8.484   1.00 0.50 ? 5  ALA A CB   1 
ATOM 64   H H    . ALA A 1 5  ? -8.826  -0.116  7.458   1.00 0.48 ? 5  ALA A H    1 
ATOM 65   H HA   . ALA A 1 5  ? -6.168  -0.468  8.778   1.00 0.48 ? 5  ALA A HA   1 
ATOM 66   H HB1  . ALA A 1 5  ? -6.847  -2.922  8.407   1.00 1.22 ? 5  ALA A HB1  1 
ATOM 67   H HB2  . ALA A 1 5  ? -8.400  -2.295  7.856   1.00 1.06 ? 5  ALA A HB2  1 
ATOM 68   H HB3  . ALA A 1 5  ? -7.866  -1.995  9.510   1.00 1.00 ? 5  ALA A HB3  1 
ATOM 69   N N    . ALA A 1 6  ? -4.885  -0.751  6.627   1.00 0.37 ? 6  ALA A N    1 
ATOM 70   C CA   . ALA A 1 6  ? -4.237  -0.686  5.288   1.00 0.37 ? 6  ALA A CA   1 
ATOM 71   C C    . ALA A 1 6  ? -2.902  -1.431  5.266   1.00 0.37 ? 6  ALA A C    1 
ATOM 72   O O    . ALA A 1 6  ? -2.013  -1.152  6.046   1.00 0.43 ? 6  ALA A O    1 
ATOM 73   C CB   . ALA A 1 6  ? -4.018  0.804   5.035   1.00 0.44 ? 6  ALA A CB   1 
ATOM 74   H H    . ALA A 1 6  ? -4.410  -0.433  7.425   1.00 0.37 ? 6  ALA A H    1 
ATOM 75   H HA   . ALA A 1 6  ? -4.898  -1.086  4.536   1.00 0.39 ? 6  ALA A HA   1 
ATOM 76   H HB1  . ALA A 1 6  ? -3.931  0.979   3.974   1.00 1.12 ? 6  ALA A HB1  1 
ATOM 77   H HB2  . ALA A 1 6  ? -3.113  1.123   5.530   1.00 1.06 ? 6  ALA A HB2  1 
ATOM 78   H HB3  . ALA A 1 6  ? -4.857  1.362   5.425   1.00 1.15 ? 6  ALA A HB3  1 
ATOM 79   N N    . LEU A 1 7  ? -2.677  -2.180  4.222   1.00 0.35 ? 7  LEU A N    1 
ATOM 80   C CA   . LEU A 1 7  ? -1.307  -2.711  3.968   1.00 0.37 ? 7  LEU A CA   1 
ATOM 81   C C    . LEU A 1 7  ? -0.629  -1.829  2.918   1.00 0.34 ? 7  LEU A C    1 
ATOM 82   O O    . LEU A 1 7  ? -1.270  -1.349  2.005   1.00 0.34 ? 7  LEU A O    1 
ATOM 83   C CB   . LEU A 1 7  ? -1.522  -4.127  3.426   1.00 0.43 ? 7  LEU A CB   1 
ATOM 84   C CG   . LEU A 1 7  ? -2.327  -4.947  4.436   1.00 0.58 ? 7  LEU A CG   1 
ATOM 85   C CD1  . LEU A 1 7  ? -2.539  -6.361  3.889   1.00 1.18 ? 7  LEU A CD1  1 
ATOM 86   C CD2  . LEU A 1 7  ? -1.567  -5.019  5.761   1.00 0.90 ? 7  LEU A CD2  1 
ATOM 87   H H    . LEU A 1 7  ? -3.355  -2.233  3.515   1.00 0.36 ? 7  LEU A H    1 
ATOM 88   H HA   . LEU A 1 7  ? -0.730  -2.739  4.879   1.00 0.40 ? 7  LEU A HA   1 
ATOM 89   H HB2  . LEU A 1 7  ? -2.061  -4.076  2.492   1.00 0.44 ? 7  LEU A HB2  1 
ATOM 90   H HB3  . LEU A 1 7  ? -0.562  -4.598  3.263   1.00 0.45 ? 7  LEU A HB3  1 
ATOM 91   H HG   . LEU A 1 7  ? -3.286  -4.477  4.596   1.00 1.17 ? 7  LEU A HG   1 
ATOM 92   H HD11 . LEU A 1 7  ? -3.575  -6.640  4.003   1.00 1.73 ? 7  LEU A HD11 1 
ATOM 93   H HD12 . LEU A 1 7  ? -1.916  -7.055  4.436   1.00 1.77 ? 7  LEU A HD12 1 
ATOM 94   H HD13 . LEU A 1 7  ? -2.272  -6.386  2.842   1.00 1.64 ? 7  LEU A HD13 1 
ATOM 95   H HD21 . LEU A 1 7  ? -0.587  -5.440  5.592   1.00 1.41 ? 7  LEU A HD21 1 
ATOM 96   H HD22 . LEU A 1 7  ? -2.112  -5.643  6.455   1.00 1.32 ? 7  LEU A HD22 1 
ATOM 97   H HD23 . LEU A 1 7  ? -1.468  -4.026  6.173   1.00 1.53 ? 7  LEU A HD23 1 
ATOM 98   N N    . HIS A 1 8  ? 0.633   -1.532  3.070   1.00 0.37 ? 8  HIS A N    1 
ATOM 99   C CA   . HIS A 1 8  ? 1.274   -0.589  2.101   1.00 0.39 ? 8  HIS A CA   1 
ATOM 100  C C    . HIS A 1 8  ? 2.638   -1.100  1.638   1.00 0.36 ? 8  HIS A C    1 
ATOM 101  O O    . HIS A 1 8  ? 3.532   -1.315  2.432   1.00 0.50 ? 8  HIS A O    1 
ATOM 102  C CB   . HIS A 1 8  ? 1.441   0.739   2.849   1.00 0.48 ? 8  HIS A CB   1 
ATOM 103  C CG   . HIS A 1 8  ? 0.099   1.370   3.082   1.00 0.49 ? 8  HIS A CG   1 
ATOM 104  N ND1  . HIS A 1 8  ? -0.266  2.565   2.480   1.00 1.01 ? 8  HIS A ND1  1 
ATOM 105  C CD2  . HIS A 1 8  ? -0.974  0.996   3.851   1.00 1.08 ? 8  HIS A CD2  1 
ATOM 106  C CE1  . HIS A 1 8  ? -1.509  2.865   2.893   1.00 1.22 ? 8  HIS A CE1  1 
ATOM 107  N NE2  . HIS A 1 8  ? -1.989  1.940   3.730   1.00 1.28 ? 8  HIS A NE2  1 
ATOM 108  H H    . HIS A 1 8  ? 1.133   -1.877  3.842   1.00 0.41 ? 8  HIS A H    1 
ATOM 109  H HA   . HIS A 1 8  ? 0.628   -0.441  1.250   1.00 0.44 ? 8  HIS A HA   1 
ATOM 110  H HB2  . HIS A 1 8  ? 1.932   0.570   3.797   1.00 0.83 ? 8  HIS A HB2  1 
ATOM 111  H HB3  . HIS A 1 8  ? 2.044   1.405   2.249   1.00 0.70 ? 8  HIS A HB3  1 
ATOM 112  H HD1  . HIS A 1 8  ? 0.285   3.095   1.865   1.00 1.49 ? 8  HIS A HD1  1 
ATOM 113  H HD2  . HIS A 1 8  ? -1.024  0.103   4.457   1.00 1.64 ? 8  HIS A HD2  1 
ATOM 114  H HE1  . HIS A 1 8  ? -2.054  3.745   2.585   1.00 1.69 ? 8  HIS A HE1  1 
ATOM 115  N N    . ILE A 1 9  ? 2.875   -1.041  0.356   1.00 0.27 ? 9  ILE A N    1 
ATOM 116  C CA   . ILE A 1 9  ? 4.263   -1.240  -0.150  1.00 0.27 ? 9  ILE A CA   1 
ATOM 117  C C    . ILE A 1 9  ? 4.719   0.010   -0.904  1.00 0.27 ? 9  ILE A C    1 
ATOM 118  O O    . ILE A 1 9  ? 4.080   0.446   -1.842  1.00 0.26 ? 9  ILE A O    1 
ATOM 119  C CB   . ILE A 1 9  ? 4.190   -2.435  -1.099  1.00 0.29 ? 9  ILE A CB   1 
ATOM 120  C CG1  . ILE A 1 9  ? 3.696   -3.667  -0.340  1.00 0.32 ? 9  ILE A CG1  1 
ATOM 121  C CG2  . ILE A 1 9  ? 5.580   -2.708  -1.677  1.00 0.32 ? 9  ILE A CG2  1 
ATOM 122  C CD1  . ILE A 1 9  ? 3.529   -4.832  -1.318  1.00 0.35 ? 9  ILE A CD1  1 
ATOM 123  H H    . ILE A 1 9  ? 2.189   -0.684  -0.245  1.00 0.29 ? 9  ILE A H    1 
ATOM 124  H HA   . ILE A 1 9  ? 4.934   -1.455  0.666   1.00 0.29 ? 9  ILE A HA   1 
ATOM 125  H HB   . ILE A 1 9  ? 3.508   -2.212  -1.904  1.00 0.29 ? 9  ILE A HB   1 
ATOM 126  H HG12 . ILE A 1 9  ? 4.414   -3.934  0.422   1.00 0.34 ? 9  ILE A HG12 1 
ATOM 127  H HG13 . ILE A 1 9  ? 2.744   -3.447  0.122   1.00 0.32 ? 9  ILE A HG13 1 
ATOM 128  H HG21 . ILE A 1 9  ? 5.495   -3.371  -2.524  1.00 1.00 ? 9  ILE A HG21 1 
ATOM 129  H HG22 . ILE A 1 9  ? 6.201   -3.166  -0.922  1.00 1.05 ? 9  ILE A HG22 1 
ATOM 130  H HG23 . ILE A 1 9  ? 6.028   -1.775  -1.994  1.00 0.96 ? 9  ILE A HG23 1 
ATOM 131  H HD11 . ILE A 1 9  ? 3.425   -5.754  -0.766  1.00 1.01 ? 9  ILE A HD11 1 
ATOM 132  H HD12 . ILE A 1 9  ? 4.399   -4.892  -1.958  1.00 1.11 ? 9  ILE A HD12 1 
ATOM 133  H HD13 . ILE A 1 9  ? 2.649   -4.672  -1.923  1.00 1.05 ? 9  ILE A HD13 1 
ATOM 134  N N    . LEU A 1 10 ? 5.833   0.571   -0.523  1.00 0.29 ? 10 LEU A N    1 
ATOM 135  C CA   . LEU A 1 10 ? 6.348   1.769   -1.244  1.00 0.31 ? 10 LEU A CA   1 
ATOM 136  C C    . LEU A 1 10 ? 7.449   1.349   -2.220  1.00 0.30 ? 10 LEU A C    1 
ATOM 137  O O    . LEU A 1 10 ? 8.471   0.821   -1.830  1.00 0.33 ? 10 LEU A O    1 
ATOM 138  C CB   . LEU A 1 10 ? 6.918   2.678   -0.152  1.00 0.37 ? 10 LEU A CB   1 
ATOM 139  C CG   . LEU A 1 10 ? 7.037   4.114   -0.679  1.00 0.45 ? 10 LEU A CG   1 
ATOM 140  C CD1  . LEU A 1 10 ? 7.907   4.936   0.274   1.00 1.17 ? 10 LEU A CD1  1 
ATOM 141  C CD2  . LEU A 1 10 ? 7.674   4.106   -2.070  1.00 0.58 ? 10 LEU A CD2  1 
ATOM 142  H H    . LEU A 1 10 ? 6.341   0.191   0.220   1.00 0.32 ? 10 LEU A H    1 
ATOM 143  H HA   . LEU A 1 10 ? 5.548   2.271   -1.765  1.00 0.32 ? 10 LEU A HA   1 
ATOM 144  H HB2  . LEU A 1 10 ? 6.261   2.665   0.706   1.00 0.56 ? 10 LEU A HB2  1 
ATOM 145  H HB3  . LEU A 1 10 ? 7.895   2.321   0.139   1.00 0.46 ? 10 LEU A HB3  1 
ATOM 146  H HG   . LEU A 1 10 ? 6.056   4.558   -0.737  1.00 0.82 ? 10 LEU A HG   1 
ATOM 147  H HD11 . LEU A 1 10 ? 8.629   4.290   0.751   1.00 1.43 ? 10 LEU A HD11 1 
ATOM 148  H HD12 . LEU A 1 10 ? 7.282   5.394   1.027   1.00 1.90 ? 10 LEU A HD12 1 
ATOM 149  H HD13 . LEU A 1 10 ? 8.423   5.705   -0.281  1.00 1.70 ? 10 LEU A HD13 1 
ATOM 150  H HD21 . LEU A 1 10 ? 7.904   5.118   -2.368  1.00 1.31 ? 10 LEU A HD21 1 
ATOM 151  H HD22 . LEU A 1 10 ? 6.984   3.670   -2.778  1.00 1.08 ? 10 LEU A HD22 1 
ATOM 152  H HD23 . LEU A 1 10 ? 8.582   3.522   -2.047  1.00 1.20 ? 10 LEU A HD23 1 
ATOM 153  N N    . VAL A 1 11 ? 7.257   1.601   -3.484  1.00 0.31 ? 11 VAL A N    1 
ATOM 154  C CA   . VAL A 1 11 ? 8.302   1.240   -4.485  1.00 0.35 ? 11 VAL A CA   1 
ATOM 155  C C    . VAL A 1 11 ? 9.093   2.487   -4.886  1.00 0.39 ? 11 VAL A C    1 
ATOM 156  O O    . VAL A 1 11 ? 8.531   3.523   -5.181  1.00 0.76 ? 11 VAL A O    1 
ATOM 157  C CB   . VAL A 1 11 ? 7.542   0.679   -5.694  1.00 0.36 ? 11 VAL A CB   1 
ATOM 158  C CG1  . VAL A 1 11 ? 8.456   -0.268  -6.472  1.00 0.43 ? 11 VAL A CG1  1 
ATOM 159  C CG2  . VAL A 1 11 ? 6.303   -0.088  -5.223  1.00 0.44 ? 11 VAL A CG2  1 
ATOM 160  H H    . VAL A 1 11 ? 6.431   2.039   -3.772  1.00 0.34 ? 11 VAL A H    1 
ATOM 161  H HA   . VAL A 1 11 ? 8.963   0.488   -4.084  1.00 0.43 ? 11 VAL A HA   1 
ATOM 162  H HB   . VAL A 1 11 ? 7.239   1.493   -6.338  1.00 0.36 ? 11 VAL A HB   1 
ATOM 163  H HG11 . VAL A 1 11 ? 8.906   0.262   -7.298  1.00 1.15 ? 11 VAL A HG11 1 
ATOM 164  H HG12 . VAL A 1 11 ? 7.876   -1.098  -6.850  1.00 1.03 ? 11 VAL A HG12 1 
ATOM 165  H HG13 . VAL A 1 11 ? 9.231   -0.640  -5.817  1.00 1.04 ? 11 VAL A HG13 1 
ATOM 166  H HG21 . VAL A 1 11 ? 5.487   0.603   -5.072  1.00 1.15 ? 11 VAL A HG21 1 
ATOM 167  H HG22 . VAL A 1 11 ? 6.524   -0.595  -4.296  1.00 1.20 ? 11 VAL A HG22 1 
ATOM 168  H HG23 . VAL A 1 11 ? 6.025   -0.814  -5.973  1.00 0.98 ? 11 VAL A HG23 1 
ATOM 169  N N    . LYS A 1 12 ? 10.396  2.403   -4.881  1.00 0.53 ? 12 LYS A N    1 
ATOM 170  C CA   . LYS A 1 12 ? 11.222  3.590   -5.243  1.00 0.52 ? 12 LYS A CA   1 
ATOM 171  C C    . LYS A 1 12 ? 10.976  3.996   -6.696  1.00 0.45 ? 12 LYS A C    1 
ATOM 172  O O    . LYS A 1 12 ? 10.984  5.162   -7.033  1.00 0.49 ? 12 LYS A O    1 
ATOM 173  C CB   . LYS A 1 12 ? 12.669  3.132   -5.068  1.00 0.67 ? 12 LYS A CB   1 
ATOM 174  C CG   . LYS A 1 12 ? 13.609  4.253   -5.513  1.00 1.25 ? 12 LYS A CG   1 
ATOM 175  C CD   . LYS A 1 12 ? 15.043  3.725   -5.573  1.00 1.71 ? 12 LYS A CD   1 
ATOM 176  C CE   . LYS A 1 12 ? 15.937  4.765   -6.252  1.00 2.48 ? 12 LYS A CE   1 
ATOM 177  N NZ   . LYS A 1 12 ? 17.315  4.445   -5.788  1.00 2.86 ? 12 LYS A NZ   1 
ATOM 178  H H    . LYS A 1 12 ? 10.830  1.563   -4.627  1.00 0.86 ? 12 LYS A H    1 
ATOM 179  H HA   . LYS A 1 12 ? 11.013  4.415   -4.578  1.00 0.56 ? 12 LYS A HA   1 
ATOM 180  H HB2  . LYS A 1 12 ? 12.852  2.898   -4.030  1.00 1.24 ? 12 LYS A HB2  1 
ATOM 181  H HB3  . LYS A 1 12 ? 12.843  2.253   -5.672  1.00 1.10 ? 12 LYS A HB3  1 
ATOM 182  H HG2  . LYS A 1 12 ? 13.313  4.603   -6.490  1.00 1.95 ? 12 LYS A HG2  1 
ATOM 183  H HG3  . LYS A 1 12 ? 13.555  5.067   -4.807  1.00 1.78 ? 12 LYS A HG3  1 
ATOM 184  H HD2  . LYS A 1 12 ? 15.402  3.538   -4.572  1.00 1.93 ? 12 LYS A HD2  1 
ATOM 185  H HD3  . LYS A 1 12 ? 15.065  2.806   -6.141  1.00 2.20 ? 12 LYS A HD3  1 
ATOM 186  H HE2  . LYS A 1 12 ? 15.871  4.672   -7.326  1.00 3.08 ? 12 LYS A HE2  1 
ATOM 187  H HE3  . LYS A 1 12 ? 15.657  5.761   -5.941  1.00 2.76 ? 12 LYS A HE3  1 
ATOM 188  H HZ1  . LYS A 1 12 ? 17.883  5.315   -5.765  1.00 3.14 ? 12 LYS A HZ1  1 
ATOM 189  H HZ2  . LYS A 1 12 ? 17.750  3.761   -6.440  1.00 3.35 ? 12 LYS A HZ2  1 
ATOM 190  H HZ3  . LYS A 1 12 ? 17.274  4.037   -4.832  1.00 2.95 ? 12 LYS A HZ3  1 
ATOM 191  N N    . GLU A 1 13 ? 10.850  3.040   -7.575  1.00 0.47 ? 13 GLU A N    1 
ATOM 192  C CA   . GLU A 1 13 ? 10.714  3.378   -9.018  1.00 0.50 ? 13 GLU A CA   1 
ATOM 193  C C    . GLU A 1 13 ? 9.685   2.466   -9.687  1.00 0.43 ? 13 GLU A C    1 
ATOM 194  O O    . GLU A 1 13 ? 9.369   1.400   -9.197  1.00 0.40 ? 13 GLU A O    1 
ATOM 195  C CB   . GLU A 1 13 ? 12.108  3.150   -9.606  1.00 0.64 ? 13 GLU A CB   1 
ATOM 196  C CG   . GLU A 1 13 ? 12.543  1.708   -9.342  1.00 1.19 ? 13 GLU A CG   1 
ATOM 197  C CD   . GLU A 1 13 ? 13.937  1.481   -9.930  1.00 1.15 ? 13 GLU A CD   1 
ATOM 198  O OE1  . GLU A 1 13 ? 14.340  2.270   -10.769 1.00 1.48 ? 13 GLU A OE1  1 
ATOM 199  O OE2  . GLU A 1 13 ? 14.578  0.523   -9.531  1.00 1.65 ? 13 GLU A OE2  1 
ATOM 200  H H    . GLU A 1 13 ? 10.915  2.104   -7.294  1.00 0.55 ? 13 GLU A H    1 
ATOM 201  H HA   . GLU A 1 13 ? 10.433  4.412   -9.137  1.00 0.58 ? 13 GLU A HA   1 
ATOM 202  H HB2  . GLU A 1 13 ? 12.083  3.329   -10.671 1.00 1.26 ? 13 GLU A HB2  1 
ATOM 203  H HB3  . GLU A 1 13 ? 12.808  3.828   -9.142  1.00 1.24 ? 13 GLU A HB3  1 
ATOM 204  H HG2  . GLU A 1 13 ? 12.568  1.527   -8.277  1.00 1.80 ? 13 GLU A HG2  1 
ATOM 205  H HG3  . GLU A 1 13 ? 11.843  1.030   -9.806  1.00 1.82 ? 13 GLU A HG3  1 
ATOM 206  N N    . GLU A 1 14 ? 9.122   2.907   -10.776 1.00 0.48 ? 14 GLU A N    1 
ATOM 207  C CA   . GLU A 1 14 ? 8.065   2.105   -11.453 1.00 0.51 ? 14 GLU A CA   1 
ATOM 208  C C    . GLU A 1 14 ? 8.617   0.739   -11.872 1.00 0.50 ? 14 GLU A C    1 
ATOM 209  O O    . GLU A 1 14 ? 7.934   -0.264  -11.804 1.00 0.48 ? 14 GLU A O    1 
ATOM 210  C CB   . GLU A 1 14 ? 7.675   2.931   -12.679 1.00 0.63 ? 14 GLU A CB   1 
ATOM 211  C CG   . GLU A 1 14 ? 6.536   2.235   -13.424 1.00 1.19 ? 14 GLU A CG   1 
ATOM 212  C CD   . GLU A 1 14 ? 6.149   3.066   -14.650 1.00 1.25 ? 14 GLU A CD   1 
ATOM 213  O OE1  . GLU A 1 14 ? 6.624   4.186   -14.756 1.00 1.39 ? 14 GLU A OE1  1 
ATOM 214  O OE2  . GLU A 1 14 ? 5.385   2.570   -15.461 1.00 1.84 ? 14 GLU A OE2  1 
ATOM 215  H H    . GLU A 1 14 ? 9.365   3.788   -11.129 1.00 0.54 ? 14 GLU A H    1 
ATOM 216  H HA   . GLU A 1 14 ? 7.211   1.984   -10.806 1.00 0.50 ? 14 GLU A HA   1 
ATOM 217  H HB2  . GLU A 1 14 ? 7.352   3.912   -12.363 1.00 1.21 ? 14 GLU A HB2  1 
ATOM 218  H HB3  . GLU A 1 14 ? 8.529   3.028   -13.333 1.00 0.78 ? 14 GLU A HB3  1 
ATOM 219  H HG2  . GLU A 1 14 ? 6.858   1.254   -13.742 1.00 1.50 ? 14 GLU A HG2  1 
ATOM 220  H HG3  . GLU A 1 14 ? 5.682   2.142   -12.769 1.00 1.76 ? 14 GLU A HG3  1 
ATOM 221  N N    . LYS A 1 15 ? 9.830   0.699   -12.353 1.00 0.55 ? 15 LYS A N    1 
ATOM 222  C CA   . LYS A 1 15 ? 10.399  -0.594  -12.832 1.00 0.59 ? 15 LYS A CA   1 
ATOM 223  C C    . LYS A 1 15 ? 10.259  -1.669  -11.752 1.00 0.51 ? 15 LYS A C    1 
ATOM 224  O O    . LYS A 1 15 ? 9.823   -2.771  -12.017 1.00 0.50 ? 15 LYS A O    1 
ATOM 225  C CB   . LYS A 1 15 ? 11.874  -0.299  -13.106 1.00 0.70 ? 15 LYS A CB   1 
ATOM 226  C CG   . LYS A 1 15 ? 11.992  0.662   -14.290 1.00 1.41 ? 15 LYS A CG   1 
ATOM 227  C CD   . LYS A 1 15 ? 13.469  0.955   -14.560 1.00 1.57 ? 15 LYS A CD   1 
ATOM 228  C CE   . LYS A 1 15 ? 13.589  1.916   -15.744 1.00 2.31 ? 15 LYS A CE   1 
ATOM 229  N NZ   . LYS A 1 15 ? 13.942  3.228   -15.136 1.00 2.50 ? 15 LYS A NZ   1 
ATOM 230  H H    . LYS A 1 15 ? 10.351  1.525   -12.435 1.00 0.58 ? 15 LYS A H    1 
ATOM 231  H HA   . LYS A 1 15 ? 9.911   -0.910  -13.740 1.00 0.63 ? 15 LYS A HA   1 
ATOM 232  H HB2  . LYS A 1 15 ? 12.320  0.149   -12.231 1.00 0.94 ? 15 LYS A HB2  1 
ATOM 233  H HB3  . LYS A 1 15 ? 12.387  -1.221  -13.340 1.00 1.05 ? 15 LYS A HB3  1 
ATOM 234  H HG2  . LYS A 1 15 ? 11.545  0.215   -15.165 1.00 1.84 ? 15 LYS A HG2  1 
ATOM 235  H HG3  . LYS A 1 15 ? 11.480  1.584   -14.055 1.00 1.90 ? 15 LYS A HG3  1 
ATOM 236  H HD2  . LYS A 1 15 ? 13.912  1.407   -13.685 1.00 1.71 ? 15 LYS A HD2  1 
ATOM 237  H HD3  . LYS A 1 15 ? 13.984  0.034   -14.789 1.00 1.55 ? 15 LYS A HD3  1 
ATOM 238  H HE2  . LYS A 1 15 ? 14.370  1.588   -16.415 1.00 2.67 ? 15 LYS A HE2  1 
ATOM 239  H HE3  . LYS A 1 15 ? 12.647  1.985   -16.268 1.00 2.87 ? 15 LYS A HE3  1 
ATOM 240  H HZ1  . LYS A 1 15 ? 14.931  3.207   -14.817 1.00 2.93 ? 15 LYS A HZ1  1 
ATOM 241  H HZ2  . LYS A 1 15 ? 13.318  3.413   -14.324 1.00 2.76 ? 15 LYS A HZ2  1 
ATOM 242  H HZ3  . LYS A 1 15 ? 13.825  3.981   -15.843 1.00 2.67 ? 15 LYS A HZ3  1 
ATOM 243  N N    . LEU A 1 16 ? 10.553  -1.337  -10.526 1.00 0.48 ? 16 LEU A N    1 
ATOM 244  C CA   . LEU A 1 16 ? 10.353  -2.324  -9.428  1.00 0.46 ? 16 LEU A CA   1 
ATOM 245  C C    . LEU A 1 16 ? 8.854   -2.559  -9.223  1.00 0.38 ? 16 LEU A C    1 
ATOM 246  O O    . LEU A 1 16 ? 8.405   -3.678  -9.079  1.00 0.39 ? 16 LEU A O    1 
ATOM 247  C CB   . LEU A 1 16 ? 10.979  -1.679  -8.191  1.00 0.52 ? 16 LEU A CB   1 
ATOM 248  C CG   . LEU A 1 16 ? 11.349  -2.769  -7.181  1.00 0.61 ? 16 LEU A CG   1 
ATOM 249  C CD1  . LEU A 1 16 ? 12.667  -2.400  -6.497  1.00 0.86 ? 16 LEU A CD1  1 
ATOM 250  C CD2  . LEU A 1 16 ? 10.246  -2.892  -6.128  1.00 0.66 ? 16 LEU A CD2  1 
ATOM 251  H H    . LEU A 1 16 ? 10.852  -0.427  -10.321 1.00 0.51 ? 16 LEU A H    1 
ATOM 252  H HA   . LEU A 1 16 ? 10.854  -3.251  -9.658  1.00 0.51 ? 16 LEU A HA   1 
ATOM 253  H HB2  . LEU A 1 16 ? 11.869  -1.138  -8.478  1.00 0.63 ? 16 LEU A HB2  1 
ATOM 254  H HB3  . LEU A 1 16 ? 10.272  -0.997  -7.742  1.00 0.46 ? 16 LEU A HB3  1 
ATOM 255  H HG   . LEU A 1 16 ? 11.462  -3.712  -7.695  1.00 0.71 ? 16 LEU A HG   1 
ATOM 256  H HD11 . LEU A 1 16 ? 12.759  -1.325  -6.447  1.00 1.55 ? 16 LEU A HD11 1 
ATOM 257  H HD12 . LEU A 1 16 ? 13.492  -2.806  -7.062  1.00 1.31 ? 16 LEU A HD12 1 
ATOM 258  H HD13 . LEU A 1 16 ? 12.681  -2.809  -5.496  1.00 1.17 ? 16 LEU A HD13 1 
ATOM 259  H HD21 . LEU A 1 16 ? 9.281   -2.810  -6.606  1.00 1.21 ? 16 LEU A HD21 1 
ATOM 260  H HD22 . LEU A 1 16 ? 10.354  -2.103  -5.399  1.00 1.19 ? 16 LEU A HD22 1 
ATOM 261  H HD23 . LEU A 1 16 ? 10.324  -3.851  -5.636  1.00 1.30 ? 16 LEU A HD23 1 
ATOM 262  N N    . ALA A 1 17 ? 8.069   -1.517  -9.300  1.00 0.35 ? 17 ALA A N    1 
ATOM 263  C CA   . ALA A 1 17 ? 6.590   -1.687  -9.210  1.00 0.35 ? 17 ALA A CA   1 
ATOM 264  C C    . ALA A 1 17 ? 6.100   -2.607  -10.333 1.00 0.38 ? 17 ALA A C    1 
ATOM 265  O O    . ALA A 1 17 ? 5.291   -3.487  -10.117 1.00 0.39 ? 17 ALA A O    1 
ATOM 266  C CB   . ALA A 1 17 ? 6.018   -0.280  -9.381  1.00 0.41 ? 17 ALA A CB   1 
ATOM 267  H H    . ALA A 1 17 ? 8.448   -0.632  -9.482  1.00 0.37 ? 17 ALA A H    1 
ATOM 268  H HA   . ALA A 1 17 ? 6.314   -2.086  -8.248  1.00 0.36 ? 17 ALA A HA   1 
ATOM 269  H HB1  . ALA A 1 17 ? 5.000   -0.258  -9.018  1.00 1.05 ? 17 ALA A HB1  1 
ATOM 270  H HB2  . ALA A 1 17 ? 6.033   -0.009  -10.426 1.00 1.08 ? 17 ALA A HB2  1 
ATOM 271  H HB3  . ALA A 1 17 ? 6.615   0.422   -8.818  1.00 1.14 ? 17 ALA A HB3  1 
ATOM 272  N N    . LEU A 1 18 ? 6.645   -2.464  -11.512 1.00 0.42 ? 18 LEU A N    1 
ATOM 273  C CA   . LEU A 1 18 ? 6.274   -3.392  -12.619 1.00 0.47 ? 18 LEU A CA   1 
ATOM 274  C C    . LEU A 1 18 ? 6.614   -4.825  -12.218 1.00 0.45 ? 18 LEU A C    1 
ATOM 275  O O    . LEU A 1 18 ? 5.787   -5.711  -12.286 1.00 0.47 ? 18 LEU A O    1 
ATOM 276  C CB   . LEU A 1 18 ? 7.128   -2.950  -13.810 1.00 0.57 ? 18 LEU A CB   1 
ATOM 277  C CG   . LEU A 1 18 ? 6.227   -2.543  -14.978 1.00 1.01 ? 18 LEU A CG   1 
ATOM 278  C CD1  . LEU A 1 18 ? 6.602   -1.137  -15.447 1.00 1.61 ? 18 LEU A CD1  1 
ATOM 279  C CD2  . LEU A 1 18 ? 6.414   -3.531  -16.132 1.00 1.36 ? 18 LEU A CD2  1 
ATOM 280  H H    . LEU A 1 18 ? 7.340   -1.787  -11.652 1.00 0.43 ? 18 LEU A H    1 
ATOM 281  H HA   . LEU A 1 18 ? 5.228   -3.306  -12.856 1.00 0.51 ? 18 LEU A HA   1 
ATOM 282  H HB2  . LEU A 1 18 ? 7.741   -2.109  -13.520 1.00 0.83 ? 18 LEU A HB2  1 
ATOM 283  H HB3  . LEU A 1 18 ? 7.766   -3.768  -14.117 1.00 0.87 ? 18 LEU A HB3  1 
ATOM 284  H HG   . LEU A 1 18 ? 5.195   -2.553  -14.662 1.00 1.51 ? 18 LEU A HG   1 
ATOM 285  H HD11 . LEU A 1 18 ? 6.569   -1.095  -16.526 1.00 2.14 ? 18 LEU A HD11 1 
ATOM 286  H HD12 . LEU A 1 18 ? 7.599   -0.898  -15.108 1.00 2.14 ? 18 LEU A HD12 1 
ATOM 287  H HD13 . LEU A 1 18 ? 5.903   -0.422  -15.038 1.00 1.94 ? 18 LEU A HD13 1 
ATOM 288  H HD21 . LEU A 1 18 ? 6.415   -2.995  -17.069 1.00 1.76 ? 18 LEU A HD21 1 
ATOM 289  H HD22 . LEU A 1 18 ? 5.606   -4.248  -16.128 1.00 1.77 ? 18 LEU A HD22 1 
ATOM 290  H HD23 . LEU A 1 18 ? 7.355   -4.049  -16.013 1.00 1.88 ? 18 LEU A HD23 1 
ATOM 291  N N    . ASP A 1 19 ? 7.788   -5.034  -11.694 1.00 0.45 ? 19 ASP A N    1 
ATOM 292  C CA   . ASP A 1 19 ? 8.129   -6.383  -11.167 1.00 0.49 ? 19 ASP A CA   1 
ATOM 293  C C    . ASP A 1 19 ? 7.152   -6.764  -10.050 1.00 0.45 ? 19 ASP A C    1 
ATOM 294  O O    . ASP A 1 19 ? 6.700   -7.889  -9.964  1.00 0.51 ? 19 ASP A O    1 
ATOM 295  C CB   . ASP A 1 19 ? 9.550   -6.247  -10.619 1.00 0.55 ? 19 ASP A CB   1 
ATOM 296  C CG   . ASP A 1 19 ? 10.056  -7.618  -10.165 1.00 0.67 ? 19 ASP A CG   1 
ATOM 297  O OD1  . ASP A 1 19 ? 9.246   -8.524  -10.070 1.00 1.23 ? 19 ASP A OD1  1 
ATOM 298  O OD2  . ASP A 1 19 ? 11.246  -7.738  -9.924  1.00 1.36 ? 19 ASP A OD2  1 
ATOM 299  H H    . ASP A 1 19 ? 8.412   -4.286  -11.573 1.00 0.45 ? 19 ASP A H    1 
ATOM 300  H HA   . ASP A 1 19 ? 8.105   -7.116  -11.959 1.00 0.55 ? 19 ASP A HA   1 
ATOM 301  H HB2  . ASP A 1 19 ? 10.198  -5.860  -11.392 1.00 0.62 ? 19 ASP A HB2  1 
ATOM 302  H HB3  . ASP A 1 19 ? 9.548   -5.568  -9.778  1.00 0.49 ? 19 ASP A HB3  1 
ATOM 303  N N    . LEU A 1 20 ? 6.801   -5.826  -9.209  1.00 0.42 ? 20 LEU A N    1 
ATOM 304  C CA   . LEU A 1 20 ? 5.829   -6.123  -8.118  1.00 0.47 ? 20 LEU A CA   1 
ATOM 305  C C    . LEU A 1 20 ? 4.453   -6.456  -8.709  1.00 0.43 ? 20 LEU A C    1 
ATOM 306  O O    . LEU A 1 20 ? 3.785   -7.375  -8.277  1.00 0.48 ? 20 LEU A O    1 
ATOM 307  C CB   . LEU A 1 20 ? 5.801   -4.842  -7.260  1.00 0.53 ? 20 LEU A CB   1 
ATOM 308  C CG   . LEU A 1 20 ? 4.431   -4.154  -7.330  1.00 0.66 ? 20 LEU A CG   1 
ATOM 309  C CD1  . LEU A 1 20 ? 3.391   -4.997  -6.587  1.00 1.11 ? 20 LEU A CD1  1 
ATOM 310  C CD2  . LEU A 1 20 ? 4.527   -2.774  -6.675  1.00 0.88 ? 20 LEU A CD2  1 
ATOM 311  H H    . LEU A 1 20 ? 7.157   -4.918  -9.312  1.00 0.41 ? 20 LEU A H    1 
ATOM 312  H HA   . LEU A 1 20 ? 6.185   -6.950  -7.524  1.00 0.55 ? 20 LEU A HA   1 
ATOM 313  H HB2  . LEU A 1 20 ? 6.014   -5.101  -6.232  1.00 0.77 ? 20 LEU A HB2  1 
ATOM 314  H HB3  . LEU A 1 20 ? 6.559   -4.160  -7.619  1.00 0.71 ? 20 LEU A HB3  1 
ATOM 315  H HG   . LEU A 1 20 ? 4.136   -4.040  -8.360  1.00 1.02 ? 20 LEU A HG   1 
ATOM 316  H HD11 . LEU A 1 20 ? 2.549   -5.181  -7.236  1.00 1.64 ? 20 LEU A HD11 1 
ATOM 317  H HD12 . LEU A 1 20 ? 3.059   -4.466  -5.708  1.00 1.41 ? 20 LEU A HD12 1 
ATOM 318  H HD13 . LEU A 1 20 ? 3.834   -5.938  -6.295  1.00 1.80 ? 20 LEU A HD13 1 
ATOM 319  H HD21 . LEU A 1 20 ? 5.564   -2.530  -6.503  1.00 1.59 ? 20 LEU A HD21 1 
ATOM 320  H HD22 . LEU A 1 20 ? 3.998   -2.785  -5.733  1.00 1.31 ? 20 LEU A HD22 1 
ATOM 321  H HD23 . LEU A 1 20 ? 4.086   -2.035  -7.328  1.00 1.32 ? 20 LEU A HD23 1 
ATOM 322  N N    . LEU A 1 21 ? 4.017   -5.696  -9.674  1.00 0.40 ? 21 LEU A N    1 
ATOM 323  C CA   . LEU A 1 21 ? 2.674   -5.942  -10.271 1.00 0.43 ? 21 LEU A CA   1 
ATOM 324  C C    . LEU A 1 21 ? 2.594   -7.366  -10.824 1.00 0.43 ? 21 LEU A C    1 
ATOM 325  O O    . LEU A 1 21 ? 1.712   -8.129  -10.483 1.00 0.42 ? 21 LEU A O    1 
ATOM 326  C CB   . LEU A 1 21 ? 2.557   -4.918  -11.401 1.00 0.52 ? 21 LEU A CB   1 
ATOM 327  C CG   . LEU A 1 21 ? 2.051   -3.587  -10.837 1.00 0.80 ? 21 LEU A CG   1 
ATOM 328  C CD1  . LEU A 1 21 ? 3.055   -2.477  -11.157 1.00 1.55 ? 21 LEU A CD1  1 
ATOM 329  C CD2  . LEU A 1 21 ? 0.702   -3.248  -11.473 1.00 1.17 ? 21 LEU A CD2  1 
ATOM 330  H H    . LEU A 1 21 ? 4.564   -4.948  -9.989  1.00 0.43 ? 21 LEU A H    1 
ATOM 331  H HA   . LEU A 1 21 ? 1.898   -5.775  -9.541  1.00 0.49 ? 21 LEU A HA   1 
ATOM 332  H HB2  . LEU A 1 21 ? 3.526   -4.771  -11.855 1.00 1.01 ? 21 LEU A HB2  1 
ATOM 333  H HB3  . LEU A 1 21 ? 1.863   -5.281  -12.146 1.00 1.08 ? 21 LEU A HB3  1 
ATOM 334  H HG   . LEU A 1 21 ? 1.934   -3.671  -9.767  1.00 1.29 ? 21 LEU A HG   1 
ATOM 335  H HD11 . LEU A 1 21 ? 3.780   -2.840  -11.868 1.00 1.98 ? 21 LEU A HD11 1 
ATOM 336  H HD12 . LEU A 1 21 ? 3.560   -2.175  -10.250 1.00 1.91 ? 21 LEU A HD12 1 
ATOM 337  H HD13 . LEU A 1 21 ? 2.533   -1.629  -11.577 1.00 2.18 ? 21 LEU A HD13 1 
ATOM 338  H HD21 . LEU A 1 21 ? 0.725   -2.234  -11.846 1.00 1.64 ? 21 LEU A HD21 1 
ATOM 339  H HD22 . LEU A 1 21 ? -0.080  -3.341  -10.733 1.00 1.47 ? 21 LEU A HD22 1 
ATOM 340  H HD23 . LEU A 1 21 ? 0.507   -3.927  -12.291 1.00 1.77 ? 21 LEU A HD23 1 
ATOM 341  N N    . GLU A 1 22 ? 3.526   -7.738  -11.657 1.00 0.47 ? 22 GLU A N    1 
ATOM 342  C CA   . GLU A 1 22 ? 3.525   -9.123  -12.213 1.00 0.49 ? 22 GLU A CA   1 
ATOM 343  C C    . GLU A 1 22 ? 3.692   -10.158 -11.094 1.00 0.43 ? 22 GLU A C    1 
ATOM 344  O O    . GLU A 1 22 ? 3.175   -11.255 -11.170 1.00 0.42 ? 22 GLU A O    1 
ATOM 345  C CB   . GLU A 1 22 ? 4.720   -9.166  -13.165 1.00 0.59 ? 22 GLU A CB   1 
ATOM 346  C CG   . GLU A 1 22 ? 4.815   -10.554 -13.799 1.00 1.26 ? 22 GLU A CG   1 
ATOM 347  C CD   . GLU A 1 22 ? 6.011   -10.599 -14.753 1.00 1.71 ? 22 GLU A CD   1 
ATOM 348  O OE1  . GLU A 1 22 ? 6.573   -9.549  -15.018 1.00 2.41 ? 22 GLU A OE1  1 
ATOM 349  O OE2  . GLU A 1 22 ? 6.346   -11.684 -15.202 1.00 2.07 ? 22 GLU A OE2  1 
ATOM 350  H H    . GLU A 1 22 ? 4.239   -7.110  -11.906 1.00 0.50 ? 22 GLU A H    1 
ATOM 351  H HA   . GLU A 1 22 ? 2.614   -9.306  -12.760 1.00 0.53 ? 22 GLU A HA   1 
ATOM 352  H HB2  . GLU A 1 22 ? 4.590   -8.425  -13.940 1.00 0.89 ? 22 GLU A HB2  1 
ATOM 353  H HB3  . GLU A 1 22 ? 5.626   -8.958  -12.615 1.00 0.99 ? 22 GLU A HB3  1 
ATOM 354  H HG2  . GLU A 1 22 ? 4.945   -11.295 -13.025 1.00 1.84 ? 22 GLU A HG2  1 
ATOM 355  H HG3  . GLU A 1 22 ? 3.909   -10.764 -14.348 1.00 1.61 ? 22 GLU A HG3  1 
ATOM 356  N N    . GLN A 1 23 ? 4.537   -9.876  -10.139 1.00 0.45 ? 23 GLN A N    1 
ATOM 357  C CA   . GLN A 1 23 ? 4.884   -10.907 -9.115  1.00 0.46 ? 23 GLN A CA   1 
ATOM 358  C C    . GLN A 1 23 ? 3.636   -11.361 -8.348  1.00 0.41 ? 23 GLN A C    1 
ATOM 359  O O    . GLN A 1 23 ? 3.488   -12.522 -8.020  1.00 0.42 ? 23 GLN A O    1 
ATOM 360  C CB   . GLN A 1 23 ? 5.860   -10.204 -8.172  1.00 0.56 ? 23 GLN A CB   1 
ATOM 361  C CG   . GLN A 1 23 ? 6.525   -11.235 -7.259  1.00 0.97 ? 23 GLN A CG   1 
ATOM 362  C CD   . GLN A 1 23 ? 7.544   -12.046 -8.064  1.00 1.42 ? 23 GLN A CD   1 
ATOM 363  O OE1  . GLN A 1 23 ? 8.566   -11.527 -8.465  1.00 1.72 ? 23 GLN A OE1  1 
ATOM 364  N NE2  . GLN A 1 23 ? 7.309   -13.305 -8.315  1.00 2.35 ? 23 GLN A NE2  1 
ATOM 365  H H    . GLN A 1 23 ? 5.029   -9.028  -10.162 1.00 0.48 ? 23 GLN A H    1 
ATOM 366  H HA   . GLN A 1 23 ? 5.367   -11.751 -9.580  1.00 0.48 ? 23 GLN A HA   1 
ATOM 367  H HB2  . GLN A 1 23 ? 6.617   -9.697  -8.752  1.00 1.01 ? 23 GLN A HB2  1 
ATOM 368  H HB3  . GLN A 1 23 ? 5.324   -9.484  -7.572  1.00 1.14 ? 23 GLN A HB3  1 
ATOM 369  H HG2  . GLN A 1 23 ? 7.027   -10.728 -6.448  1.00 1.65 ? 23 GLN A HG2  1 
ATOM 370  H HG3  . GLN A 1 23 ? 5.773   -11.900 -6.858  1.00 1.61 ? 23 GLN A HG3  1 
ATOM 371  H HE21 . GLN A 1 23 ? 6.486   -13.724 -7.990  1.00 2.76 ? 23 GLN A HE21 1 
ATOM 372  H HE22 . GLN A 1 23 ? 7.958   -13.830 -8.830  1.00 2.87 ? 23 GLN A HE22 1 
ATOM 373  N N    . ILE A 1 24 ? 2.778   -10.445 -7.989  1.00 0.40 ? 24 ILE A N    1 
ATOM 374  C CA   . ILE A 1 24 ? 1.591   -10.816 -7.161  1.00 0.38 ? 24 ILE A CA   1 
ATOM 375  C C    . ILE A 1 24 ? 0.675   -11.767 -7.934  1.00 0.38 ? 24 ILE A C    1 
ATOM 376  O O    . ILE A 1 24 ? 0.278   -12.799 -7.436  1.00 0.42 ? 24 ILE A O    1 
ATOM 377  C CB   . ILE A 1 24 ? 0.882   -9.492  -6.880  1.00 0.44 ? 24 ILE A CB   1 
ATOM 378  C CG1  . ILE A 1 24 ? 1.814   -8.579  -6.079  1.00 0.58 ? 24 ILE A CG1  1 
ATOM 379  C CG2  . ILE A 1 24 ? -0.391  -9.754  -6.074  1.00 0.44 ? 24 ILE A CG2  1 
ATOM 380  C CD1  . ILE A 1 24 ? 1.275   -7.148  -6.101  1.00 0.63 ? 24 ILE A CD1  1 
ATOM 381  H H    . ILE A 1 24 ? 2.944   -9.505  -8.212  1.00 0.43 ? 24 ILE A H    1 
ATOM 382  H HA   . ILE A 1 24 ? 1.902   -11.271 -6.233  1.00 0.40 ? 24 ILE A HA   1 
ATOM 383  H HB   . ILE A 1 24 ? 0.626   -9.015  -7.815  1.00 0.49 ? 24 ILE A HB   1 
ATOM 384  H HG12 . ILE A 1 24 ? 1.866   -8.928  -5.058  1.00 1.07 ? 24 ILE A HG12 1 
ATOM 385  H HG13 . ILE A 1 24 ? 2.801   -8.599  -6.516  1.00 1.08 ? 24 ILE A HG13 1 
ATOM 386  H HG21 . ILE A 1 24 ? -0.488  -10.815 -5.890  1.00 1.17 ? 24 ILE A HG21 1 
ATOM 387  H HG22 . ILE A 1 24 ? -1.248  -9.406  -6.631  1.00 0.92 ? 24 ILE A HG22 1 
ATOM 388  H HG23 . ILE A 1 24 ? -0.335  -9.230  -5.132  1.00 1.08 ? 24 ILE A HG23 1 
ATOM 389  H HD11 . ILE A 1 24 ? 0.238   -7.149  -5.798  1.00 1.21 ? 24 ILE A HD11 1 
ATOM 390  H HD12 . ILE A 1 24 ? 1.357   -6.749  -7.101  1.00 1.23 ? 24 ILE A HD12 1 
ATOM 391  H HD13 . ILE A 1 24 ? 1.849   -6.537  -5.421  1.00 1.35 ? 24 ILE A HD13 1 
ATOM 392  N N    . LYS A 1 25 ? 0.369   -11.458 -9.160  1.00 0.41 ? 25 LYS A N    1 
ATOM 393  C CA   . LYS A 1 25 ? -0.477  -12.391 -9.955  1.00 0.48 ? 25 LYS A CA   1 
ATOM 394  C C    . LYS A 1 25 ? 0.244   -13.731 -10.138 1.00 0.50 ? 25 LYS A C    1 
ATOM 395  O O    . LYS A 1 25 ? -0.289  -14.779 -9.834  1.00 0.60 ? 25 LYS A O    1 
ATOM 396  C CB   . LYS A 1 25 ? -0.674  -11.692 -11.299 1.00 0.54 ? 25 LYS A CB   1 
ATOM 397  C CG   . LYS A 1 25 ? -1.633  -10.514 -11.126 1.00 1.43 ? 25 LYS A CG   1 
ATOM 398  C CD   . LYS A 1 25 ? -1.566  -9.618  -12.364 1.00 1.64 ? 25 LYS A CD   1 
ATOM 399  C CE   . LYS A 1 25 ? -2.961  -9.076  -12.677 1.00 2.66 ? 25 LYS A CE   1 
ATOM 400  N NZ   . LYS A 1 25 ? -3.278  -9.613  -14.031 1.00 2.93 ? 25 LYS A NZ   1 
ATOM 401  H H    . LYS A 1 25 ? 0.719   -10.639 -9.567  1.00 0.42 ? 25 LYS A H    1 
ATOM 402  H HA   . LYS A 1 25 ? -1.429  -12.538 -9.471  1.00 0.54 ? 25 LYS A HA   1 
ATOM 403  H HB2  . LYS A 1 25 ? 0.278   -11.332 -11.661 1.00 0.98 ? 25 LYS A HB2  1 
ATOM 404  H HB3  . LYS A 1 25 ? -1.088  -12.392 -12.011 1.00 0.92 ? 25 LYS A HB3  1 
ATOM 405  H HG2  . LYS A 1 25 ? -2.640  -10.883 -11.003 1.00 2.04 ? 25 LYS A HG2  1 
ATOM 406  H HG3  . LYS A 1 25 ? -1.350  -9.944  -10.253 1.00 1.98 ? 25 LYS A HG3  1 
ATOM 407  H HD2  . LYS A 1 25 ? -0.895  -8.793  -12.175 1.00 1.71 ? 25 LYS A HD2  1 
ATOM 408  H HD3  . LYS A 1 25 ? -1.205  -10.191 -13.204 1.00 1.74 ? 25 LYS A HD3  1 
ATOM 409  H HE2  . LYS A 1 25 ? -3.678  -9.435  -11.954 1.00 3.19 ? 25 LYS A HE2  1 
ATOM 410  H HE3  . LYS A 1 25 ? -2.951  -7.996  -12.695 1.00 3.17 ? 25 LYS A HE3  1 
ATOM 411  H HZ1  . LYS A 1 25 ? -3.935  -8.970  -14.516 1.00 3.30 ? 25 LYS A HZ1  1 
ATOM 412  H HZ2  . LYS A 1 25 ? -3.717  -10.552 -13.937 1.00 3.14 ? 25 LYS A HZ2  1 
ATOM 413  H HZ3  . LYS A 1 25 ? -2.402  -9.694  -14.587 1.00 3.16 ? 25 LYS A HZ3  1 
ATOM 414  N N    . ASN A 1 26 ? 1.467   -13.700 -10.596 1.00 0.47 ? 26 ASN A N    1 
ATOM 415  C CA   . ASN A 1 26 ? 2.238   -14.967 -10.752 1.00 0.55 ? 26 ASN A CA   1 
ATOM 416  C C    . ASN A 1 26 ? 2.412   -15.669 -9.400  1.00 0.61 ? 26 ASN A C    1 
ATOM 417  O O    . ASN A 1 26 ? 2.322   -16.877 -9.303  1.00 0.79 ? 26 ASN A O    1 
ATOM 418  C CB   . ASN A 1 26 ? 3.593   -14.539 -11.319 1.00 0.58 ? 26 ASN A CB   1 
ATOM 419  C CG   . ASN A 1 26 ? 3.417   -14.092 -12.770 1.00 1.10 ? 26 ASN A CG   1 
ATOM 420  O OD1  . ASN A 1 26 ? 3.668   -12.951 -13.101 1.00 1.79 ? 26 ASN A OD1  1 
ATOM 421  N ND2  . ASN A 1 26 ? 2.993   -14.950 -13.658 1.00 1.71 ? 26 ASN A ND2  1 
ATOM 422  H H    . ASN A 1 26 ? 1.889   -12.841 -10.806 1.00 0.45 ? 26 ASN A H    1 
ATOM 423  H HA   . ASN A 1 26 ? 1.742   -15.621 -11.451 1.00 0.62 ? 26 ASN A HA   1 
ATOM 424  H HB2  . ASN A 1 26 ? 3.986   -13.720 -10.735 1.00 0.83 ? 26 ASN A HB2  1 
ATOM 425  H HB3  . ASN A 1 26 ? 4.279   -15.372 -11.278 1.00 1.03 ? 26 ASN A HB3  1 
ATOM 426  H HD21 . ASN A 1 26 ? 2.791   -15.871 -13.391 1.00 2.09 ? 26 ASN A HD21 1 
ATOM 427  H HD22 . ASN A 1 26 ? 2.877   -14.674 -14.590 1.00 2.18 ? 26 ASN A HD22 1 
ATOM 428  N N    . GLY A 1 27 ? 2.689   -14.926 -8.362  1.00 0.54 ? 27 GLY A N    1 
ATOM 429  C CA   . GLY A 1 27 ? 2.901   -15.557 -7.028  1.00 0.65 ? 27 GLY A CA   1 
ATOM 430  C C    . GLY A 1 27 ? 1.682   -15.299 -6.142  1.00 0.55 ? 27 GLY A C    1 
ATOM 431  O O    . GLY A 1 27 ? 0.947   -16.208 -5.810  1.00 0.72 ? 27 GLY A O    1 
ATOM 432  H H    . GLY A 1 27 ? 2.778   -13.955 -8.464  1.00 0.48 ? 27 GLY A H    1 
ATOM 433  H HA2  . GLY A 1 27 ? 3.038   -16.622 -7.150  1.00 0.79 ? 27 GLY A HA2  1 
ATOM 434  H HA3  . GLY A 1 27 ? 3.779   -15.131 -6.563  1.00 0.73 ? 27 GLY A HA3  1 
ATOM 435  N N    . ALA A 1 28 ? 1.436   -14.052 -5.818  1.00 0.45 ? 28 ALA A N    1 
ATOM 436  C CA   . ALA A 1 28 ? 0.225   -13.670 -5.020  1.00 0.46 ? 28 ALA A CA   1 
ATOM 437  C C    . ALA A 1 28 ? 0.532   -13.707 -3.525  1.00 0.55 ? 28 ALA A C    1 
ATOM 438  O O    . ALA A 1 28 ? 0.501   -14.744 -2.894  1.00 1.21 ? 28 ALA A O    1 
ATOM 439  C CB   . ALA A 1 28 ? -0.872  -14.672 -5.381  1.00 0.57 ? 28 ALA A CB   1 
ATOM 440  H H    . ALA A 1 28 ? 2.031   -13.346 -6.150  1.00 0.53 ? 28 ALA A H    1 
ATOM 441  H HA   . ALA A 1 28 ? -0.089  -12.678 -5.294  1.00 0.44 ? 28 ALA A HA   1 
ATOM 442  H HB1  . ALA A 1 28 ? -0.779  -14.945 -6.422  1.00 1.15 ? 28 ALA A HB1  1 
ATOM 443  H HB2  . ALA A 1 28 ? -1.839  -14.223 -5.212  1.00 1.23 ? 28 ALA A HB2  1 
ATOM 444  H HB3  . ALA A 1 28 ? -0.772  -15.554 -4.766  1.00 1.19 ? 28 ALA A HB3  1 
ATOM 445  N N    . ASP A 1 29 ? 0.848   -12.575 -2.964  1.00 0.52 ? 29 ASP A N    1 
ATOM 446  C CA   . ASP A 1 29 ? 1.182   -12.522 -1.515  1.00 0.49 ? 29 ASP A CA   1 
ATOM 447  C C    . ASP A 1 29 ? 1.465   -11.075 -1.109  1.00 0.40 ? 29 ASP A C    1 
ATOM 448  O O    . ASP A 1 29 ? 2.591   -10.627 -1.128  1.00 0.41 ? 29 ASP A O    1 
ATOM 449  C CB   . ASP A 1 29 ? 2.436   -13.381 -1.382  1.00 0.60 ? 29 ASP A CB   1 
ATOM 450  C CG   . ASP A 1 29 ? 2.120   -14.621 -0.543  1.00 0.76 ? 29 ASP A CG   1 
ATOM 451  O OD1  . ASP A 1 29 ? 1.398   -14.485 0.431   1.00 1.31 ? 29 ASP A OD1  1 
ATOM 452  O OD2  . ASP A 1 29 ? 2.607   -15.685 -0.888  1.00 1.56 ? 29 ASP A OD2  1 
ATOM 453  H H    . ASP A 1 29 ? 0.878   -11.756 -3.500  1.00 1.02 ? 29 ASP A H    1 
ATOM 454  H HA   . ASP A 1 29 ? 0.381   -12.937 -0.924  1.00 0.55 ? 29 ASP A HA   1 
ATOM 455  H HB2  . ASP A 1 29 ? 2.762   -13.685 -2.367  1.00 0.77 ? 29 ASP A HB2  1 
ATOM 456  H HB3  . ASP A 1 29 ? 3.217   -12.809 -0.903  1.00 0.74 ? 29 ASP A HB3  1 
ATOM 457  N N    . PHE A 1 30 ? 0.443   -10.316 -0.830  1.00 0.39 ? 30 PHE A N    1 
ATOM 458  C CA   . PHE A 1 30 ? 0.654   -8.871  -0.530  1.00 0.40 ? 30 PHE A CA   1 
ATOM 459  C C    . PHE A 1 30 ? 1.415   -8.698  0.789   1.00 0.42 ? 30 PHE A C    1 
ATOM 460  O O    . PHE A 1 30 ? 2.324   -7.897  0.889   1.00 0.43 ? 30 PHE A O    1 
ATOM 461  C CB   . PHE A 1 30 ? -0.751  -8.270  -0.432  1.00 0.46 ? 30 PHE A CB   1 
ATOM 462  C CG   . PHE A 1 30 ? -1.140  -7.674  -1.768  1.00 0.88 ? 30 PHE A CG   1 
ATOM 463  C CD1  . PHE A 1 30 ? -0.765  -6.360  -2.080  1.00 1.29 ? 30 PHE A CD1  1 
ATOM 464  C CD2  . PHE A 1 30 ? -1.869  -8.432  -2.697  1.00 1.37 ? 30 PHE A CD2  1 
ATOM 465  C CE1  . PHE A 1 30 ? -1.119  -5.804  -3.315  1.00 1.86 ? 30 PHE A CE1  1 
ATOM 466  C CE2  . PHE A 1 30 ? -2.221  -7.874  -3.933  1.00 1.92 ? 30 PHE A CE2  1 
ATOM 467  C CZ   . PHE A 1 30 ? -1.846  -6.561  -4.242  1.00 2.10 ? 30 PHE A CZ   1 
ATOM 468  H H    . PHE A 1 30 ? -0.464  -10.679 -0.882  1.00 0.44 ? 30 PHE A H    1 
ATOM 469  H HA   . PHE A 1 30 ? 1.196   -8.400  -1.336  1.00 0.39 ? 30 PHE A HA   1 
ATOM 470  H HB2  . PHE A 1 30 ? -1.455  -9.044  -0.165  1.00 0.71 ? 30 PHE A HB2  1 
ATOM 471  H HB3  . PHE A 1 30 ? -0.759  -7.496  0.322   1.00 0.65 ? 30 PHE A HB3  1 
ATOM 472  H HD1  . PHE A 1 30 ? -0.205  -5.776  -1.365  1.00 1.39 ? 30 PHE A HD1  1 
ATOM 473  H HD2  . PHE A 1 30 ? -2.162  -9.443  -2.462  1.00 1.52 ? 30 PHE A HD2  1 
ATOM 474  H HE1  . PHE A 1 30 ? -0.830  -4.791  -3.554  1.00 2.27 ? 30 PHE A HE1  1 
ATOM 475  H HE2  . PHE A 1 30 ? -2.783  -8.458  -4.648  1.00 2.35 ? 30 PHE A HE2  1 
ATOM 476  H HZ   . PHE A 1 30 ? -2.119  -6.132  -5.195  1.00 2.59 ? 30 PHE A HZ   1 
ATOM 477  N N    . GLY A 1 31 ? 1.056   -9.439  1.800   1.00 0.49 ? 31 GLY A N    1 
ATOM 478  C CA   . GLY A 1 31 ? 1.765   -9.303  3.104   1.00 0.56 ? 31 GLY A CA   1 
ATOM 479  C C    . GLY A 1 31 ? 3.225   -9.741  2.949   1.00 0.54 ? 31 GLY A C    1 
ATOM 480  O O    . GLY A 1 31 ? 4.140   -9.046  3.348   1.00 0.53 ? 31 GLY A O    1 
ATOM 481  H H    . GLY A 1 31 ? 0.322   -10.080 1.703   1.00 0.52 ? 31 GLY A H    1 
ATOM 482  H HA2  . GLY A 1 31 ? 1.733   -8.271  3.425   1.00 0.58 ? 31 GLY A HA2  1 
ATOM 483  H HA3  . GLY A 1 31 ? 1.280   -9.923  3.843   1.00 0.65 ? 31 GLY A HA3  1 
ATOM 484  N N    . LYS A 1 32 ? 3.453   -10.903 2.401   1.00 0.57 ? 32 LYS A N    1 
ATOM 485  C CA   . LYS A 1 32 ? 4.853   -11.394 2.263   1.00 0.63 ? 32 LYS A CA   1 
ATOM 486  C C    . LYS A 1 32 ? 5.641   -10.528 1.277   1.00 0.54 ? 32 LYS A C    1 
ATOM 487  O O    . LYS A 1 32 ? 6.798   -10.235 1.492   1.00 0.59 ? 32 LYS A O    1 
ATOM 488  C CB   . LYS A 1 32 ? 4.739   -12.834 1.763   1.00 0.74 ? 32 LYS A CB   1 
ATOM 489  C CG   . LYS A 1 32 ? 4.226   -13.719 2.901   1.00 1.60 ? 32 LYS A CG   1 
ATOM 490  C CD   . LYS A 1 32 ? 4.386   -15.191 2.520   1.00 1.80 ? 32 LYS A CD   1 
ATOM 491  C CE   . LYS A 1 32 ? 4.451   -16.039 3.793   1.00 2.79 ? 32 LYS A CE   1 
ATOM 492  N NZ   . LYS A 1 32 ? 5.881   -15.986 4.214   1.00 2.95 ? 32 LYS A NZ   1 
ATOM 493  H H    . LYS A 1 32 ? 2.704   -11.463 2.105   1.00 0.60 ? 32 LYS A H    1 
ATOM 494  H HA   . LYS A 1 32 ? 5.340   -11.387 3.226   1.00 0.71 ? 32 LYS A HA   1 
ATOM 495  H HB2  . LYS A 1 32 ? 4.046   -12.874 0.934   1.00 0.90 ? 32 LYS A HB2  1 
ATOM 496  H HB3  . LYS A 1 32 ? 5.708   -13.183 1.441   1.00 1.11 ? 32 LYS A HB3  1 
ATOM 497  H HG2  . LYS A 1 32 ? 4.792   -13.515 3.798   1.00 2.18 ? 32 LYS A HG2  1 
ATOM 498  H HG3  . LYS A 1 32 ? 3.181   -13.506 3.079   1.00 2.06 ? 32 LYS A HG3  1 
ATOM 499  H HD2  . LYS A 1 32 ? 3.544   -15.503 1.921   1.00 1.68 ? 32 LYS A HD2  1 
ATOM 500  H HD3  . LYS A 1 32 ? 5.297   -15.320 1.955   1.00 2.07 ? 32 LYS A HD3  1 
ATOM 501  H HE2  . LYS A 1 32 ? 3.818   -15.615 4.559   1.00 3.36 ? 32 LYS A HE2  1 
ATOM 502  H HE3  . LYS A 1 32 ? 4.158   -17.057 3.583   1.00 3.26 ? 32 LYS A HE3  1 
ATOM 503  H HZ1  . LYS A 1 32 ? 5.944   -16.098 5.245   1.00 3.44 ? 32 LYS A HZ1  1 
ATOM 504  H HZ2  . LYS A 1 32 ? 6.289   -15.070 3.937   1.00 2.97 ? 32 LYS A HZ2  1 
ATOM 505  H HZ3  . LYS A 1 32 ? 6.408   -16.754 3.751   1.00 3.16 ? 32 LYS A HZ3  1 
ATOM 506  N N    . LEU A 1 33 ? 5.028   -10.092 0.211   1.00 0.46 ? 33 LEU A N    1 
ATOM 507  C CA   . LEU A 1 33 ? 5.761   -9.221  -0.753  1.00 0.44 ? 33 LEU A CA   1 
ATOM 508  C C    . LEU A 1 33 ? 6.189   -7.921  -0.070  1.00 0.39 ? 33 LEU A C    1 
ATOM 509  O O    . LEU A 1 33 ? 7.305   -7.471  -0.227  1.00 0.44 ? 33 LEU A O    1 
ATOM 510  C CB   . LEU A 1 33 ? 4.775   -8.938  -1.885  1.00 0.44 ? 33 LEU A CB   1 
ATOM 511  C CG   . LEU A 1 33 ? 4.611   -10.195 -2.740  1.00 1.32 ? 33 LEU A CG   1 
ATOM 512  C CD1  . LEU A 1 33 ? 3.457   -9.996  -3.724  1.00 1.55 ? 33 LEU A CD1  1 
ATOM 513  C CD2  . LEU A 1 33 ? 5.904   -10.452 -3.517  1.00 1.96 ? 33 LEU A CD2  1 
ATOM 514  H H    . LEU A 1 33 ? 4.089   -10.317 0.055   1.00 0.45 ? 33 LEU A H    1 
ATOM 515  H HA   . LEU A 1 33 ? 6.624   -9.739  -1.141  1.00 0.53 ? 33 LEU A HA   1 
ATOM 516  H HB2  . LEU A 1 33 ? 3.817   -8.659  -1.468  1.00 0.75 ? 33 LEU A HB2  1 
ATOM 517  H HB3  . LEU A 1 33 ? 5.151   -8.131  -2.498  1.00 0.93 ? 33 LEU A HB3  1 
ATOM 518  H HG   . LEU A 1 33 ? 4.399   -11.041 -2.103  1.00 2.02 ? 33 LEU A HG   1 
ATOM 519  H HD11 . LEU A 1 33 ? 3.593   -9.065  -4.254  1.00 1.94 ? 33 LEU A HD11 1 
ATOM 520  H HD12 . LEU A 1 33 ? 2.522   -9.969  -3.183  1.00 2.08 ? 33 LEU A HD12 1 
ATOM 521  H HD13 . LEU A 1 33 ? 3.440   -10.813 -4.430  1.00 1.86 ? 33 LEU A HD13 1 
ATOM 522  H HD21 . LEU A 1 33 ? 6.362   -11.363 -3.162  1.00 2.39 ? 33 LEU A HD21 1 
ATOM 523  H HD22 . LEU A 1 33 ? 6.583   -9.625  -3.367  1.00 2.39 ? 33 LEU A HD22 1 
ATOM 524  H HD23 . LEU A 1 33 ? 5.679   -10.548 -4.568  1.00 2.40 ? 33 LEU A HD23 1 
ATOM 525  N N    . ALA A 1 34 ? 5.350   -7.359  0.755   1.00 0.36 ? 34 ALA A N    1 
ATOM 526  C CA   . ALA A 1 34 ? 5.770   -6.148  1.513   1.00 0.42 ? 34 ALA A CA   1 
ATOM 527  C C    . ALA A 1 34 ? 6.985   -6.485  2.381   1.00 0.48 ? 34 ALA A C    1 
ATOM 528  O O    . ALA A 1 34 ? 7.952   -5.751  2.426   1.00 0.55 ? 34 ALA A O    1 
ATOM 529  C CB   . ALA A 1 34 ? 4.568   -5.789  2.387   1.00 0.46 ? 34 ALA A CB   1 
ATOM 530  H H    . ALA A 1 34 ? 4.473   -7.766  0.923   1.00 0.36 ? 34 ALA A H    1 
ATOM 531  H HA   . ALA A 1 34 ? 5.997   -5.337  0.838   1.00 0.45 ? 34 ALA A HA   1 
ATOM 532  H HB1  . ALA A 1 34 ? 4.695   -4.792  2.783   1.00 1.26 ? 34 ALA A HB1  1 
ATOM 533  H HB2  . ALA A 1 34 ? 4.492   -6.493  3.203   1.00 1.04 ? 34 ALA A HB2  1 
ATOM 534  H HB3  . ALA A 1 34 ? 3.666   -5.828  1.793   1.00 0.96 ? 34 ALA A HB3  1 
ATOM 535  N N    . LYS A 1 35 ? 6.968   -7.624  3.014   1.00 0.53 ? 35 LYS A N    1 
ATOM 536  C CA   . LYS A 1 35 ? 8.148   -8.056  3.821   1.00 0.65 ? 35 LYS A CA   1 
ATOM 537  C C    . LYS A 1 35 ? 9.399   -8.172  2.938   1.00 0.68 ? 35 LYS A C    1 
ATOM 538  O O    . LYS A 1 35 ? 10.486  -7.805  3.338   1.00 0.78 ? 35 LYS A O    1 
ATOM 539  C CB   . LYS A 1 35 ? 7.746   -9.430  4.365   1.00 0.73 ? 35 LYS A CB   1 
ATOM 540  C CG   . LYS A 1 35 ? 8.934   -10.082 5.075   1.00 1.51 ? 35 LYS A CG   1 
ATOM 541  C CD   . LYS A 1 35 ? 8.509   -11.454 5.608   1.00 1.79 ? 35 LYS A CD   1 
ATOM 542  C CE   . LYS A 1 35 ? 9.749   -12.268 5.983   1.00 2.61 ? 35 LYS A CE   1 
ATOM 543  N NZ   . LYS A 1 35 ? 10.449  -11.449 7.012   1.00 3.08 ? 35 LYS A NZ   1 
ATOM 544  H H    . LYS A 1 35 ? 6.194   -8.221  2.924   1.00 0.51 ? 35 LYS A H    1 
ATOM 545  H HA   . LYS A 1 35 ? 8.319   -7.373  4.637   1.00 0.71 ? 35 LYS A HA   1 
ATOM 546  H HB2  . LYS A 1 35 ? 6.931   -9.313  5.065   1.00 1.11 ? 35 LYS A HB2  1 
ATOM 547  H HB3  . LYS A 1 35 ? 7.428   -10.059 3.548   1.00 1.16 ? 35 LYS A HB3  1 
ATOM 548  H HG2  . LYS A 1 35 ? 9.751   -10.202 4.378   1.00 2.12 ? 35 LYS A HG2  1 
ATOM 549  H HG3  . LYS A 1 35 ? 9.250   -9.458  5.898   1.00 1.99 ? 35 LYS A HG3  1 
ATOM 550  H HD2  . LYS A 1 35 ? 7.887   -11.324 6.481   1.00 1.80 ? 35 LYS A HD2  1 
ATOM 551  H HD3  . LYS A 1 35 ? 7.953   -11.978 4.846   1.00 2.06 ? 35 LYS A HD3  1 
ATOM 552  H HE2  . LYS A 1 35 ? 9.460   -13.224 6.395   1.00 2.99 ? 35 LYS A HE2  1 
ATOM 553  H HE3  . LYS A 1 35 ? 10.382  -12.408 5.119   1.00 3.08 ? 35 LYS A HE3  1 
ATOM 554  H HZ1  . LYS A 1 35 ? 11.216  -12.007 7.436   1.00 3.54 ? 35 LYS A HZ1  1 
ATOM 555  H HZ2  . LYS A 1 35 ? 9.771   -11.171 7.751   1.00 3.30 ? 35 LYS A HZ2  1 
ATOM 556  H HZ3  . LYS A 1 35 ? 10.846  -10.598 6.567   1.00 3.36 ? 35 LYS A HZ3  1 
ATOM 557  N N    . LYS A 1 36 ? 9.274   -8.793  1.797   1.00 0.65 ? 36 LYS A N    1 
ATOM 558  C CA   . LYS A 1 36 ? 10.477  -9.069  0.953   1.00 0.74 ? 36 LYS A CA   1 
ATOM 559  C C    . LYS A 1 36 ? 11.053  -7.784  0.341   1.00 0.72 ? 36 LYS A C    1 
ATOM 560  O O    . LYS A 1 36 ? 12.239  -7.699  0.084   1.00 0.83 ? 36 LYS A O    1 
ATOM 561  C CB   . LYS A 1 36 ? 9.968   -9.993  -0.152  1.00 0.78 ? 36 LYS A CB   1 
ATOM 562  C CG   . LYS A 1 36 ? 11.108  -10.305 -1.123  1.00 1.40 ? 36 LYS A CG   1 
ATOM 563  C CD   . LYS A 1 36 ? 10.596  -11.231 -2.228  1.00 1.47 ? 36 LYS A CD   1 
ATOM 564  C CE   . LYS A 1 36 ? 11.689  -11.417 -3.282  1.00 2.29 ? 36 LYS A CE   1 
ATOM 565  N NZ   . LYS A 1 36 ? 11.090  -12.328 -4.296  1.00 2.85 ? 36 LYS A NZ   1 
ATOM 566  H H    . LYS A 1 36 ? 8.406   -9.162  1.539   1.00 0.60 ? 36 LYS A H    1 
ATOM 567  H HA   . LYS A 1 36 ? 11.230  -9.578  1.531   1.00 0.84 ? 36 LYS A HA   1 
ATOM 568  H HB2  . LYS A 1 36 ? 9.606   -10.912 0.286   1.00 1.07 ? 36 LYS A HB2  1 
ATOM 569  H HB3  . LYS A 1 36 ? 9.163   -9.508  -0.685  1.00 1.20 ? 36 LYS A HB3  1 
ATOM 570  H HG2  . LYS A 1 36 ? 11.468  -9.386  -1.561  1.00 1.93 ? 36 LYS A HG2  1 
ATOM 571  H HG3  . LYS A 1 36 ? 11.912  -10.790 -0.589  1.00 2.00 ? 36 LYS A HG3  1 
ATOM 572  H HD2  . LYS A 1 36 ? 10.339  -12.190 -1.803  1.00 1.73 ? 36 LYS A HD2  1 
ATOM 573  H HD3  . LYS A 1 36 ? 9.722   -10.794 -2.688  1.00 1.49 ? 36 LYS A HD3  1 
ATOM 574  H HE2  . LYS A 1 36 ? 11.942  -10.468 -3.732  1.00 2.65 ? 36 LYS A HE2  1 
ATOM 575  H HE3  . LYS A 1 36 ? 12.564  -11.869 -2.840  1.00 2.72 ? 36 LYS A HE3  1 
ATOM 576  H HZ1  . LYS A 1 36 ? 11.063  -13.297 -3.921  1.00 3.15 ? 36 LYS A HZ1  1 
ATOM 577  H HZ2  . LYS A 1 36 ? 11.666  -12.308 -5.164  1.00 3.17 ? 36 LYS A HZ2  1 
ATOM 578  H HZ3  . LYS A 1 36 ? 10.123  -12.017 -4.516  1.00 3.24 ? 36 LYS A HZ3  1 
ATOM 579  N N    . HIS A 1 37 ? 10.212  -6.891  -0.106  1.00 0.64 ? 37 HIS A N    1 
ATOM 580  C CA   . HIS A 1 37 ? 10.719  -5.761  -0.942  1.00 0.70 ? 37 HIS A CA   1 
ATOM 581  C C    . HIS A 1 37 ? 10.821  -4.461  -0.136  1.00 0.66 ? 37 HIS A C    1 
ATOM 582  O O    . HIS A 1 37 ? 11.535  -3.552  -0.508  1.00 0.75 ? 37 HIS A O    1 
ATOM 583  C CB   . HIS A 1 37 ? 9.693   -5.611  -2.065  1.00 0.78 ? 37 HIS A CB   1 
ATOM 584  C CG   . HIS A 1 37 ? 9.877   -6.720  -3.063  1.00 0.78 ? 37 HIS A CG   1 
ATOM 585  N ND1  . HIS A 1 37 ? 10.989  -6.795  -3.886  1.00 1.37 ? 37 HIS A ND1  1 
ATOM 586  C CD2  . HIS A 1 37 ? 9.097   -7.803  -3.387  1.00 1.41 ? 37 HIS A CD2  1 
ATOM 587  C CE1  . HIS A 1 37 ? 10.849  -7.888  -4.658  1.00 1.51 ? 37 HIS A CE1  1 
ATOM 588  N NE2  . HIS A 1 37 ? 9.713   -8.539  -4.394  1.00 1.52 ? 37 HIS A NE2  1 
ATOM 589  H H    . HIS A 1 37 ? 9.249   -7.055  -0.043  1.00 0.60 ? 37 HIS A H    1 
ATOM 590  H HA   . HIS A 1 37 ? 11.679  -6.012  -1.363  1.00 0.77 ? 37 HIS A HA   1 
ATOM 591  H HB2  . HIS A 1 37 ? 8.697   -5.660  -1.651  1.00 0.95 ? 37 HIS A HB2  1 
ATOM 592  H HB3  . HIS A 1 37 ? 9.832   -4.658  -2.555  1.00 1.10 ? 37 HIS A HB3  1 
ATOM 593  H HD1  . HIS A 1 37 ? 11.741  -6.167  -3.902  1.00 2.01 ? 37 HIS A HD1  1 
ATOM 594  H HD2  . HIS A 1 37 ? 8.149   -8.046  -2.930  1.00 2.16 ? 37 HIS A HD2  1 
ATOM 595  H HE1  . HIS A 1 37 ? 11.569  -8.201  -5.401  1.00 2.08 ? 37 HIS A HE1  1 
ATOM 596  N N    . SER A 1 38 ? 10.070  -4.332  0.921   1.00 0.59 ? 38 SER A N    1 
ATOM 597  C CA   . SER A 1 38 ? 10.091  -3.051  1.683   1.00 0.61 ? 38 SER A CA   1 
ATOM 598  C C    . SER A 1 38 ? 11.502  -2.762  2.200   1.00 0.61 ? 38 SER A C    1 
ATOM 599  O O    . SER A 1 38 ? 11.997  -1.658  2.088   1.00 0.71 ? 38 SER A O    1 
ATOM 600  C CB   . SER A 1 38 ? 9.121   -3.262  2.842   1.00 0.63 ? 38 SER A CB   1 
ATOM 601  O OG   . SER A 1 38 ? 9.023   -2.066  3.597   1.00 1.25 ? 38 SER A OG   1 
ATOM 602  H H    . SER A 1 38 ? 9.462   -5.052  1.186   1.00 0.60 ? 38 SER A H    1 
ATOM 603  H HA   . SER A 1 38 ? 9.748   -2.238  1.061   1.00 0.71 ? 38 SER A HA   1 
ATOM 604  H HB2  . SER A 1 38 ? 8.147   -3.523  2.455   1.00 0.70 ? 38 SER A HB2  1 
ATOM 605  H HB3  . SER A 1 38 ? 9.483   -4.059  3.475   1.00 1.07 ? 38 SER A HB3  1 
ATOM 606  H HG   . SER A 1 38 ? 8.576   -1.410  3.058   1.00 1.52 ? 38 SER A HG   1 
ATOM 607  N N    . ILE A 1 39 ? 12.167  -3.757  2.727   1.00 0.62 ? 39 ILE A N    1 
ATOM 608  C CA   . ILE A 1 39 ? 13.567  -3.557  3.210   1.00 0.74 ? 39 ILE A CA   1 
ATOM 609  C C    . ILE A 1 39 ? 13.719  -2.178  3.860   1.00 0.75 ? 39 ILE A C    1 
ATOM 610  O O    . ILE A 1 39 ? 14.775  -1.578  3.824   1.00 0.86 ? 39 ILE A O    1 
ATOM 611  C CB   . ILE A 1 39 ? 14.441  -3.663  1.959   1.00 0.89 ? 39 ILE A CB   1 
ATOM 612  C CG1  . ILE A 1 39 ? 15.914  -3.721  2.370   1.00 1.69 ? 39 ILE A CG1  1 
ATOM 613  C CG2  . ILE A 1 39 ? 14.209  -2.445  1.061   1.00 1.71 ? 39 ILE A CG2  1 
ATOM 614  C CD1  . ILE A 1 39 ? 16.758  -4.190  1.184   1.00 2.05 ? 39 ILE A CD1  1 
ATOM 615  H H    . ILE A 1 39 ? 11.757  -4.645  2.777   1.00 0.60 ? 39 ILE A H    1 
ATOM 616  H HA   . ILE A 1 39 ? 13.835  -4.331  3.910   1.00 0.81 ? 39 ILE A HA   1 
ATOM 617  H HB   . ILE A 1 39 ? 14.185  -4.561  1.418   1.00 1.22 ? 39 ILE A HB   1 
ATOM 618  H HG12 . ILE A 1 39 ? 16.241  -2.739  2.678   1.00 2.28 ? 39 ILE A HG12 1 
ATOM 619  H HG13 . ILE A 1 39 ? 16.031  -4.413  3.191   1.00 2.19 ? 39 ILE A HG13 1 
ATOM 620  H HG21 . ILE A 1 39 ? 15.028  -2.351  0.363   1.00 2.15 ? 39 ILE A HG21 1 
ATOM 621  H HG22 . ILE A 1 39 ? 14.149  -1.554  1.668   1.00 2.30 ? 39 ILE A HG22 1 
ATOM 622  H HG23 . ILE A 1 39 ? 13.286  -2.571  0.515   1.00 2.19 ? 39 ILE A HG23 1 
ATOM 623  H HD11 . ILE A 1 39 ? 17.441  -4.962  1.510   1.00 2.51 ? 39 ILE A HD11 1 
ATOM 624  H HD12 . ILE A 1 39 ? 17.321  -3.357  0.789   1.00 2.34 ? 39 ILE A HD12 1 
ATOM 625  H HD13 . ILE A 1 39 ? 16.112  -4.586  0.415   1.00 2.34 ? 39 ILE A HD13 1 
ATOM 626  N N    . CYS A 1 40 ? 12.667  -1.662  4.436   1.00 0.71 ? 40 CYS A N    1 
ATOM 627  C CA   . CYS A 1 40 ? 12.751  -0.312  5.063   1.00 0.81 ? 40 CYS A CA   1 
ATOM 628  C C    . CYS A 1 40 ? 12.299  -0.383  6.527   1.00 0.82 ? 40 CYS A C    1 
ATOM 629  O O    . CYS A 1 40 ? 11.766  -1.383  6.963   1.00 0.78 ? 40 CYS A O    1 
ATOM 630  C CB   . CYS A 1 40 ? 11.806  0.568   4.239   1.00 0.88 ? 40 CYS A CB   1 
ATOM 631  S SG   . CYS A 1 40 ? 10.086  0.199   4.672   1.00 1.15 ? 40 CYS A SG   1 
ATOM 632  H H    . CYS A 1 40 ? 11.819  -2.154  4.441   1.00 0.68 ? 40 CYS A H    1 
ATOM 633  H HA   . CYS A 1 40 ? 13.758  0.070   4.999   1.00 0.89 ? 40 CYS A HA   1 
ATOM 634  H HB2  . CYS A 1 40 ? 12.012  1.608   4.445   1.00 1.14 ? 40 CYS A HB2  1 
ATOM 635  H HB3  . CYS A 1 40 ? 11.958  0.370   3.188   1.00 1.19 ? 40 CYS A HB3  1 
ATOM 636  H HG   . CYS A 1 40 ? 9.524   0.833   4.219   1.00 1.28 ? 40 CYS A HG   1 
ATOM 637  N N    . PRO A 1 41 ? 12.539  0.685   7.238   1.00 0.95 ? 41 PRO A N    1 
ATOM 638  C CA   . PRO A 1 41 ? 12.162  0.743   8.672   1.00 1.05 ? 41 PRO A CA   1 
ATOM 639  C C    . PRO A 1 41 ? 10.655  0.536   8.826   1.00 1.00 ? 41 PRO A C    1 
ATOM 640  O O    . PRO A 1 41 ? 10.182  0.066   9.843   1.00 1.14 ? 41 PRO A O    1 
ATOM 641  C CB   . PRO A 1 41 ? 12.563  2.153   9.108   1.00 1.23 ? 41 PRO A CB   1 
ATOM 642  C CG   . PRO A 1 41 ? 13.499  2.655   8.051   1.00 1.25 ? 41 PRO A CG   1 
ATOM 643  C CD   . PRO A 1 41 ? 13.175  1.921   6.778   1.00 1.06 ? 41 PRO A CD   1 
ATOM 644  H HA   . PRO A 1 41 ? 12.708  0.007   9.240   1.00 1.09 ? 41 PRO A HA   1 
ATOM 645  H HB2  . PRO A 1 41 ? 11.692  2.787   9.167   1.00 1.32 ? 41 PRO A HB2  1 
ATOM 646  H HB3  . PRO A 1 41 ? 13.065  2.119   10.065  1.00 1.37 ? 41 PRO A HB3  1 
ATOM 647  H HG2  . PRO A 1 41 ? 13.356  3.716   7.909   1.00 1.43 ? 41 PRO A HG2  1 
ATOM 648  H HG3  . PRO A 1 41 ? 14.520  2.457   8.339   1.00 1.43 ? 41 PRO A HG3  1 
ATOM 649  H HD2  . PRO A 1 41 ? 12.490  2.497   6.173   1.00 1.09 ? 41 PRO A HD2  1 
ATOM 650  H HD3  . PRO A 1 41 ? 14.077  1.702   6.226   1.00 1.11 ? 41 PRO A HD3  1 
ATOM 651  N N    . SER A 1 42 ? 9.908   0.813   7.797   1.00 0.97 ? 42 SER A N    1 
ATOM 652  C CA   . SER A 1 42 ? 8.445   0.559   7.842   1.00 0.93 ? 42 SER A CA   1 
ATOM 653  C C    . SER A 1 42 ? 8.111   -0.684  7.018   1.00 0.83 ? 42 SER A C    1 
ATOM 654  O O    . SER A 1 42 ? 6.992   -0.870  6.586   1.00 0.92 ? 42 SER A O    1 
ATOM 655  C CB   . SER A 1 42 ? 7.800   1.805   7.232   1.00 1.05 ? 42 SER A CB   1 
ATOM 656  O OG   . SER A 1 42 ? 8.780   2.553   6.529   1.00 1.23 ? 42 SER A OG   1 
ATOM 657  H H    . SER A 1 42 ? 10.319  1.137   6.972   1.00 1.09 ? 42 SER A H    1 
ATOM 658  H HA   . SER A 1 42 ? 8.117   0.434   8.862   1.00 0.95 ? 42 SER A HA   1 
ATOM 659  H HB2  . SER A 1 42 ? 7.017   1.506   6.550   1.00 0.99 ? 42 SER A HB2  1 
ATOM 660  H HB3  . SER A 1 42 ? 7.379   2.413   8.020   1.00 1.10 ? 42 SER A HB3  1 
ATOM 661  H HG   . SER A 1 42 ? 8.641   3.482   6.726   1.00 1.43 ? 42 SER A HG   1 
ATOM 662  N N    . GLY A 1 43 ? 9.034   -1.595  6.904   1.00 0.75 ? 43 GLY A N    1 
ATOM 663  C CA   . GLY A 1 43 ? 8.711   -2.885  6.238   1.00 0.71 ? 43 GLY A CA   1 
ATOM 664  C C    . GLY A 1 43 ? 7.886   -3.736  7.201   1.00 0.63 ? 43 GLY A C    1 
ATOM 665  O O    . GLY A 1 43 ? 6.750   -4.070  6.931   1.00 0.57 ? 43 GLY A O    1 
ATOM 666  H H    . GLY A 1 43 ? 9.903   -1.470  7.337   1.00 0.80 ? 43 GLY A H    1 
ATOM 667  H HA2  . GLY A 1 43 ? 8.138   -2.697  5.342   1.00 0.76 ? 43 GLY A HA2  1 
ATOM 668  H HA3  . GLY A 1 43 ? 9.624   -3.403  5.986   1.00 0.84 ? 43 GLY A HA3  1 
ATOM 669  N N    . LYS A 1 44 ? 8.409   -3.993  8.368   1.00 0.79 ? 44 LYS A N    1 
ATOM 670  C CA   . LYS A 1 44 ? 7.605   -4.711  9.396   1.00 0.94 ? 44 LYS A CA   1 
ATOM 671  C C    . LYS A 1 44 ? 6.344   -3.914  9.749   1.00 0.94 ? 44 LYS A C    1 
ATOM 672  O O    . LYS A 1 44 ? 5.303   -4.480  10.017  1.00 1.01 ? 44 LYS A O    1 
ATOM 673  C CB   . LYS A 1 44 ? 8.522   -4.841  10.613  1.00 1.25 ? 44 LYS A CB   1 
ATOM 674  C CG   . LYS A 1 44 ? 9.641   -5.836  10.300  1.00 1.87 ? 44 LYS A CG   1 
ATOM 675  C CD   . LYS A 1 44 ? 10.506  -6.042  11.546  1.00 2.21 ? 44 LYS A CD   1 
ATOM 676  C CE   . LYS A 1 44 ? 11.513  -7.165  11.288  1.00 3.18 ? 44 LYS A CE   1 
ATOM 677  N NZ   . LYS A 1 44 ? 10.693  -8.410  11.215  1.00 3.70 ? 44 LYS A NZ   1 
ATOM 678  H H    . LYS A 1 44 ? 9.297   -3.642  8.595   1.00 0.89 ? 44 LYS A H    1 
ATOM 679  H HA   . LYS A 1 44 ? 7.336   -5.692  9.037   1.00 0.97 ? 44 LYS A HA   1 
ATOM 680  H HB2  . LYS A 1 44 ? 8.952   -3.878  10.846  1.00 1.43 ? 44 LYS A HB2  1 
ATOM 681  H HB3  . LYS A 1 44 ? 7.951   -5.196  11.459  1.00 1.67 ? 44 LYS A HB3  1 
ATOM 682  H HG2  . LYS A 1 44 ? 9.210   -6.781  10.001  1.00 2.46 ? 44 LYS A HG2  1 
ATOM 683  H HG3  . LYS A 1 44 ? 10.252  -5.450  9.498   1.00 2.32 ? 44 LYS A HG3  1 
ATOM 684  H HD2  . LYS A 1 44 ? 11.036  -5.128  11.770  1.00 2.32 ? 44 LYS A HD2  1 
ATOM 685  H HD3  . LYS A 1 44 ? 9.877   -6.307  12.381  1.00 2.42 ? 44 LYS A HD3  1 
ATOM 686  H HE2  . LYS A 1 44 ? 12.030  -7.001  10.354  1.00 3.47 ? 44 LYS A HE2  1 
ATOM 687  H HE3  . LYS A 1 44 ? 12.220  -7.229  12.102  1.00 3.70 ? 44 LYS A HE3  1 
ATOM 688  H HZ1  . LYS A 1 44 ? 10.847  -8.978  12.071  1.00 3.69 ? 44 LYS A HZ1  1 
ATOM 689  H HZ2  . LYS A 1 44 ? 10.974  -8.961  10.378  1.00 4.00 ? 44 LYS A HZ2  1 
ATOM 690  H HZ3  . LYS A 1 44 ? 9.686   -8.162  11.143  1.00 4.28 ? 44 LYS A HZ3  1 
ATOM 691  N N    . ARG A 1 45 ? 6.448   -2.615  9.849   1.00 0.97 ? 45 ARG A N    1 
ATOM 692  C CA   . ARG A 1 45 ? 5.273   -1.814  10.301  1.00 1.15 ? 45 ARG A CA   1 
ATOM 693  C C    . ARG A 1 45 ? 4.505   -1.250  9.097   1.00 1.10 ? 45 ARG A C    1 
ATOM 694  O O    . ARG A 1 45 ? 3.293   -1.328  9.033   1.00 1.23 ? 45 ARG A O    1 
ATOM 695  C CB   . ARG A 1 45 ? 5.874   -0.690  11.153  1.00 1.37 ? 45 ARG A CB   1 
ATOM 696  C CG   . ARG A 1 45 ? 4.896   0.484   11.227  1.00 1.58 ? 45 ARG A CG   1 
ATOM 697  C CD   . ARG A 1 45 ? 3.567   0.004   11.813  1.00 1.82 ? 45 ARG A CD   1 
ATOM 698  N NE   . ARG A 1 45 ? 3.114   1.121   12.690  1.00 2.12 ? 45 ARG A NE   1 
ATOM 699  C CZ   . ARG A 1 45 ? 3.623   1.263   13.885  1.00 2.52 ? 45 ARG A CZ   1 
ATOM 700  N NH1  . ARG A 1 45 ? 4.538   0.435   14.312  1.00 2.86 ? 45 ARG A NH1  1 
ATOM 701  N NH2  . ARG A 1 45 ? 3.218   2.237   14.652  1.00 2.99 ? 45 ARG A NH2  1 
ATOM 702  H H    . ARG A 1 45 ? 7.315   -2.174  9.698   1.00 0.94 ? 45 ARG A H    1 
ATOM 703  H HA   . ARG A 1 45 ? 4.621   -2.422  10.908  1.00 1.24 ? 45 ARG A HA   1 
ATOM 704  H HB2  . ARG A 1 45 ? 6.060   -1.061  12.151  1.00 1.53 ? 45 ARG A HB2  1 
ATOM 705  H HB3  . ARG A 1 45 ? 6.803   -0.358  10.715  1.00 1.27 ? 45 ARG A HB3  1 
ATOM 706  H HG2  . ARG A 1 45 ? 5.310   1.257   11.856  1.00 1.76 ? 45 ARG A HG2  1 
ATOM 707  H HG3  . ARG A 1 45 ? 4.732   0.874   10.235  1.00 1.50 ? 45 ARG A HG3  1 
ATOM 708  H HD2  . ARG A 1 45 ? 2.849   -0.168  11.024  1.00 1.90 ? 45 ARG A HD2  1 
ATOM 709  H HD3  . ARG A 1 45 ? 3.712   -0.895  12.393  1.00 2.08 ? 45 ARG A HD3  1 
ATOM 710  H HE   . ARG A 1 45 ? 2.432   1.748   12.370  1.00 2.39 ? 45 ARG A HE   1 
ATOM 711  H HH11 . ARG A 1 45 ? 4.854   -0.310  13.724  1.00 2.84 ? 45 ARG A HH11 1 
ATOM 712  H HH12 . ARG A 1 45 ? 4.926   0.547   15.227  1.00 3.37 ? 45 ARG A HH12 1 
ATOM 713  H HH21 . ARG A 1 45 ? 2.520   2.874   14.327  1.00 3.10 ? 45 ARG A HH21 1 
ATOM 714  H HH22 . ARG A 1 45 ? 3.608   2.347   15.567  1.00 3.43 ? 45 ARG A HH22 1 
ATOM 715  N N    . GLY A 1 46 ? 5.198   -0.726  8.126   1.00 1.00 ? 46 GLY A N    1 
ATOM 716  C CA   . GLY A 1 46 ? 4.512   -0.208  6.907   1.00 1.10 ? 46 GLY A CA   1 
ATOM 717  C C    . GLY A 1 46 ? 3.763   -1.351  6.216   1.00 0.94 ? 46 GLY A C    1 
ATOM 718  O O    . GLY A 1 46 ? 2.680   -1.171  5.696   1.00 1.02 ? 46 GLY A O    1 
ATOM 719  H H    . GLY A 1 46 ? 6.173   -0.704  8.181   1.00 0.95 ? 46 GLY A H    1 
ATOM 720  H HA2  . GLY A 1 46 ? 3.810   0.562   7.190   1.00 1.28 ? 46 GLY A HA2  1 
ATOM 721  H HA3  . GLY A 1 46 ? 5.244   0.204   6.228   1.00 1.20 ? 46 GLY A HA3  1 
ATOM 722  N N    . GLY A 1 47 ? 4.324   -2.531  6.224   1.00 0.78 ? 47 GLY A N    1 
ATOM 723  C CA   . GLY A 1 47 ? 3.635   -3.691  5.587   1.00 0.73 ? 47 GLY A CA   1 
ATOM 724  C C    . GLY A 1 47 ? 2.408   -4.082  6.416   1.00 0.70 ? 47 GLY A C    1 
ATOM 725  O O    . GLY A 1 47 ? 1.683   -4.998  6.078   1.00 0.96 ? 47 GLY A O    1 
ATOM 726  H H    . GLY A 1 47 ? 5.194   -2.658  6.661   1.00 0.76 ? 47 GLY A H    1 
ATOM 727  H HA2  . GLY A 1 47 ? 3.324   -3.420  4.593   1.00 0.86 ? 47 GLY A HA2  1 
ATOM 728  H HA3  . GLY A 1 47 ? 4.311   -4.526  5.533   1.00 0.70 ? 47 GLY A HA3  1 
ATOM 729  N N    . ASP A 1 48 ? 2.155   -3.380  7.485   1.00 0.59 ? 48 ASP A N    1 
ATOM 730  C CA   . ASP A 1 48 ? 0.966   -3.685  8.324   1.00 0.59 ? 48 ASP A CA   1 
ATOM 731  C C    . ASP A 1 48 ? 0.782   -2.576  9.356   1.00 0.56 ? 48 ASP A C    1 
ATOM 732  O O    . ASP A 1 48 ? 1.197   -2.688  10.493  1.00 0.65 ? 48 ASP A O    1 
ATOM 733  C CB   . ASP A 1 48 ? 1.287   -5.014  9.010   1.00 0.67 ? 48 ASP A CB   1 
ATOM 734  C CG   . ASP A 1 48 ? 0.086   -5.457  9.849   1.00 0.89 ? 48 ASP A CG   1 
ATOM 735  O OD1  . ASP A 1 48 ? -0.733  -4.610  10.168  1.00 1.54 ? 48 ASP A OD1  1 
ATOM 736  O OD2  . ASP A 1 48 ? 0.007   -6.634  10.159  1.00 1.43 ? 48 ASP A OD2  1 
ATOM 737  H H    . ASP A 1 48 ? 2.743   -2.638  7.732   1.00 0.69 ? 48 ASP A H    1 
ATOM 738  H HA   . ASP A 1 48 ? 0.084   -3.785  7.711   1.00 0.61 ? 48 ASP A HA   1 
ATOM 739  H HB2  . ASP A 1 48 ? 1.499   -5.764  8.261   1.00 0.98 ? 48 ASP A HB2  1 
ATOM 740  H HB3  . ASP A 1 48 ? 2.148   -4.889  9.650   1.00 0.99 ? 48 ASP A HB3  1 
ATOM 741  N N    . LEU A 1 49 ? 0.245   -1.466  8.933   1.00 0.52 ? 49 LEU A N    1 
ATOM 742  C CA   . LEU A 1 49 ? 0.123   -0.293  9.844   1.00 0.56 ? 49 LEU A CA   1 
ATOM 743  C C    . LEU A 1 49 ? -1.122  -0.431  10.720  1.00 0.58 ? 49 LEU A C    1 
ATOM 744  O O    . LEU A 1 49 ? -1.406  0.408   11.552  1.00 0.71 ? 49 LEU A O    1 
ATOM 745  C CB   . LEU A 1 49 ? -0.010  0.912   8.911   1.00 0.56 ? 49 LEU A CB   1 
ATOM 746  C CG   . LEU A 1 49 ? 1.298   1.109   8.139   1.00 0.59 ? 49 LEU A CG   1 
ATOM 747  C CD1  . LEU A 1 49 ? 0.989   1.637   6.736   1.00 0.65 ? 49 LEU A CD1  1 
ATOM 748  C CD2  . LEU A 1 49 ? 2.178   2.119   8.878   1.00 0.63 ? 49 LEU A CD2  1 
ATOM 749  H H    . LEU A 1 49 ? -0.018  -1.382  7.992   1.00 0.54 ? 49 LEU A H    1 
ATOM 750  H HA   . LEU A 1 49 ? 1.007   -0.193  10.453  1.00 0.60 ? 49 LEU A HA   1 
ATOM 751  H HB2  . LEU A 1 49 ? -0.817  0.740   8.215   1.00 0.54 ? 49 LEU A HB2  1 
ATOM 752  H HB3  . LEU A 1 49 ? -0.219  1.797   9.495   1.00 0.61 ? 49 LEU A HB3  1 
ATOM 753  H HG   . LEU A 1 49 ? 1.821   0.167   8.063   1.00 0.65 ? 49 LEU A HG   1 
ATOM 754  H HD11 . LEU A 1 49 ? 1.696   1.222   6.032   1.00 1.20 ? 49 LEU A HD11 1 
ATOM 755  H HD12 . LEU A 1 49 ? 1.065   2.713   6.731   1.00 1.13 ? 49 LEU A HD12 1 
ATOM 756  H HD13 . LEU A 1 49 ? -0.012  1.345   6.454   1.00 1.32 ? 49 LEU A HD13 1 
ATOM 757  H HD21 . LEU A 1 49 ? 1.555   2.773   9.470   1.00 1.24 ? 49 LEU A HD21 1 
ATOM 758  H HD22 . LEU A 1 49 ? 2.734   2.705   8.160   1.00 1.05 ? 49 LEU A HD22 1 
ATOM 759  H HD23 . LEU A 1 49 ? 2.866   1.594   9.523   1.00 1.17 ? 49 LEU A HD23 1 
ATOM 760  N N    . GLY A 1 50 ? -1.902  -1.453  10.499  1.00 0.57 ? 50 GLY A N    1 
ATOM 761  C CA   . GLY A 1 50 ? -3.164  -1.604  11.273  1.00 0.61 ? 50 GLY A CA   1 
ATOM 762  C C    . GLY A 1 50 ? -4.154  -0.526  10.832  1.00 0.52 ? 50 GLY A C    1 
ATOM 763  O O    . GLY A 1 50 ? -4.297  -0.246  9.657   1.00 0.50 ? 50 GLY A O    1 
ATOM 764  H H    . GLY A 1 50 ? -1.680  -2.096  9.793   1.00 0.59 ? 50 GLY A H    1 
ATOM 765  H HA2  . GLY A 1 50 ? -3.587  -2.581  11.087  1.00 0.64 ? 50 GLY A HA2  1 
ATOM 766  H HA3  . GLY A 1 50 ? -2.957  -1.495  12.327  1.00 0.70 ? 50 GLY A HA3  1 
ATOM 767  N N    . GLU A 1 51 ? -4.837  0.083   11.763  1.00 0.56 ? 51 GLU A N    1 
ATOM 768  C CA   . GLU A 1 51 ? -5.818  1.143   11.393  1.00 0.54 ? 51 GLU A CA   1 
ATOM 769  C C    . GLU A 1 51 ? -5.255  2.532   11.705  1.00 0.60 ? 51 GLU A C    1 
ATOM 770  O O    . GLU A 1 51 ? -4.726  2.778   12.770  1.00 0.75 ? 51 GLU A O    1 
ATOM 771  C CB   . GLU A 1 51 ? -7.053  0.860   12.246  1.00 0.62 ? 51 GLU A CB   1 
ATOM 772  C CG   . GLU A 1 51 ? -8.104  0.149   11.392  1.00 0.90 ? 51 GLU A CG   1 
ATOM 773  C CD   . GLU A 1 51 ? -8.983  -0.727  12.288  1.00 1.22 ? 51 GLU A CD   1 
ATOM 774  O OE1  . GLU A 1 51 ? -8.526  -1.090  13.359  1.00 1.73 ? 51 GLU A OE1  1 
ATOM 775  O OE2  . GLU A 1 51 ? -10.099 -1.018  11.888  1.00 1.73 ? 51 GLU A OE2  1 
ATOM 776  H H    . GLU A 1 51 ? -4.706  -0.158  12.704  1.00 0.63 ? 51 GLU A H    1 
ATOM 777  H HA   . GLU A 1 51 ? -6.070  1.069   10.349  1.00 0.48 ? 51 GLU A HA   1 
ATOM 778  H HB2  . GLU A 1 51 ? -6.780  0.231   13.080  1.00 0.96 ? 51 GLU A HB2  1 
ATOM 779  H HB3  . GLU A 1 51 ? -7.458  1.792   12.614  1.00 0.83 ? 51 GLU A HB3  1 
ATOM 780  H HG2  . GLU A 1 51 ? -8.720  0.884   10.894  1.00 1.28 ? 51 GLU A HG2  1 
ATOM 781  H HG3  . GLU A 1 51 ? -7.613  -0.467  10.654  1.00 1.11 ? 51 GLU A HG3  1 
ATOM 782  N N    . PHE A 1 52 ? -5.406  3.449   10.791  1.00 0.56 ? 52 PHE A N    1 
ATOM 783  C CA   . PHE A 1 52 ? -4.928  4.841   11.029  1.00 0.64 ? 52 PHE A CA   1 
ATOM 784  C C    . PHE A 1 52 ? -5.845  5.830   10.305  1.00 0.66 ? 52 PHE A C    1 
ATOM 785  O O    . PHE A 1 52 ? -6.575  5.464   9.405   1.00 0.76 ? 52 PHE A O    1 
ATOM 786  C CB   . PHE A 1 52 ? -3.518  4.884   10.442  1.00 0.75 ? 52 PHE A CB   1 
ATOM 787  C CG   . PHE A 1 52 ? -3.549  4.373   9.021   1.00 0.58 ? 52 PHE A CG   1 
ATOM 788  C CD1  . PHE A 1 52 ? -4.246  5.086   8.037   1.00 0.74 ? 52 PHE A CD1  1 
ATOM 789  C CD2  . PHE A 1 52 ? -2.884  3.186   8.687   1.00 0.70 ? 52 PHE A CD2  1 
ATOM 790  C CE1  . PHE A 1 52 ? -4.277  4.611   6.721   1.00 0.92 ? 52 PHE A CE1  1 
ATOM 791  C CE2  . PHE A 1 52 ? -2.916  2.713   7.371   1.00 0.79 ? 52 PHE A CE2  1 
ATOM 792  C CZ   . PHE A 1 52 ? -3.614  3.425   6.387   1.00 0.89 ? 52 PHE A CZ   1 
ATOM 793  H H    . PHE A 1 52 ? -5.863  3.226   9.952   1.00 0.52 ? 52 PHE A H    1 
ATOM 794  H HA   . PHE A 1 52 ? -4.898  5.058   12.086  1.00 0.79 ? 52 PHE A HA   1 
ATOM 795  H HB2  . PHE A 1 52 ? -3.154  5.901   10.452  1.00 0.94 ? 52 PHE A HB2  1 
ATOM 796  H HB3  . PHE A 1 52 ? -2.862  4.261   11.033  1.00 0.99 ? 52 PHE A HB3  1 
ATOM 797  H HD1  . PHE A 1 52 ? -4.757  6.001   8.290   1.00 0.93 ? 52 PHE A HD1  1 
ATOM 798  H HD2  . PHE A 1 52 ? -2.348  2.636   9.445   1.00 0.94 ? 52 PHE A HD2  1 
ATOM 799  H HE1  . PHE A 1 52 ? -4.817  5.159   5.965   1.00 1.23 ? 52 PHE A HE1  1 
ATOM 800  H HE2  . PHE A 1 52 ? -2.403  1.797   7.114   1.00 1.00 ? 52 PHE A HE2  1 
ATOM 801  H HZ   . PHE A 1 52 ? -3.637  3.061   5.372   1.00 1.12 ? 52 PHE A HZ   1 
ATOM 802  N N    . ARG A 1 53 ? -5.836  7.071   10.703  1.00 0.76 ? 53 ARG A N    1 
ATOM 803  C CA   . ARG A 1 53 ? -6.730  8.068   10.047  1.00 0.94 ? 53 ARG A CA   1 
ATOM 804  C C    . ARG A 1 53 ? -6.023  8.726   8.857   1.00 1.40 ? 53 ARG A C    1 
ATOM 805  O O    . ARG A 1 53 ? -4.853  8.508   8.618   1.00 2.06 ? 53 ARG A O    1 
ATOM 806  C CB   . ARG A 1 53 ? -7.044  9.101   11.131  1.00 1.28 ? 53 ARG A CB   1 
ATOM 807  C CG   . ARG A 1 53 ? -5.742  9.659   11.707  1.00 1.82 ? 53 ARG A CG   1 
ATOM 808  C CD   . ARG A 1 53 ? -6.043  10.952  12.464  1.00 2.31 ? 53 ARG A CD   1 
ATOM 809  N NE   . ARG A 1 53 ? -5.981  12.018  11.423  1.00 3.04 ? 53 ARG A NE   1 
ATOM 810  C CZ   . ARG A 1 53 ? -6.875  12.974  11.388  1.00 3.59 ? 53 ARG A CZ   1 
ATOM 811  N NH1  . ARG A 1 53 ? -7.826  13.032  12.283  1.00 3.95 ? 53 ARG A NH1  1 
ATOM 812  N NH2  . ARG A 1 53 ? -6.811  13.883  10.454  1.00 4.13 ? 53 ARG A NH2  1 
ATOM 813  H H    . ARG A 1 53 ? -5.254  7.344   11.442  1.00 0.83 ? 53 ARG A H    1 
ATOM 814  H HA   . ARG A 1 53 ? -7.643  7.592   9.722   1.00 1.17 ? 53 ARG A HA   1 
ATOM 815  H HB2  . ARG A 1 53 ? -7.621  9.907   10.702  1.00 1.98 ? 53 ARG A HB2  1 
ATOM 816  H HB3  . ARG A 1 53 ? -7.613  8.633   11.919  1.00 1.60 ? 53 ARG A HB3  1 
ATOM 817  H HG2  . ARG A 1 53 ? -5.307  8.938   12.383  1.00 2.11 ? 53 ARG A HG2  1 
ATOM 818  H HG3  . ARG A 1 53 ? -5.050  9.864   10.903  1.00 2.39 ? 53 ARG A HG3  1 
ATOM 819  H HD2  . ARG A 1 53 ? -7.026  10.905  12.904  1.00 2.59 ? 53 ARG A HD2  1 
ATOM 820  H HD3  . ARG A 1 53 ? -5.296  11.126  13.225  1.00 2.55 ? 53 ARG A HD3  1 
ATOM 821  H HE   . ARG A 1 53 ? -5.268  11.998  10.750  1.00 3.45 ? 53 ARG A HE   1 
ATOM 822  H HH11 . ARG A 1 53 ? -7.879  12.345  13.006  1.00 3.86 ? 53 ARG A HH11 1 
ATOM 823  H HH12 . ARG A 1 53 ? -8.504  13.765  12.242  1.00 4.50 ? 53 ARG A HH12 1 
ATOM 824  H HH21 . ARG A 1 53 ? -6.083  13.847  9.770   1.00 4.08 ? 53 ARG A HH21 1 
ATOM 825  H HH22 . ARG A 1 53 ? -7.492  14.616  10.422  1.00 4.76 ? 53 ARG A HH22 1 
ATOM 826  N N    . GLN A 1 54 ? -6.746  9.476   8.071   1.00 1.78 ? 54 GLN A N    1 
ATOM 827  C CA   . GLN A 1 54 ? -6.144  10.089  6.849   1.00 2.55 ? 54 GLN A CA   1 
ATOM 828  C C    . GLN A 1 54 ? -4.993  11.028  7.228   1.00 2.55 ? 54 GLN A C    1 
ATOM 829  O O    . GLN A 1 54 ? -4.244  11.477  6.384   1.00 2.96 ? 54 GLN A O    1 
ATOM 830  C CB   . GLN A 1 54 ? -7.282  10.881  6.208   1.00 3.32 ? 54 GLN A CB   1 
ATOM 831  C CG   . GLN A 1 54 ? -7.678  12.036  7.131   1.00 3.50 ? 54 GLN A CG   1 
ATOM 832  C CD   . GLN A 1 54 ? -8.911  12.744  6.566   1.00 4.42 ? 54 GLN A CD   1 
ATOM 833  O OE1  . GLN A 1 54 ? -9.801  12.111  6.037   1.00 4.80 ? 54 GLN A OE1  1 
ATOM 834  N NE2  . GLN A 1 54 ? -9.001  14.044  6.660   1.00 5.04 ? 54 GLN A NE2  1 
ATOM 835  H H    . GLN A 1 54 ? -7.701  9.597   8.256   1.00 1.94 ? 54 GLN A H    1 
ATOM 836  H HA   . GLN A 1 54 ? -5.801  9.324   6.173   1.00 2.95 ? 54 GLN A HA   1 
ATOM 837  H HB2  . GLN A 1 54 ? -6.956  11.275  5.256   1.00 3.91 ? 54 GLN A HB2  1 
ATOM 838  H HB3  . GLN A 1 54 ? -8.133  10.232  6.056   1.00 3.61 ? 54 GLN A HB3  1 
ATOM 839  H HG2  . GLN A 1 54 ? -7.904  11.649  8.113   1.00 3.23 ? 54 GLN A HG2  1 
ATOM 840  H HG3  . GLN A 1 54 ? -6.860  12.737  7.201   1.00 3.71 ? 54 GLN A HG3  1 
ATOM 841  H HE21 . GLN A 1 54 ? -8.283  14.555  7.090   1.00 5.02 ? 54 GLN A HE21 1 
ATOM 842  H HE22 . GLN A 1 54 ? -9.787  14.507  6.302   1.00 5.65 ? 54 GLN A HE22 1 
ATOM 843  N N    . GLY A 1 55 ? -4.891  11.382  8.478   1.00 2.56 ? 55 GLY A N    1 
ATOM 844  C CA   . GLY A 1 55 ? -3.843  12.356  8.894   1.00 2.84 ? 55 GLY A CA   1 
ATOM 845  C C    . GLY A 1 55 ? -2.688  11.607  9.565   1.00 2.03 ? 55 GLY A C    1 
ATOM 846  O O    . GLY A 1 55 ? -2.360  11.856  10.708  1.00 2.55 ? 55 GLY A O    1 
ATOM 847  H H    . GLY A 1 55 ? -5.534  11.048  9.136   1.00 2.72 ? 55 GLY A H    1 
ATOM 848  H HA2  . GLY A 1 55 ? -3.477  12.888  8.027   1.00 3.39 ? 55 GLY A HA2  1 
ATOM 849  H HA3  . GLY A 1 55 ? -4.266  13.061  9.593   1.00 3.40 ? 55 GLY A HA3  1 
ATOM 850  N N    . GLN A 1 56 ? -2.050  10.711  8.860   1.00 1.30 ? 56 GLN A N    1 
ATOM 851  C CA   . GLN A 1 56 ? -0.901  9.978   9.464   1.00 1.10 ? 56 GLN A CA   1 
ATOM 852  C C    . GLN A 1 56 ? 0.269   9.969   8.494   1.00 1.36 ? 56 GLN A C    1 
ATOM 853  O O    . GLN A 1 56 ? 1.393   10.255  8.856   1.00 1.92 ? 56 GLN A O    1 
ATOM 854  C CB   . GLN A 1 56 ? -1.369  8.534   9.658   1.00 1.55 ? 56 GLN A CB   1 
ATOM 855  C CG   . GLN A 1 56 ? -2.821  8.487   10.146  1.00 1.14 ? 56 GLN A CG   1 
ATOM 856  C CD   . GLN A 1 56 ? -2.847  8.432   11.673  1.00 1.39 ? 56 GLN A CD   1 
ATOM 857  O OE1  . GLN A 1 56 ? -2.806  7.368   12.255  1.00 2.02 ? 56 GLN A OE1  1 
ATOM 858  N NE2  . GLN A 1 56 ? -2.910  9.543   12.348  1.00 1.89 ? 56 GLN A NE2  1 
ATOM 859  H H    . GLN A 1 56 ? -2.311  10.533  7.930   1.00 1.65 ? 56 GLN A H    1 
ATOM 860  H HA   . GLN A 1 56 ? -0.618  10.412  10.410  1.00 1.57 ? 56 GLN A HA   1 
ATOM 861  H HB2  . GLN A 1 56 ? -1.281  8.011   8.715   1.00 2.03 ? 56 GLN A HB2  1 
ATOM 862  H HB3  . GLN A 1 56 ? -0.736  8.054   10.390  1.00 2.30 ? 56 GLN A HB3  1 
ATOM 863  H HG2  . GLN A 1 56 ? -3.350  9.364   9.815   1.00 1.17 ? 56 GLN A HG2  1 
ATOM 864  H HG3  . GLN A 1 56 ? -3.304  7.607   9.747   1.00 1.33 ? 56 GLN A HG3  1 
ATOM 865  H HE21 . GLN A 1 56 ? -2.939  10.404  11.872  1.00 2.28 ? 56 GLN A HE21 1 
ATOM 866  H HE22 . GLN A 1 56 ? -2.936  9.518   13.329  1.00 2.30 ? 56 GLN A HE22 1 
ATOM 867  N N    . MET A 1 57 ? 0.055   9.368   7.358   1.00 1.85 ? 57 MET A N    1 
ATOM 868  C CA   . MET A 1 57 ? 1.207   9.026   6.488   1.00 2.75 ? 57 MET A CA   1 
ATOM 869  C C    . MET A 1 57 ? 1.280   9.957   5.272   1.00 2.29 ? 57 MET A C    1 
ATOM 870  O O    . MET A 1 57 ? 2.283   10.602  5.038   1.00 2.75 ? 57 MET A O    1 
ATOM 871  C CB   . MET A 1 57 ? 0.954   7.583   6.050   1.00 3.57 ? 57 MET A CB   1 
ATOM 872  C CG   . MET A 1 57 ? 2.281   6.822   6.011   1.00 4.72 ? 57 MET A CG   1 
ATOM 873  S SD   . MET A 1 57 ? 1.960   5.047   5.854   1.00 5.92 ? 57 MET A SD   1 
ATOM 874  C CE   . MET A 1 57 ? 1.209   5.091   4.208   1.00 6.22 ? 57 MET A CE   1 
ATOM 875  H H    . MET A 1 57 ? -0.822  8.965   7.185   1.00 2.04 ? 57 MET A H    1 
ATOM 876  H HA   . MET A 1 57 ? 2.116   9.075   7.056   1.00 3.46 ? 57 MET A HA   1 
ATOM 877  H HB2  . MET A 1 57 ? 0.286   7.106   6.753   1.00 3.86 ? 57 MET A HB2  1 
ATOM 878  H HB3  . MET A 1 57 ? 0.506   7.576   5.068   1.00 3.38 ? 57 MET A HB3  1 
ATOM 879  H HG2  . MET A 1 57 ? 2.864   7.159   5.164   1.00 4.77 ? 57 MET A HG2  1 
ATOM 880  H HG3  . MET A 1 57 ? 2.830   7.009   6.923   1.00 5.08 ? 57 MET A HG3  1 
ATOM 881  H HE1  . MET A 1 57 ? 1.944   4.802   3.469   1.00 6.47 ? 57 MET A HE1  1 
ATOM 882  H HE2  . MET A 1 57 ? 0.863   6.089   3.996   1.00 6.42 ? 57 MET A HE2  1 
ATOM 883  H HE3  . MET A 1 57 ? 0.371   4.408   4.176   1.00 6.37 ? 57 MET A HE3  1 
ATOM 884  N N    . VAL A 1 58 ? 0.312   9.882   4.397   1.00 1.78 ? 58 VAL A N    1 
ATOM 885  C CA   . VAL A 1 58 ? 0.439   10.596  3.092   1.00 1.36 ? 58 VAL A CA   1 
ATOM 886  C C    . VAL A 1 58 ? -0.949  10.927  2.519   1.00 1.12 ? 58 VAL A C    1 
ATOM 887  O O    . VAL A 1 58 ? -1.851  10.116  2.572   1.00 1.15 ? 58 VAL A O    1 
ATOM 888  C CB   . VAL A 1 58 ? 1.182   9.594   2.204   1.00 1.26 ? 58 VAL A CB   1 
ATOM 889  C CG1  . VAL A 1 58 ? 0.473   8.245   2.275   1.00 1.31 ? 58 VAL A CG1  1 
ATOM 890  C CG2  . VAL A 1 58 ? 1.197   10.076  0.756   1.00 0.95 ? 58 VAL A CG2  1 
ATOM 891  H H    . VAL A 1 58 ? -0.422  9.249   4.535   1.00 2.01 ? 58 VAL A H    1 
ATOM 892  H HA   . VAL A 1 58 ? 1.027   11.493  3.207   1.00 1.46 ? 58 VAL A HA   1 
ATOM 893  H HB   . VAL A 1 58 ? 2.198   9.486   2.556   1.00 1.56 ? 58 VAL A HB   1 
ATOM 894  H HG11 . VAL A 1 58 ? 0.762   7.642   1.427   1.00 1.75 ? 58 VAL A HG11 1 
ATOM 895  H HG12 . VAL A 1 58 ? -0.594  8.401   2.261   1.00 1.75 ? 58 VAL A HG12 1 
ATOM 896  H HG13 . VAL A 1 58 ? 0.753   7.741   3.188   1.00 1.46 ? 58 VAL A HG13 1 
ATOM 897  H HG21 . VAL A 1 58 ? 0.304   9.730   0.257   1.00 1.35 ? 58 VAL A HG21 1 
ATOM 898  H HG22 . VAL A 1 58 ? 2.067   9.678   0.255   1.00 1.27 ? 58 VAL A HG22 1 
ATOM 899  H HG23 . VAL A 1 58 ? 1.231   11.152  0.734   1.00 1.45 ? 58 VAL A HG23 1 
ATOM 900  N N    . PRO A 1 59 ? -1.068  12.123  1.999   1.00 1.09 ? 59 PRO A N    1 
ATOM 901  C CA   . PRO A 1 59 ? -2.357  12.592  1.416   1.00 1.15 ? 59 PRO A CA   1 
ATOM 902  C C    . PRO A 1 59 ? -2.817  11.660  0.294   1.00 0.91 ? 59 PRO A C    1 
ATOM 903  O O    . PRO A 1 59 ? -3.923  11.166  0.311   1.00 0.99 ? 59 PRO A O    1 
ATOM 904  C CB   . PRO A 1 59 ? -2.037  13.986  0.871   1.00 1.34 ? 59 PRO A CB   1 
ATOM 905  C CG   . PRO A 1 59 ? -0.541  14.085  0.858   1.00 1.22 ? 59 PRO A CG   1 
ATOM 906  C CD   . PRO A 1 59 ? -0.023  13.139  1.907   1.00 1.19 ? 59 PRO A CD   1 
ATOM 907  H HA   . PRO A 1 59 ? -3.116  12.660  2.178   1.00 1.36 ? 59 PRO A HA   1 
ATOM 908  H HB2  . PRO A 1 59 ? -2.427  14.092  -0.131  1.00 1.41 ? 59 PRO A HB2  1 
ATOM 909  H HB3  . PRO A 1 59 ? -2.456  14.744  1.517   1.00 1.64 ? 59 PRO A HB3  1 
ATOM 910  H HG2  . PRO A 1 59 ? -0.162  13.802  -0.113  1.00 1.13 ? 59 PRO A HG2  1 
ATOM 911  H HG3  . PRO A 1 59 ? -0.238  15.095  1.091   1.00 1.44 ? 59 PRO A HG3  1 
ATOM 912  H HD2  . PRO A 1 59 ? 0.909   12.694  1.592   1.00 1.12 ? 59 PRO A HD2  1 
ATOM 913  H HD3  . PRO A 1 59 ? 0.097   13.648  2.851   1.00 1.47 ? 59 PRO A HD3  1 
ATOM 914  N N    . ALA A 1 60 ? -1.964  11.391  -0.659  1.00 0.74 ? 60 ALA A N    1 
ATOM 915  C CA   . ALA A 1 60 ? -2.333  10.450  -1.761  1.00 0.69 ? 60 ALA A CA   1 
ATOM 916  C C    . ALA A 1 60 ? -3.222  9.320   -1.225  1.00 0.56 ? 60 ALA A C    1 
ATOM 917  O O    . ALA A 1 60 ? -4.093  8.825   -1.913  1.00 0.61 ? 60 ALA A O    1 
ATOM 918  C CB   . ALA A 1 60 ? -1.001  9.892   -2.265  1.00 0.72 ? 60 ALA A CB   1 
ATOM 919  H H    . ALA A 1 60 ? -1.072  11.791  -0.639  1.00 0.78 ? 60 ALA A H    1 
ATOM 920  H HA   . ALA A 1 60 ? -2.835  10.979  -2.555  1.00 0.87 ? 60 ALA A HA   1 
ATOM 921  H HB1  . ALA A 1 60 ? -1.176  9.260   -3.123  1.00 1.32 ? 60 ALA A HB1  1 
ATOM 922  H HB2  . ALA A 1 60 ? -0.533  9.315   -1.482  1.00 1.15 ? 60 ALA A HB2  1 
ATOM 923  H HB3  . ALA A 1 60 ? -0.353  10.709  -2.547  1.00 1.32 ? 60 ALA A HB3  1 
ATOM 924  N N    . PHE A 1 61 ? -3.058  8.960   0.020   1.00 0.53 ? 61 PHE A N    1 
ATOM 925  C CA   . PHE A 1 61 ? -3.948  7.926   0.624   1.00 0.58 ? 61 PHE A CA   1 
ATOM 926  C C    . PHE A 1 61 ? -5.411  8.369   0.531   1.00 0.56 ? 61 PHE A C    1 
ATOM 927  O O    . PHE A 1 61 ? -6.282  7.600   0.177   1.00 0.57 ? 61 PHE A O    1 
ATOM 928  C CB   . PHE A 1 61 ? -3.513  7.834   2.085   1.00 0.78 ? 61 PHE A CB   1 
ATOM 929  C CG   . PHE A 1 61 ? -4.502  6.982   2.846   1.00 0.88 ? 61 PHE A CG   1 
ATOM 930  C CD1  . PHE A 1 61 ? -5.613  7.581   3.453   1.00 0.97 ? 61 PHE A CD1  1 
ATOM 931  C CD2  . PHE A 1 61 ? -4.315  5.597   2.938   1.00 1.03 ? 61 PHE A CD2  1 
ATOM 932  C CE1  . PHE A 1 61 ? -6.536  6.796   4.154   1.00 1.09 ? 61 PHE A CE1  1 
ATOM 933  C CE2  . PHE A 1 61 ? -5.238  4.812   3.640   1.00 1.18 ? 61 PHE A CE2  1 
ATOM 934  C CZ   . PHE A 1 61 ? -6.350  5.412   4.247   1.00 1.15 ? 61 PHE A CZ   1 
ATOM 935  H H    . PHE A 1 61 ? -2.385  9.409   0.575   1.00 0.59 ? 61 PHE A H    1 
ATOM 936  H HA   . PHE A 1 61 ? -3.809  6.975   0.136   1.00 0.65 ? 61 PHE A HA   1 
ATOM 937  H HB2  . PHE A 1 61 ? -2.530  7.389   2.142   1.00 0.90 ? 61 PHE A HB2  1 
ATOM 938  H HB3  . PHE A 1 61 ? -3.487  8.823   2.516   1.00 0.85 ? 61 PHE A HB3  1 
ATOM 939  H HD1  . PHE A 1 61 ? -5.757  8.649   3.382   1.00 1.05 ? 61 PHE A HD1  1 
ATOM 940  H HD2  . PHE A 1 61 ? -3.458  5.135   2.469   1.00 1.12 ? 61 PHE A HD2  1 
ATOM 941  H HE1  . PHE A 1 61 ? -7.392  7.258   4.623   1.00 1.22 ? 61 PHE A HE1  1 
ATOM 942  H HE2  . PHE A 1 61 ? -5.094  3.744   3.713   1.00 1.37 ? 61 PHE A HE2  1 
ATOM 943  H HZ   . PHE A 1 61 ? -7.062  4.806   4.788   1.00 1.28 ? 61 PHE A HZ   1 
ATOM 944  N N    . ASP A 1 62 ? -5.676  9.624   0.760   1.00 0.68 ? 62 ASP A N    1 
ATOM 945  C CA   . ASP A 1 62 ? -7.064  10.130  0.583   1.00 0.84 ? 62 ASP A CA   1 
ATOM 946  C C    . ASP A 1 62 ? -7.510  9.917   -0.863  1.00 0.81 ? 62 ASP A C    1 
ATOM 947  O O    . ASP A 1 62 ? -8.640  9.560   -1.125  1.00 0.84 ? 62 ASP A O    1 
ATOM 948  C CB   . ASP A 1 62 ? -6.982  11.623  0.910   1.00 1.07 ? 62 ASP A CB   1 
ATOM 949  C CG   . ASP A 1 62 ? -8.366  12.259  0.760   1.00 1.30 ? 62 ASP A CG   1 
ATOM 950  O OD1  . ASP A 1 62 ? -8.704  12.641  -0.347  1.00 1.88 ? 62 ASP A OD1  1 
ATOM 951  O OD2  . ASP A 1 62 ? -9.062  12.358  1.757   1.00 1.75 ? 62 ASP A OD2  1 
ATOM 952  H H    . ASP A 1 62 ? -4.951  10.245  0.982   1.00 0.73 ? 62 ASP A H    1 
ATOM 953  H HA   . ASP A 1 62 ? -7.741  9.638   1.262   1.00 0.89 ? 62 ASP A HA   1 
ATOM 954  H HB2  . ASP A 1 62 ? -6.636  11.751  1.925   1.00 1.13 ? 62 ASP A HB2  1 
ATOM 955  H HB3  . ASP A 1 62 ? -6.292  12.102  0.232   1.00 1.07 ? 62 ASP A HB3  1 
ATOM 956  N N    . LYS A 1 63 ? -6.637  10.151  -1.805  1.00 0.82 ? 63 LYS A N    1 
ATOM 957  C CA   . LYS A 1 63 ? -7.035  9.975   -3.232  1.00 0.92 ? 63 LYS A CA   1 
ATOM 958  C C    . LYS A 1 63 ? -7.472  8.527   -3.494  1.00 0.78 ? 63 LYS A C    1 
ATOM 959  O O    . LYS A 1 63 ? -8.515  8.282   -4.065  1.00 0.87 ? 63 LYS A O    1 
ATOM 960  C CB   . LYS A 1 63 ? -5.786  10.312  -4.047  1.00 1.05 ? 63 LYS A CB   1 
ATOM 961  C CG   . LYS A 1 63 ? -5.479  11.806  -3.917  1.00 1.57 ? 63 LYS A CG   1 
ATOM 962  C CD   . LYS A 1 63 ? -4.252  12.150  -4.765  1.00 2.18 ? 63 LYS A CD   1 
ATOM 963  C CE   . LYS A 1 63 ? -3.891  13.625  -4.569  1.00 2.99 ? 63 LYS A CE   1 
ATOM 964  N NZ   . LYS A 1 63 ? -5.159  14.370  -4.811  1.00 3.70 ? 63 LYS A NZ   1 
ATOM 965  H H    . LYS A 1 63 ? -5.730  10.453  -1.574  1.00 0.80 ? 63 LYS A H    1 
ATOM 966  H HA   . LYS A 1 63 ? -7.831  10.658  -3.485  1.00 1.07 ? 63 LYS A HA   1 
ATOM 967  H HB2  . LYS A 1 63 ? -4.948  9.739   -3.676  1.00 1.39 ? 63 LYS A HB2  1 
ATOM 968  H HB3  . LYS A 1 63 ? -5.956  10.068  -5.085  1.00 1.39 ? 63 LYS A HB3  1 
ATOM 969  H HG2  . LYS A 1 63 ? -6.328  12.379  -4.261  1.00 2.01 ? 63 LYS A HG2  1 
ATOM 970  H HG3  . LYS A 1 63 ? -5.279  12.044  -2.883  1.00 2.06 ? 63 LYS A HG3  1 
ATOM 971  H HD2  . LYS A 1 63 ? -3.420  11.532  -4.464  1.00 2.51 ? 63 LYS A HD2  1 
ATOM 972  H HD3  . LYS A 1 63 ? -4.475  11.972  -5.808  1.00 2.40 ? 63 LYS A HD3  1 
ATOM 973  H HE2  . LYS A 1 63 ? -3.542  13.794  -3.560  1.00 3.31 ? 63 LYS A HE2  1 
ATOM 974  H HE3  . LYS A 1 63 ? -3.138  13.924  -5.282  1.00 3.31 ? 63 LYS A HE3  1 
ATOM 975  H HZ1  . LYS A 1 63 ? -5.667  14.492  -3.912  1.00 4.14 ? 63 LYS A HZ1  1 
ATOM 976  H HZ2  . LYS A 1 63 ? -5.753  13.835  -5.477  1.00 3.93 ? 63 LYS A HZ2  1 
ATOM 977  H HZ3  . LYS A 1 63 ? -4.942  15.304  -5.212  1.00 4.04 ? 63 LYS A HZ3  1 
ATOM 978  N N    . VAL A 1 64 ? -6.674  7.567   -3.103  1.00 0.64 ? 64 VAL A N    1 
ATOM 979  C CA   . VAL A 1 64 ? -7.051  6.141   -3.362  1.00 0.63 ? 64 VAL A CA   1 
ATOM 980  C C    . VAL A 1 64 ? -8.223  5.723   -2.474  1.00 0.51 ? 64 VAL A C    1 
ATOM 981  O O    . VAL A 1 64 ? -9.210  5.200   -2.952  1.00 0.56 ? 64 VAL A O    1 
ATOM 982  C CB   . VAL A 1 64 ? -5.807  5.303   -3.045  1.00 0.69 ? 64 VAL A CB   1 
ATOM 983  C CG1  . VAL A 1 64 ? -5.370  5.526   -1.594  1.00 0.93 ? 64 VAL A CG1  1 
ATOM 984  C CG2  . VAL A 1 64 ? -6.136  3.822   -3.244  1.00 1.19 ? 64 VAL A CG2  1 
ATOM 985  H H    . VAL A 1 64 ? -5.829  7.783   -2.662  1.00 0.63 ? 64 VAL A H    1 
ATOM 986  H HA   . VAL A 1 64 ? -7.317  6.016   -4.401  1.00 0.75 ? 64 VAL A HA   1 
ATOM 987  H HB   . VAL A 1 64 ? -5.007  5.585   -3.711  1.00 0.91 ? 64 VAL A HB   1 
ATOM 988  H HG11 . VAL A 1 64 ? -6.021  4.973   -0.934  1.00 1.38 ? 64 VAL A HG11 1 
ATOM 989  H HG12 . VAL A 1 64 ? -5.423  6.573   -1.354  1.00 1.39 ? 64 VAL A HG12 1 
ATOM 990  H HG13 . VAL A 1 64 ? -4.356  5.180   -1.468  1.00 1.62 ? 64 VAL A HG13 1 
ATOM 991  H HG21 . VAL A 1 64 ? -5.318  3.338   -3.757  1.00 1.70 ? 64 VAL A HG21 1 
ATOM 992  H HG22 . VAL A 1 64 ? -7.036  3.729   -3.832  1.00 1.62 ? 64 VAL A HG22 1 
ATOM 993  H HG23 . VAL A 1 64 ? -6.286  3.355   -2.281  1.00 1.74 ? 64 VAL A HG23 1 
ATOM 994  N N    . VAL A 1 65 ? -8.173  6.017   -1.204  1.00 0.46 ? 65 VAL A N    1 
ATOM 995  C CA   . VAL A 1 65 ? -9.345  5.706   -0.337  1.00 0.55 ? 65 VAL A CA   1 
ATOM 996  C C    . VAL A 1 65 ? -10.608 6.321   -0.953  1.00 0.58 ? 65 VAL A C    1 
ATOM 997  O O    . VAL A 1 65 ? -11.686 5.765   -0.875  1.00 0.65 ? 65 VAL A O    1 
ATOM 998  C CB   . VAL A 1 65 ? -9.015  6.318   1.033   1.00 0.69 ? 65 VAL A CB   1 
ATOM 999  C CG1  . VAL A 1 65 ? -9.838  7.590   1.272   1.00 0.92 ? 65 VAL A CG1  1 
ATOM 1000 C CG2  . VAL A 1 65 ? -9.340  5.295   2.125   1.00 0.98 ? 65 VAL A CG2  1 
ATOM 1001 H H    . VAL A 1 65 ? -7.400  6.496   -0.837  1.00 0.46 ? 65 VAL A H    1 
ATOM 1002 H HA   . VAL A 1 65 ? -9.463  4.637   -0.244  1.00 0.61 ? 65 VAL A HA   1 
ATOM 1003 H HB   . VAL A 1 65 ? -7.964  6.560   1.072   1.00 0.91 ? 65 VAL A HB   1 
ATOM 1004 H HG11 . VAL A 1 65 ? -9.520  8.359   0.585   1.00 1.45 ? 65 VAL A HG11 1 
ATOM 1005 H HG12 . VAL A 1 65 ? -9.688  7.929   2.286   1.00 1.40 ? 65 VAL A HG12 1 
ATOM 1006 H HG13 . VAL A 1 65 ? -10.885 7.376   1.115   1.00 1.40 ? 65 VAL A HG13 1 
ATOM 1007 H HG21 . VAL A 1 65 ? -10.250 4.771   1.869   1.00 1.49 ? 65 VAL A HG21 1 
ATOM 1008 H HG22 . VAL A 1 65 ? -9.471  5.804   3.068   1.00 1.44 ? 65 VAL A HG22 1 
ATOM 1009 H HG23 . VAL A 1 65 ? -8.529  4.588   2.207   1.00 1.51 ? 65 VAL A HG23 1 
ATOM 1010 N N    . PHE A 1 66 ? -10.455 7.413   -1.652  1.00 0.64 ? 66 PHE A N    1 
ATOM 1011 C CA   . PHE A 1 66 ? -11.612 8.010   -2.379  1.00 0.79 ? 66 PHE A CA   1 
ATOM 1012 C C    . PHE A 1 66 ? -11.601 7.550   -3.841  1.00 0.83 ? 66 PHE A C    1 
ATOM 1013 O O    . PHE A 1 66 ? -12.478 7.876   -4.615  1.00 0.96 ? 66 PHE A O    1 
ATOM 1014 C CB   . PHE A 1 66 ? -11.402 9.522   -2.282  1.00 0.94 ? 66 PHE A CB   1 
ATOM 1015 C CG   . PHE A 1 66 ? -11.965 10.026  -0.973  1.00 1.18 ? 66 PHE A CG   1 
ATOM 1016 C CD1  . PHE A 1 66 ? -13.211 9.572   -0.524  1.00 1.58 ? 66 PHE A CD1  1 
ATOM 1017 C CD2  . PHE A 1 66 ? -11.239 10.949  -0.211  1.00 1.61 ? 66 PHE A CD2  1 
ATOM 1018 C CE1  . PHE A 1 66 ? -13.732 10.040  0.689   1.00 2.13 ? 66 PHE A CE1  1 
ATOM 1019 C CE2  . PHE A 1 66 ? -11.759 11.418  1.001   1.00 2.12 ? 66 PHE A CE2  1 
ATOM 1020 C CZ   . PHE A 1 66 ? -13.006 10.964  1.451   1.00 2.30 ? 66 PHE A CZ   1 
ATOM 1021 H H    . PHE A 1 66 ? -9.561  7.799   -1.763  1.00 0.63 ? 66 PHE A H    1 
ATOM 1022 H HA   . PHE A 1 66 ? -12.539 7.732   -1.903  1.00 0.83 ? 66 PHE A HA   1 
ATOM 1023 H HB2  . PHE A 1 66 ? -10.344 9.740   -2.322  1.00 1.11 ? 66 PHE A HB2  1 
ATOM 1024 H HB3  . PHE A 1 66 ? -11.904 10.010  -3.104  1.00 1.18 ? 66 PHE A HB3  1 
ATOM 1025 H HD1  . PHE A 1 66 ? -13.772 8.861   -1.112  1.00 1.74 ? 66 PHE A HD1  1 
ATOM 1026 H HD2  . PHE A 1 66 ? -10.279 11.299  -0.558  1.00 1.82 ? 66 PHE A HD2  1 
ATOM 1027 H HE1  . PHE A 1 66 ? -14.692 9.690   1.036   1.00 2.59 ? 66 PHE A HE1  1 
ATOM 1028 H HE2  . PHE A 1 66 ? -11.200 12.130  1.590   1.00 2.56 ? 66 PHE A HE2  1 
ATOM 1029 H HZ   . PHE A 1 66 ? -13.407 11.326  2.387   1.00 2.80 ? 66 PHE A HZ   1 
ATOM 1030 N N    . SER A 1 67 ? -10.665 6.709   -4.188  1.00 0.79 ? 67 SER A N    1 
ATOM 1031 C CA   . SER A 1 67 ? -10.646 6.120   -5.555  1.00 0.89 ? 67 SER A CA   1 
ATOM 1032 C C    . SER A 1 67 ? -11.352 4.763   -5.537  1.00 0.83 ? 67 SER A C    1 
ATOM 1033 O O    . SER A 1 67 ? -12.476 4.632   -5.978  1.00 0.97 ? 67 SER A O    1 
ATOM 1034 C CB   . SER A 1 67 ? -9.163  5.949   -5.893  1.00 0.97 ? 67 SER A CB   1 
ATOM 1035 O OG   . SER A 1 67 ? -9.029  5.579   -7.257  1.00 1.23 ? 67 SER A OG   1 
ATOM 1036 H H    . SER A 1 67 ? -10.020 6.407   -3.524  1.00 0.73 ? 67 SER A H    1 
ATOM 1037 H HA   . SER A 1 67 ? -11.113 6.784   -6.262  1.00 1.00 ? 67 SER A HA   1 
ATOM 1038 H HB2  . SER A 1 67 ? -8.645  6.880   -5.721  1.00 1.03 ? 67 SER A HB2  1 
ATOM 1039 H HB3  . SER A 1 67 ? -8.738  5.179   -5.268  1.00 1.05 ? 67 SER A HB3  1 
ATOM 1040 H HG   . SER A 1 67 ? -8.846  6.373   -7.765  1.00 1.52 ? 67 SER A HG   1 
ATOM 1041 N N    . CYS A 1 68 ? -10.746 3.779   -4.926  1.00 0.74 ? 68 CYS A N    1 
ATOM 1042 C CA   . CYS A 1 68 ? -11.439 2.468   -4.762  1.00 0.77 ? 68 CYS A CA   1 
ATOM 1043 C C    . CYS A 1 68 ? -11.887 2.292   -3.308  1.00 0.76 ? 68 CYS A C    1 
ATOM 1044 O O    . CYS A 1 68 ? -11.198 2.695   -2.393  1.00 0.80 ? 68 CYS A O    1 
ATOM 1045 C CB   . CYS A 1 68 ? -10.395 1.415   -5.135  1.00 0.85 ? 68 CYS A CB   1 
ATOM 1046 S SG   . CYS A 1 68 ? -9.866  1.671   -6.846  1.00 1.83 ? 68 CYS A SG   1 
ATOM 1047 H H    . CYS A 1 68 ? -9.872  3.929   -4.504  1.00 0.76 ? 68 CYS A H    1 
ATOM 1048 H HA   . CYS A 1 68 ? -12.284 2.402   -5.428  1.00 0.83 ? 68 CYS A HA   1 
ATOM 1049 H HB2  . CYS A 1 68 ? -9.541  1.505   -4.477  1.00 0.94 ? 68 CYS A HB2  1 
ATOM 1050 H HB3  . CYS A 1 68 ? -10.825 0.430   -5.034  1.00 1.29 ? 68 CYS A HB3  1 
ATOM 1051 H HG   . CYS A 1 68 ? -8.917  1.822   -6.845  1.00 2.29 ? 68 CYS A HG   1 
ATOM 1052 N N    . PRO A 1 69 ? -13.040 1.702   -3.146  1.00 0.86 ? 69 PRO A N    1 
ATOM 1053 C CA   . PRO A 1 69 ? -13.597 1.481   -1.790  1.00 0.96 ? 69 PRO A CA   1 
ATOM 1054 C C    . PRO A 1 69 ? -12.801 0.402   -1.053  1.00 1.01 ? 69 PRO A C    1 
ATOM 1055 O O    . PRO A 1 69 ? -12.065 -0.358  -1.650  1.00 1.64 ? 69 PRO A O    1 
ATOM 1056 C CB   . PRO A 1 69 ? -15.026 1.011   -2.053  1.00 1.05 ? 69 PRO A CB   1 
ATOM 1057 C CG   . PRO A 1 69 ? -15.015 0.474   -3.451  1.00 1.19 ? 69 PRO A CG   1 
ATOM 1058 C CD   . PRO A 1 69 ? -13.922 1.192   -4.201  1.00 1.01 ? 69 PRO A CD   1 
ATOM 1059 H HA   . PRO A 1 69 ? -13.609 2.399   -1.226  1.00 1.01 ? 69 PRO A HA   1 
ATOM 1060 H HB2  . PRO A 1 69 ? -15.298 0.232   -1.356  1.00 1.09 ? 69 PRO A HB2  1 
ATOM 1061 H HB3  . PRO A 1 69 ? -15.712 1.841   -1.976  1.00 1.19 ? 69 PRO A HB3  1 
ATOM 1062 H HG2  . PRO A 1 69 ? -14.814 -0.587  -3.435  1.00 1.42 ? 69 PRO A HG2  1 
ATOM 1063 H HG3  . PRO A 1 69 ? -15.968 0.661   -3.923  1.00 1.41 ? 69 PRO A HG3  1 
ATOM 1064 H HD2  . PRO A 1 69 ? -13.389 0.505   -4.841  1.00 1.11 ? 69 PRO A HD2  1 
ATOM 1065 H HD3  . PRO A 1 69 ? -14.332 2.008   -4.778  1.00 1.06 ? 69 PRO A HD3  1 
ATOM 1066 N N    . VAL A 1 70 ? -12.965 0.312   0.237   1.00 0.88 ? 70 VAL A N    1 
ATOM 1067 C CA   . VAL A 1 70 ? -12.242 -0.737  1.011   1.00 0.93 ? 70 VAL A CA   1 
ATOM 1068 C C    . VAL A 1 70 ? -12.579 -2.124  0.453   1.00 0.99 ? 70 VAL A C    1 
ATOM 1069 O O    . VAL A 1 70 ? -13.385 -2.260  -0.445  1.00 1.55 ? 70 VAL A O    1 
ATOM 1070 C CB   . VAL A 1 70 ? -12.756 -0.585  2.443   1.00 1.11 ? 70 VAL A CB   1 
ATOM 1071 C CG1  . VAL A 1 70 ? -14.275 -0.759  2.460   1.00 1.74 ? 70 VAL A CG1  1 
ATOM 1072 C CG2  . VAL A 1 70 ? -12.110 -1.645  3.339   1.00 1.62 ? 70 VAL A CG2  1 
ATOM 1073 H H    . VAL A 1 70 ? -13.578 0.925   0.697   1.00 1.22 ? 70 VAL A H    1 
ATOM 1074 H HA   . VAL A 1 70 ? -11.178 -0.564  0.979   1.00 0.91 ? 70 VAL A HA   1 
ATOM 1075 H HB   . VAL A 1 70 ? -12.504 0.398   2.813   1.00 1.48 ? 70 VAL A HB   1 
ATOM 1076 H HG11 . VAL A 1 70 ? -14.607 -1.116  1.496   1.00 2.06 ? 70 VAL A HG11 1 
ATOM 1077 H HG12 . VAL A 1 70 ? -14.744 0.191   2.672   1.00 2.19 ? 70 VAL A HG12 1 
ATOM 1078 H HG13 . VAL A 1 70 ? -14.548 -1.474  3.223   1.00 2.35 ? 70 VAL A HG13 1 
ATOM 1079 H HG21 . VAL A 1 70 ? -12.358 -2.628  2.971   1.00 2.00 ? 70 VAL A HG21 1 
ATOM 1080 H HG22 . VAL A 1 70 ? -12.477 -1.535  4.349   1.00 2.15 ? 70 VAL A HG22 1 
ATOM 1081 H HG23 . VAL A 1 70 ? -11.037 -1.516  3.331   1.00 2.06 ? 70 VAL A HG23 1 
ATOM 1082 N N    . LEU A 1 71 ? -11.882 -3.136  0.898   1.00 0.88 ? 71 LEU A N    1 
ATOM 1083 C CA   . LEU A 1 71 ? -12.064 -4.496  0.309   1.00 0.92 ? 71 LEU A CA   1 
ATOM 1084 C C    . LEU A 1 71 ? -11.735 -4.468  -1.185  1.00 0.86 ? 71 LEU A C    1 
ATOM 1085 O O    . LEU A 1 71 ? -12.325 -5.178  -1.976  1.00 1.16 ? 71 LEU A O    1 
ATOM 1086 C CB   . LEU A 1 71 ? -13.537 -4.849  0.528   1.00 1.05 ? 71 LEU A CB   1 
ATOM 1087 C CG   . LEU A 1 71 ? -13.797 -5.064  2.020   1.00 1.23 ? 71 LEU A CG   1 
ATOM 1088 C CD1  . LEU A 1 71 ? -14.458 -3.815  2.605   1.00 1.28 ? 71 LEU A CD1  1 
ATOM 1089 C CD2  . LEU A 1 71 ? -14.726 -6.265  2.206   1.00 1.71 ? 71 LEU A CD2  1 
ATOM 1090 H H    . LEU A 1 71 ? -11.177 -2.983  1.560   1.00 1.15 ? 71 LEU A H    1 
ATOM 1091 H HA   . LEU A 1 71 ? -11.435 -5.211  0.817   1.00 1.02 ? 71 LEU A HA   1 
ATOM 1092 H HB2  . LEU A 1 71 ? -14.160 -4.046  0.167   1.00 1.38 ? 71 LEU A HB2  1 
ATOM 1093 H HB3  . LEU A 1 71 ? -13.772 -5.755  -0.011  1.00 1.24 ? 71 LEU A HB3  1 
ATOM 1094 H HG   . LEU A 1 71 ? -12.862 -5.249  2.527   1.00 1.41 ? 71 LEU A HG   1 
ATOM 1095 H HD11 . LEU A 1 71 ? -13.937 -3.518  3.503   1.00 1.82 ? 71 LEU A HD11 1 
ATOM 1096 H HD12 . LEU A 1 71 ? -15.489 -4.030  2.841   1.00 1.64 ? 71 LEU A HD12 1 
ATOM 1097 H HD13 . LEU A 1 71 ? -14.415 -3.014  1.882   1.00 1.47 ? 71 LEU A HD13 1 
ATOM 1098 H HD21 . LEU A 1 71 ? -14.156 -7.111  2.558   1.00 2.06 ? 71 LEU A HD21 1 
ATOM 1099 H HD22 . LEU A 1 71 ? -15.191 -6.510  1.262   1.00 2.19 ? 71 LEU A HD22 1 
ATOM 1100 H HD23 . LEU A 1 71 ? -15.490 -6.020  2.930   1.00 2.03 ? 71 LEU A HD23 1 
ATOM 1101 N N    . GLU A 1 72 ? -10.772 -3.676  -1.571  1.00 0.73 ? 72 GLU A N    1 
ATOM 1102 C CA   . GLU A 1 72 ? -10.375 -3.627  -3.007  1.00 0.75 ? 72 GLU A CA   1 
ATOM 1103 C C    . GLU A 1 72 ? -8.999  -2.967  -3.146  1.00 0.68 ? 72 GLU A C    1 
ATOM 1104 O O    . GLU A 1 72 ? -8.894  -1.758  -3.194  1.00 0.76 ? 72 GLU A O    1 
ATOM 1105 C CB   . GLU A 1 72 ? -11.450 -2.780  -3.688  1.00 0.87 ? 72 GLU A CB   1 
ATOM 1106 C CG   . GLU A 1 72 ? -11.623 -3.243  -5.136  1.00 1.32 ? 72 GLU A CG   1 
ATOM 1107 C CD   . GLU A 1 72 ? -12.912 -2.651  -5.710  1.00 1.49 ? 72 GLU A CD   1 
ATOM 1108 O OE1  . GLU A 1 72 ? -13.625 -2.001  -4.964  1.00 1.98 ? 72 GLU A OE1  1 
ATOM 1109 O OE2  . GLU A 1 72 ? -13.163 -2.858  -6.886  1.00 2.01 ? 72 GLU A OE2  1 
ATOM 1110 H H    . GLU A 1 72 ? -10.294 -3.130  -0.913  1.00 0.85 ? 72 GLU A H    1 
ATOM 1111 H HA   . GLU A 1 72 ? -10.363 -4.618  -3.430  1.00 0.84 ? 72 GLU A HA   1 
ATOM 1112 H HB2  . GLU A 1 72 ? -12.385 -2.892  -3.160  1.00 1.18 ? 72 GLU A HB2  1 
ATOM 1113 H HB3  . GLU A 1 72 ? -11.152 -1.742  -3.675  1.00 1.13 ? 72 GLU A HB3  1 
ATOM 1114 H HG2  . GLU A 1 72 ? -10.781 -2.910  -5.724  1.00 1.82 ? 72 GLU A HG2  1 
ATOM 1115 H HG3  . GLU A 1 72 ? -11.678 -4.321  -5.164  1.00 1.90 ? 72 GLU A HG3  1 
ATOM 1116 N N    . PRO A 1 73 ? -7.984  -3.788  -3.161  1.00 0.62 ? 73 PRO A N    1 
ATOM 1117 C CA   . PRO A 1 73 ? -6.593  -3.278  -3.241  1.00 0.59 ? 73 PRO A CA   1 
ATOM 1118 C C    . PRO A 1 73 ? -6.437  -2.335  -4.438  1.00 0.56 ? 73 PRO A C    1 
ATOM 1119 O O    . PRO A 1 73 ? -7.048  -2.521  -5.473  1.00 0.70 ? 73 PRO A O    1 
ATOM 1120 C CB   . PRO A 1 73 ? -5.737  -4.534  -3.421  1.00 0.65 ? 73 PRO A CB   1 
ATOM 1121 C CG   . PRO A 1 73 ? -6.696  -5.664  -3.658  1.00 0.87 ? 73 PRO A CG   1 
ATOM 1122 C CD   . PRO A 1 73 ? -8.032  -5.248  -3.107  1.00 0.72 ? 73 PRO A CD   1 
ATOM 1123 H HA   . PRO A 1 73 ? -6.321  -2.776  -2.326  1.00 0.60 ? 73 PRO A HA   1 
ATOM 1124 H HB2  . PRO A 1 73 ? -5.082  -4.419  -4.272  1.00 0.69 ? 73 PRO A HB2  1 
ATOM 1125 H HB3  . PRO A 1 73 ? -5.157  -4.720  -2.529  1.00 0.76 ? 73 PRO A HB3  1 
ATOM 1126 H HG2  . PRO A 1 73 ? -6.780  -5.858  -4.717  1.00 1.12 ? 73 PRO A HG2  1 
ATOM 1127 H HG3  . PRO A 1 73 ? -6.350  -6.551  -3.147  1.00 1.19 ? 73 PRO A HG3  1 
ATOM 1128 H HD2  . PRO A 1 73 ? -8.831  -5.625  -3.726  1.00 0.76 ? 73 PRO A HD2  1 
ATOM 1129 H HD3  . PRO A 1 73 ? -8.145  -5.586  -2.087  1.00 0.80 ? 73 PRO A HD3  1 
ATOM 1130 N N    . THR A 1 74 ? -5.641  -1.311  -4.295  1.00 0.47 ? 74 THR A N    1 
ATOM 1131 C CA   . THR A 1 74 ? -5.464  -0.338  -5.412  1.00 0.47 ? 74 THR A CA   1 
ATOM 1132 C C    . THR A 1 74 ? -3.996  0.084   -5.519  1.00 0.43 ? 74 THR A C    1 
ATOM 1133 O O    . THR A 1 74 ? -3.308  0.237   -4.529  1.00 0.45 ? 74 THR A O    1 
ATOM 1134 C CB   . THR A 1 74 ? -6.337  0.859   -5.034  1.00 0.55 ? 74 THR A CB   1 
ATOM 1135 O OG1  . THR A 1 74 ? -7.707  0.488   -5.117  1.00 0.64 ? 74 THR A OG1  1 
ATOM 1136 C CG2  . THR A 1 74 ? -6.060  2.019   -5.990  1.00 0.57 ? 74 THR A CG2  1 
ATOM 1137 H H    . THR A 1 74 ? -5.173  -1.170  -3.446  1.00 0.50 ? 74 THR A H    1 
ATOM 1138 H HA   . THR A 1 74 ? -5.804  -0.764  -6.341  1.00 0.51 ? 74 THR A HA   1 
ATOM 1139 H HB   . THR A 1 74 ? -6.110  1.167   -4.025  1.00 0.58 ? 74 THR A HB   1 
ATOM 1140 H HG1  . THR A 1 74 ? -7.766  -0.462  -4.991  1.00 1.10 ? 74 THR A HG1  1 
ATOM 1141 H HG21 . THR A 1 74 ? -5.211  2.584   -5.634  1.00 1.22 ? 74 THR A HG21 1 
ATOM 1142 H HG22 . THR A 1 74 ? -6.926  2.663   -6.036  1.00 1.09 ? 74 THR A HG22 1 
ATOM 1143 H HG23 . THR A 1 74 ? -5.847  1.631   -6.975  1.00 1.16 ? 74 THR A HG23 1 
ATOM 1144 N N    . GLY A 1 75 ? -3.511  0.278   -6.716  1.00 0.43 ? 75 GLY A N    1 
ATOM 1145 C CA   . GLY A 1 75 ? -2.091  0.696   -6.889  1.00 0.42 ? 75 GLY A CA   1 
ATOM 1146 C C    . GLY A 1 75 ? -1.462  -0.104  -8.033  1.00 0.46 ? 75 GLY A C    1 
ATOM 1147 O O    . GLY A 1 75 ? -2.116  -0.928  -8.642  1.00 0.52 ? 75 GLY A O    1 
ATOM 1148 H H    . GLY A 1 75 ? -4.083  0.154   -7.502  1.00 0.48 ? 75 GLY A H    1 
ATOM 1149 H HA2  . GLY A 1 75 ? -2.050  1.750   -7.121  1.00 0.43 ? 75 GLY A HA2  1 
ATOM 1150 H HA3  . GLY A 1 75 ? -1.547  0.507   -5.975  1.00 0.41 ? 75 GLY A HA3  1 
ATOM 1151 N N    . PRO A 1 76 ? -0.198  0.143   -8.273  1.00 0.46 ? 76 PRO A N    1 
ATOM 1152 C CA   . PRO A 1 76 ? 0.550   1.162   -7.495  1.00 0.42 ? 76 PRO A CA   1 
ATOM 1153 C C    . PRO A 1 76 ? 0.127   2.575   -7.912  1.00 0.47 ? 76 PRO A C    1 
ATOM 1154 O O    . PRO A 1 76 ? -0.053  2.861   -9.079  1.00 0.66 ? 76 PRO A O    1 
ATOM 1155 C CB   . PRO A 1 76 ? 2.007   0.894   -7.865  1.00 0.44 ? 76 PRO A CB   1 
ATOM 1156 C CG   . PRO A 1 76 ? 1.955   0.229   -9.204  1.00 0.48 ? 76 PRO A CG   1 
ATOM 1157 C CD   . PRO A 1 76 ? 0.640   -0.505  -9.288  1.00 0.53 ? 76 PRO A CD   1 
ATOM 1158 H HA   . PRO A 1 76 ? 0.406   1.016   -6.437  1.00 0.40 ? 76 PRO A HA   1 
ATOM 1159 H HB2  . PRO A 1 76 ? 2.554   1.824   -7.929  1.00 0.47 ? 76 PRO A HB2  1 
ATOM 1160 H HB3  . PRO A 1 76 ? 2.464   0.240   -7.138  1.00 0.43 ? 76 PRO A HB3  1 
ATOM 1161 H HG2  . PRO A 1 76 ? 2.012   0.970   -9.988  1.00 0.54 ? 76 PRO A HG2  1 
ATOM 1162 H HG3  . PRO A 1 76 ? 2.773   -0.472  -9.301  1.00 0.50 ? 76 PRO A HG3  1 
ATOM 1163 H HD2  . PRO A 1 76 ? 0.204   -0.389  -10.269 1.00 0.63 ? 76 PRO A HD2  1 
ATOM 1164 H HD3  . PRO A 1 76 ? 0.776   -1.551  -9.054  1.00 0.59 ? 76 PRO A HD3  1 
ATOM 1165 N N    . LEU A 1 77 ? -0.069  3.450   -6.962  1.00 0.44 ? 77 LEU A N    1 
ATOM 1166 C CA   . LEU A 1 77 ? -0.525  4.833   -7.296  1.00 0.48 ? 77 LEU A CA   1 
ATOM 1167 C C    . LEU A 1 77 ? 0.658   5.807   -7.270  1.00 0.43 ? 77 LEU A C    1 
ATOM 1168 O O    . LEU A 1 77 ? 1.699   5.516   -6.716  1.00 0.45 ? 77 LEU A O    1 
ATOM 1169 C CB   . LEU A 1 77 ? -1.538  5.191   -6.208  1.00 0.54 ? 77 LEU A CB   1 
ATOM 1170 C CG   . LEU A 1 77 ? -2.074  6.602   -6.457  1.00 1.25 ? 77 LEU A CG   1 
ATOM 1171 C CD1  . LEU A 1 77 ? -2.883  6.616   -7.755  1.00 1.90 ? 77 LEU A CD1  1 
ATOM 1172 C CD2  . LEU A 1 77 ? -2.972  7.019   -5.291  1.00 1.66 ? 77 LEU A CD2  1 
ATOM 1173 H H    . LEU A 1 77 ? 0.056   3.190   -6.025  1.00 0.51 ? 77 LEU A H    1 
ATOM 1174 H HA   . LEU A 1 77 ? -1.003  4.848   -8.263  1.00 0.57 ? 77 LEU A HA   1 
ATOM 1175 H HB2  . LEU A 1 77 ? -2.356  4.485   -6.232  1.00 1.05 ? 77 LEU A HB2  1 
ATOM 1176 H HB3  . LEU A 1 77 ? -1.057  5.152   -5.242  1.00 0.82 ? 77 LEU A HB3  1 
ATOM 1177 H HG   . LEU A 1 77 ? -1.247  7.291   -6.540  1.00 2.08 ? 77 LEU A HG   1 
ATOM 1178 H HD11 . LEU A 1 77 ? -3.935  6.697   -7.523  1.00 2.39 ? 77 LEU A HD11 1 
ATOM 1179 H HD12 . LEU A 1 77 ? -2.704  5.703   -8.303  1.00 2.27 ? 77 LEU A HD12 1 
ATOM 1180 H HD13 . LEU A 1 77 ? -2.582  7.462   -8.357  1.00 2.41 ? 77 LEU A HD13 1 
ATOM 1181 H HD21 . LEU A 1 77 ? -3.500  6.155   -4.915  1.00 2.02 ? 77 LEU A HD21 1 
ATOM 1182 H HD22 . LEU A 1 77 ? -3.684  7.757   -5.631  1.00 2.13 ? 77 LEU A HD22 1 
ATOM 1183 H HD23 . LEU A 1 77 ? -2.365  7.440   -4.503  1.00 2.23 ? 77 LEU A HD23 1 
ATOM 1184 N N    . HIS A 1 78 ? 0.524   6.939   -7.906  1.00 0.56 ? 78 HIS A N    1 
ATOM 1185 C CA   . HIS A 1 78 ? 1.660   7.904   -7.965  1.00 0.56 ? 78 HIS A CA   1 
ATOM 1186 C C    . HIS A 1 78 ? 1.802   8.668   -6.645  1.00 0.57 ? 78 HIS A C    1 
ATOM 1187 O O    . HIS A 1 78 ? 0.862   9.265   -6.158  1.00 0.65 ? 78 HIS A O    1 
ATOM 1188 C CB   . HIS A 1 78 ? 1.302   8.872   -9.094  1.00 0.66 ? 78 HIS A CB   1 
ATOM 1189 C CG   . HIS A 1 78 ? 1.408   8.163   -10.415 1.00 1.16 ? 78 HIS A CG   1 
ATOM 1190 N ND1  . HIS A 1 78 ? 0.293   7.827   -11.165 1.00 1.94 ? 78 HIS A ND1  1 
ATOM 1191 C CD2  . HIS A 1 78 ? 2.491   7.724   -11.134 1.00 1.85 ? 78 HIS A CD2  1 
ATOM 1192 C CE1  . HIS A 1 78 ? 0.727   7.213   -12.281 1.00 2.52 ? 78 HIS A CE1  1 
ATOM 1193 N NE2  . HIS A 1 78 ? 2.059   7.124   -12.312 1.00 2.46 ? 78 HIS A NE2  1 
ATOM 1194 H H    . HIS A 1 78 ? -0.313  7.139   -8.377  1.00 0.73 ? 78 HIS A H    1 
ATOM 1195 H HA   . HIS A 1 78 ? 2.578   7.390   -8.202  1.00 0.55 ? 78 HIS A HA   1 
ATOM 1196 H HB2  . HIS A 1 78 ? 0.291   9.226   -8.955  1.00 1.04 ? 78 HIS A HB2  1 
ATOM 1197 H HB3  . HIS A 1 78 ? 1.984   9.710   -9.079  1.00 0.92 ? 78 HIS A HB3  1 
ATOM 1198 H HD1  . HIS A 1 78 ? -0.641  8.004   -10.927 1.00 2.37 ? 78 HIS A HD1  1 
ATOM 1199 H HD2  . HIS A 1 78 ? 3.523   7.828   -10.829 1.00 2.32 ? 78 HIS A HD2  1 
ATOM 1200 H HE1  . HIS A 1 78 ? 0.077   6.837   -13.058 1.00 3.26 ? 78 HIS A HE1  1 
ATOM 1201 N N    . THR A 1 79 ? 3.004   8.773   -6.144  1.00 0.57 ? 79 THR A N    1 
ATOM 1202 C CA   . THR A 1 79 ? 3.244   9.637   -4.951  1.00 0.63 ? 79 THR A CA   1 
ATOM 1203 C C    . THR A 1 79 ? 4.651   10.240  -5.023  1.00 0.67 ? 79 THR A C    1 
ATOM 1204 O O    . THR A 1 79 ? 5.501   9.764   -5.748  1.00 0.64 ? 79 THR A O    1 
ATOM 1205 C CB   . THR A 1 79 ? 3.108   8.708   -3.741  1.00 0.63 ? 79 THR A CB   1 
ATOM 1206 O OG1  . THR A 1 79 ? 2.964   9.489   -2.560  1.00 0.74 ? 79 THR A OG1  1 
ATOM 1207 C CG2  . THR A 1 79 ? 4.353   7.829   -3.620  1.00 0.62 ? 79 THR A CG2  1 
ATOM 1208 H H    . THR A 1 79 ? 3.764   8.369   -6.614  1.00 0.56 ? 79 THR A H    1 
ATOM 1209 H HA   . THR A 1 79 ? 2.502   10.420  -4.900  1.00 0.70 ? 79 THR A HA   1 
ATOM 1210 H HB   . THR A 1 79 ? 2.240   8.080   -3.865  1.00 0.64 ? 79 THR A HB   1 
ATOM 1211 H HG1  . THR A 1 79 ? 2.718   10.380  -2.819  1.00 1.08 ? 79 THR A HG1  1 
ATOM 1212 H HG21 . THR A 1 79 ? 4.836   7.753   -4.582  1.00 1.33 ? 79 THR A HG21 1 
ATOM 1213 H HG22 . THR A 1 79 ? 4.065   6.844   -3.283  1.00 1.20 ? 79 THR A HG22 1 
ATOM 1214 H HG23 . THR A 1 79 ? 5.036   8.269   -2.908  1.00 1.02 ? 79 THR A HG23 1 
ATOM 1215 N N    . GLN A 1 80 ? 4.883   11.324  -4.335  1.00 0.76 ? 80 GLN A N    1 
ATOM 1216 C CA   . GLN A 1 80 ? 6.209   12.003  -4.439  1.00 0.83 ? 80 GLN A CA   1 
ATOM 1217 C C    . GLN A 1 80 ? 7.337   11.061  -4.000  1.00 0.79 ? 80 GLN A C    1 
ATOM 1218 O O    . GLN A 1 80 ? 8.461   11.178  -4.444  1.00 0.85 ? 80 GLN A O    1 
ATOM 1219 C CB   . GLN A 1 80 ? 6.119   13.211  -3.502  1.00 0.97 ? 80 GLN A CB   1 
ATOM 1220 C CG   . GLN A 1 80 ? 5.159   14.243  -4.095  1.00 1.86 ? 80 GLN A CG   1 
ATOM 1221 C CD   . GLN A 1 80 ? 4.874   15.330  -3.056  1.00 2.14 ? 80 GLN A CD   1 
ATOM 1222 O OE1  . GLN A 1 80 ? 5.082   15.127  -1.876  1.00 2.09 ? 80 GLN A OE1  1 
ATOM 1223 N NE2  . GLN A 1 80 ? 4.402   16.481  -3.447  1.00 3.01 ? 80 GLN A NE2  1 
ATOM 1224 H H    . GLN A 1 80 ? 4.168   11.725  -3.798  1.00 0.80 ? 80 GLN A H    1 
ATOM 1225 H HA   . GLN A 1 80 ? 6.378   12.340  -5.450  1.00 0.85 ? 80 GLN A HA   1 
ATOM 1226 H HB2  . GLN A 1 80 ? 5.755   12.895  -2.537  1.00 1.41 ? 80 GLN A HB2  1 
ATOM 1227 H HB3  . GLN A 1 80 ? 7.098   13.652  -3.391  1.00 1.31 ? 80 GLN A HB3  1 
ATOM 1228 H HG2  . GLN A 1 80 ? 5.607   14.691  -4.971  1.00 2.42 ? 80 GLN A HG2  1 
ATOM 1229 H HG3  . GLN A 1 80 ? 4.235   13.759  -4.372  1.00 2.46 ? 80 GLN A HG3  1 
ATOM 1230 H HE21 . GLN A 1 80 ? 4.233   16.645  -4.399  1.00 3.55 ? 80 GLN A HE21 1 
ATOM 1231 H HE22 . GLN A 1 80 ? 4.217   17.184  -2.789  1.00 3.31 ? 80 GLN A HE22 1 
ATOM 1232 N N    . PHE A 1 81 ? 7.061   10.163  -3.094  1.00 0.76 ? 81 PHE A N    1 
ATOM 1233 C CA   . PHE A 1 81 ? 8.135   9.260   -2.586  1.00 0.74 ? 81 PHE A CA   1 
ATOM 1234 C C    . PHE A 1 81 ? 8.388   8.112   -3.569  1.00 0.64 ? 81 PHE A C    1 
ATOM 1235 O O    . PHE A 1 81 ? 9.318   7.348   -3.413  1.00 0.66 ? 81 PHE A O    1 
ATOM 1236 C CB   . PHE A 1 81 ? 7.603   8.723   -1.257  1.00 0.77 ? 81 PHE A CB   1 
ATOM 1237 C CG   . PHE A 1 81 ? 7.583   9.838   -0.239  1.00 0.92 ? 81 PHE A CG   1 
ATOM 1238 C CD1  . PHE A 1 81 ? 6.447   10.645  -0.105  1.00 0.97 ? 81 PHE A CD1  1 
ATOM 1239 C CD2  . PHE A 1 81 ? 8.704   10.067  0.569   1.00 1.09 ? 81 PHE A CD2  1 
ATOM 1240 C CE1  . PHE A 1 81 ? 6.430   11.681  0.838   1.00 1.14 ? 81 PHE A CE1  1 
ATOM 1241 C CE2  . PHE A 1 81 ? 8.688   11.103  1.512   1.00 1.25 ? 81 PHE A CE2  1 
ATOM 1242 C CZ   . PHE A 1 81 ? 7.552   11.910  1.646   1.00 1.26 ? 81 PHE A CZ   1 
ATOM 1243 H H    . PHE A 1 81 ? 6.158   10.108  -2.718  1.00 0.79 ? 81 PHE A H    1 
ATOM 1244 H HA   . PHE A 1 81 ? 9.044   9.817   -2.417  1.00 0.83 ? 81 PHE A HA   1 
ATOM 1245 H HB2  . PHE A 1 81 ? 6.600   8.346   -1.398  1.00 0.70 ? 81 PHE A HB2  1 
ATOM 1246 H HB3  . PHE A 1 81 ? 8.241   7.926   -0.908  1.00 0.79 ? 81 PHE A HB3  1 
ATOM 1247 H HD1  . PHE A 1 81 ? 5.583   10.469  -0.728  1.00 0.93 ? 81 PHE A HD1  1 
ATOM 1248 H HD2  . PHE A 1 81 ? 9.581   9.444   0.465   1.00 1.13 ? 81 PHE A HD2  1 
ATOM 1249 H HE1  . PHE A 1 81 ? 5.554   12.304  0.941   1.00 1.22 ? 81 PHE A HE1  1 
ATOM 1250 H HE2  . PHE A 1 81 ? 9.553   11.280  2.134   1.00 1.41 ? 81 PHE A HE2  1 
ATOM 1251 H HZ   . PHE A 1 81 ? 7.540   12.709  2.373   1.00 1.41 ? 81 PHE A HZ   1 
ATOM 1252 N N    . GLY A 1 82 ? 7.546   7.959   -4.554  1.00 0.61 ? 82 GLY A N    1 
ATOM 1253 C CA   . GLY A 1 82 ? 7.720   6.830   -5.510  1.00 0.53 ? 82 GLY A CA   1 
ATOM 1254 C C    . GLY A 1 82 ? 6.345   6.336   -5.963  1.00 0.45 ? 82 GLY A C    1 
ATOM 1255 O O    . GLY A 1 82 ? 5.535   7.094   -6.460  1.00 0.52 ? 82 GLY A O    1 
ATOM 1256 H H    . GLY A 1 82 ? 6.784   8.567   -4.649  1.00 0.68 ? 82 GLY A H    1 
ATOM 1257 H HA2  . GLY A 1 82 ? 8.286   7.164   -6.366  1.00 0.58 ? 82 GLY A HA2  1 
ATOM 1258 H HA3  . GLY A 1 82 ? 8.249   6.024   -5.022  1.00 0.52 ? 82 GLY A HA3  1 
ATOM 1259 N N    . TYR A 1 83 ? 6.044   5.093   -5.711  1.00 0.39 ? 83 TYR A N    1 
ATOM 1260 C CA   . TYR A 1 83 ? 4.685   4.575   -6.034  1.00 0.36 ? 83 TYR A CA   1 
ATOM 1261 C C    . TYR A 1 83 ? 4.104   3.856   -4.815  1.00 0.32 ? 83 TYR A C    1 
ATOM 1262 O O    . TYR A 1 83 ? 4.734   2.998   -4.232  1.00 0.38 ? 83 TYR A O    1 
ATOM 1263 C CB   . TYR A 1 83 ? 4.896   3.589   -7.184  1.00 0.42 ? 83 TYR A CB   1 
ATOM 1264 C CG   . TYR A 1 83 ? 5.298   4.341   -8.430  1.00 0.59 ? 83 TYR A CG   1 
ATOM 1265 C CD1  . TYR A 1 83 ? 4.315   4.801   -9.317  1.00 0.93 ? 83 TYR A CD1  1 
ATOM 1266 C CD2  . TYR A 1 83 ? 6.652   4.575   -8.700  1.00 0.78 ? 83 TYR A CD2  1 
ATOM 1267 C CE1  . TYR A 1 83 ? 4.688   5.494   -10.475 1.00 1.16 ? 83 TYR A CE1  1 
ATOM 1268 C CE2  . TYR A 1 83 ? 7.025   5.269   -9.858  1.00 1.03 ? 83 TYR A CE2  1 
ATOM 1269 C CZ   . TYR A 1 83 ? 6.043   5.729   -10.745 1.00 1.14 ? 83 TYR A CZ   1 
ATOM 1270 O OH   . TYR A 1 83 ? 6.411   6.412   -11.887 1.00 1.43 ? 83 TYR A OH   1 
ATOM 1271 H H    . TYR A 1 83 ? 6.690   4.518   -5.248  1.00 0.45 ? 83 TYR A H    1 
ATOM 1272 H HA   . TYR A 1 83 ? 4.037   5.379   -6.347  1.00 0.40 ? 83 TYR A HA   1 
ATOM 1273 H HB2  . TYR A 1 83 ? 5.676   2.890   -6.919  1.00 0.46 ? 83 TYR A HB2  1 
ATOM 1274 H HB3  . TYR A 1 83 ? 3.978   3.051   -7.368  1.00 0.53 ? 83 TYR A HB3  1 
ATOM 1275 H HD1  . TYR A 1 83 ? 3.272   4.620   -9.107  1.00 1.15 ? 83 TYR A HD1  1 
ATOM 1276 H HD2  . TYR A 1 83 ? 7.408   4.220   -8.016  1.00 0.94 ? 83 TYR A HD2  1 
ATOM 1277 H HE1  . TYR A 1 83 ? 3.932   5.849   -11.159 1.00 1.48 ? 83 TYR A HE1  1 
ATOM 1278 H HE2  . TYR A 1 83 ? 8.069   5.450   -10.067 1.00 1.30 ? 83 TYR A HE2  1 
ATOM 1279 H HH   . TYR A 1 83 ? 6.208   5.855   -12.643 1.00 1.65 ? 83 TYR A HH   1 
ATOM 1280 N N    . HIS A 1 84 ? 2.901   4.184   -4.439  1.00 0.32 ? 84 HIS A N    1 
ATOM 1281 C CA   . HIS A 1 84 ? 2.277   3.498   -3.270  1.00 0.30 ? 84 HIS A CA   1 
ATOM 1282 C C    . HIS A 1 84 ? 1.246   2.473   -3.731  1.00 0.28 ? 84 HIS A C    1 
ATOM 1283 O O    . HIS A 1 84 ? 0.220   2.823   -4.279  1.00 0.30 ? 84 HIS A O    1 
ATOM 1284 C CB   . HIS A 1 84 ? 1.584   4.591   -2.454  1.00 0.37 ? 84 HIS A CB   1 
ATOM 1285 C CG   . HIS A 1 84 ? 2.617   5.425   -1.754  1.00 0.37 ? 84 HIS A CG   1 
ATOM 1286 N ND1  . HIS A 1 84 ? 2.412   6.765   -1.460  1.00 0.49 ? 84 HIS A ND1  1 
ATOM 1287 C CD2  . HIS A 1 84 ? 3.869   5.124   -1.280  1.00 0.40 ? 84 HIS A CD2  1 
ATOM 1288 C CE1  . HIS A 1 84 ? 3.516   7.216   -0.836  1.00 0.61 ? 84 HIS A CE1  1 
ATOM 1289 N NE2  . HIS A 1 84 ? 4.436   6.256   -0.701  1.00 0.56 ? 84 HIS A NE2  1 
ATOM 1290 H H    . HIS A 1 84 ? 2.407   4.866   -4.936  1.00 0.40 ? 84 HIS A H    1 
ATOM 1291 H HA   . HIS A 1 84 ? 3.034   3.020   -2.669  1.00 0.29 ? 84 HIS A HA   1 
ATOM 1292 H HB2  . HIS A 1 84 ? 0.993   5.217   -3.106  1.00 0.44 ? 84 HIS A HB2  1 
ATOM 1293 H HB3  . HIS A 1 84 ? 0.936   4.127   -1.725  1.00 0.51 ? 84 HIS A HB3  1 
ATOM 1294 H HD1  . HIS A 1 84 ? 1.610   7.287   -1.667  1.00 0.51 ? 84 HIS A HD1  1 
ATOM 1295 H HD2  . HIS A 1 84 ? 4.343   4.155   -1.347  1.00 0.37 ? 84 HIS A HD2  1 
ATOM 1296 H HE1  . HIS A 1 84 ? 3.643   8.230   -0.487  1.00 0.76 ? 84 HIS A HE1  1 
ATOM 1297 N N    . ILE A 1 85 ? 1.397   1.249   -3.318  1.00 0.27 ? 85 ILE A N    1 
ATOM 1298 C CA   . ILE A 1 85 ? 0.291   0.277   -3.524  1.00 0.27 ? 85 ILE A CA   1 
ATOM 1299 C C    . ILE A 1 85 ? -0.363  -0.035  -2.174  1.00 0.26 ? 85 ILE A C    1 
ATOM 1300 O O    . ILE A 1 85 ? 0.315   -0.201  -1.179  1.00 0.28 ? 85 ILE A O    1 
ATOM 1301 C CB   . ILE A 1 85 ? 0.947   -0.965  -4.133  1.00 0.29 ? 85 ILE A CB   1 
ATOM 1302 C CG1  . ILE A 1 85 ? -0.101  -1.768  -4.907  1.00 0.30 ? 85 ILE A CG1  1 
ATOM 1303 C CG2  . ILE A 1 85 ? 1.535   -1.839  -3.023  1.00 0.32 ? 85 ILE A CG2  1 
ATOM 1304 C CD1  . ILE A 1 85 ? 0.561   -2.438  -6.113  1.00 0.35 ? 85 ILE A CD1  1 
ATOM 1305 H H    . ILE A 1 85 ? 2.154   1.017   -2.733  1.00 0.27 ? 85 ILE A H    1 
ATOM 1306 H HA   . ILE A 1 85 ? -0.437  0.687   -4.204  1.00 0.28 ? 85 ILE A HA   1 
ATOM 1307 H HB   . ILE A 1 85 ? 1.735   -0.662  -4.806  1.00 0.31 ? 85 ILE A HB   1 
ATOM 1308 H HG12 . ILE A 1 85 ? -0.525  -2.524  -4.262  1.00 0.32 ? 85 ILE A HG12 1 
ATOM 1309 H HG13 . ILE A 1 85 ? -0.883  -1.104  -5.247  1.00 0.31 ? 85 ILE A HG13 1 
ATOM 1310 H HG21 . ILE A 1 85 ? 2.287   -2.493  -3.440  1.00 1.02 ? 85 ILE A HG21 1 
ATOM 1311 H HG22 . ILE A 1 85 ? 0.749   -2.433  -2.578  1.00 1.05 ? 85 ILE A HG22 1 
ATOM 1312 H HG23 . ILE A 1 85 ? 1.981   -1.210  -2.269  1.00 1.09 ? 85 ILE A HG23 1 
ATOM 1313 H HD11 . ILE A 1 85 ? 0.437   -1.814  -6.985  1.00 1.18 ? 85 ILE A HD11 1 
ATOM 1314 H HD12 . ILE A 1 85 ? 0.100   -3.399  -6.290  1.00 1.02 ? 85 ILE A HD12 1 
ATOM 1315 H HD13 . ILE A 1 85 ? 1.615   -2.574  -5.915  1.00 1.03 ? 85 ILE A HD13 1 
ATOM 1316 N N    . ILE A 1 86 ? -1.657  0.096   -2.091  1.00 0.28 ? 86 ILE A N    1 
ATOM 1317 C CA   . ILE A 1 86 ? -2.317  0.046   -0.756  1.00 0.29 ? 86 ILE A CA   1 
ATOM 1318 C C    . ILE A 1 86 ? -3.495  -0.933  -0.762  1.00 0.30 ? 86 ILE A C    1 
ATOM 1319 O O    . ILE A 1 86 ? -4.396  -0.825  -1.569  1.00 0.32 ? 86 ILE A O    1 
ATOM 1320 C CB   . ILE A 1 86 ? -2.823  1.468   -0.524  1.00 0.33 ? 86 ILE A CB   1 
ATOM 1321 C CG1  . ILE A 1 86 ? -1.637  2.432   -0.472  1.00 0.37 ? 86 ILE A CG1  1 
ATOM 1322 C CG2  . ILE A 1 86 ? -3.590  1.528   0.799   1.00 0.46 ? 86 ILE A CG2  1 
ATOM 1323 C CD1  . ILE A 1 86 ? -2.131  3.861   -0.710  1.00 0.46 ? 86 ILE A CD1  1 
ATOM 1324 H H    . ILE A 1 86 ? -2.169  0.384   -2.876  1.00 0.33 ? 86 ILE A H    1 
ATOM 1325 H HA   . ILE A 1 86 ? -1.603  -0.219  0.010   1.00 0.34 ? 86 ILE A HA   1 
ATOM 1326 H HB   . ILE A 1 86 ? -3.480  1.752   -1.334  1.00 0.36 ? 86 ILE A HB   1 
ATOM 1327 H HG12 . ILE A 1 86 ? -1.167  2.371   0.498   1.00 0.47 ? 86 ILE A HG12 1 
ATOM 1328 H HG13 . ILE A 1 86 ? -0.921  2.166   -1.236  1.00 0.36 ? 86 ILE A HG13 1 
ATOM 1329 H HG21 . ILE A 1 86 ? -3.107  0.891   1.523   1.00 1.11 ? 86 ILE A HG21 1 
ATOM 1330 H HG22 . ILE A 1 86 ? -4.604  1.191   0.642   1.00 1.14 ? 86 ILE A HG22 1 
ATOM 1331 H HG23 . ILE A 1 86 ? -3.600  2.545   1.163   1.00 1.13 ? 86 ILE A HG23 1 
ATOM 1332 H HD11 . ILE A 1 86 ? -3.067  4.009   -0.192  1.00 1.08 ? 86 ILE A HD11 1 
ATOM 1333 H HD12 . ILE A 1 86 ? -2.277  4.019   -1.768  1.00 1.19 ? 86 ILE A HD12 1 
ATOM 1334 H HD13 . ILE A 1 86 ? -1.399  4.562   -0.338  1.00 0.97 ? 86 ILE A HD13 1 
ATOM 1335 N N    . LYS A 1 87 ? -3.581  -1.765  0.239   1.00 0.36 ? 87 LYS A N    1 
ATOM 1336 C CA   . LYS A 1 87 ? -4.803  -2.601  0.410   1.00 0.43 ? 87 LYS A CA   1 
ATOM 1337 C C    . LYS A 1 87 ? -5.707  -1.969  1.471   1.00 0.38 ? 87 LYS A C    1 
ATOM 1338 O O    . LYS A 1 87 ? -5.245  -1.558  2.518   1.00 0.41 ? 87 LYS A O    1 
ATOM 1339 C CB   . LYS A 1 87 ? -4.291  -3.962  0.882   1.00 0.64 ? 87 LYS A CB   1 
ATOM 1340 C CG   . LYS A 1 87 ? -5.477  -4.890  1.146   1.00 1.01 ? 87 LYS A CG   1 
ATOM 1341 C CD   . LYS A 1 87 ? -4.967  -6.301  1.440   1.00 0.95 ? 87 LYS A CD   1 
ATOM 1342 C CE   . LYS A 1 87 ? -4.626  -7.004  0.125   1.00 1.56 ? 87 LYS A CE   1 
ATOM 1343 N NZ   . LYS A 1 87 ? -5.085  -8.409  0.313   1.00 2.24 ? 87 LYS A NZ   1 
ATOM 1344 H H    . LYS A 1 87 ? -2.906  -1.740  0.947   1.00 0.37 ? 87 LYS A H    1 
ATOM 1345 H HA   . LYS A 1 87 ? -5.327  -2.704  -0.526  1.00 0.48 ? 87 LYS A HA   1 
ATOM 1346 H HB2  . LYS A 1 87 ? -3.658  -4.393  0.120   1.00 1.41 ? 87 LYS A HB2  1 
ATOM 1347 H HB3  . LYS A 1 87 ? -3.725  -3.836  1.791   1.00 1.20 ? 87 LYS A HB3  1 
ATOM 1348 H HG2  . LYS A 1 87 ? -6.033  -4.525  1.995   1.00 1.60 ? 87 LYS A HG2  1 
ATOM 1349 H HG3  . LYS A 1 87 ? -6.119  -4.912  0.277   1.00 1.75 ? 87 LYS A HG3  1 
ATOM 1350 H HD2  . LYS A 1 87 ? -4.083  -6.244  2.058   1.00 1.05 ? 87 LYS A HD2  1 
ATOM 1351 H HD3  . LYS A 1 87 ? -5.733  -6.860  1.959   1.00 1.48 ? 87 LYS A HD3  1 
ATOM 1352 H HE2  . LYS A 1 87 ? -5.154  -6.543  -0.696  1.00 1.97 ? 87 LYS A HE2  1 
ATOM 1353 H HE3  . LYS A 1 87 ? -3.561  -6.978  -0.050  1.00 1.81 ? 87 LYS A HE3  1 
ATOM 1354 H HZ1  . LYS A 1 87 ? -4.770  -8.988  -0.491  1.00 2.77 ? 87 LYS A HZ1  1 
ATOM 1355 H HZ2  . LYS A 1 87 ? -6.124  -8.429  0.369   1.00 2.59 ? 87 LYS A HZ2  1 
ATOM 1356 H HZ3  . LYS A 1 87 ? -4.682  -8.792  1.191   1.00 2.53 ? 87 LYS A HZ3  1 
ATOM 1357 N N    . VAL A 1 88 ? -6.962  -1.778  1.162   1.00 0.39 ? 88 VAL A N    1 
ATOM 1358 C CA   . VAL A 1 88 ? -7.858  -1.042  2.101   1.00 0.42 ? 88 VAL A CA   1 
ATOM 1359 C C    . VAL A 1 88 ? -8.817  -2.008  2.803   1.00 0.46 ? 88 VAL A C    1 
ATOM 1360 O O    . VAL A 1 88 ? -9.436  -2.848  2.179   1.00 0.54 ? 88 VAL A O    1 
ATOM 1361 C CB   . VAL A 1 88 ? -8.638  -0.064  1.220   1.00 0.53 ? 88 VAL A CB   1 
ATOM 1362 C CG1  . VAL A 1 88 ? -9.462  0.873   2.105   1.00 0.88 ? 88 VAL A CG1  1 
ATOM 1363 C CG2  . VAL A 1 88 ? -7.661  0.758   0.376   1.00 0.66 ? 88 VAL A CG2  1 
ATOM 1364 H H    . VAL A 1 88 ? -7.292  -2.040  0.276   1.00 0.44 ? 88 VAL A H    1 
ATOM 1365 H HA   . VAL A 1 88 ? -7.276  -0.497  2.827   1.00 0.44 ? 88 VAL A HA   1 
ATOM 1366 H HB   . VAL A 1 88 ? -9.298  -0.616  0.569   1.00 0.77 ? 88 VAL A HB   1 
ATOM 1367 H HG11 . VAL A 1 88 ? -10.357 0.365   2.433   1.00 1.44 ? 88 VAL A HG11 1 
ATOM 1368 H HG12 . VAL A 1 88 ? -9.733  1.754   1.542   1.00 1.48 ? 88 VAL A HG12 1 
ATOM 1369 H HG13 . VAL A 1 88 ? -8.877  1.163   2.966   1.00 1.28 ? 88 VAL A HG13 1 
ATOM 1370 H HG21 . VAL A 1 88 ? -8.056  1.752   0.234   1.00 1.29 ? 88 VAL A HG21 1 
ATOM 1371 H HG22 . VAL A 1 88 ? -7.528  0.283   -0.585  1.00 1.28 ? 88 VAL A HG22 1 
ATOM 1372 H HG23 . VAL A 1 88 ? -6.709  0.818   0.882   1.00 1.21 ? 88 VAL A HG23 1 
ATOM 1373 N N    . LEU A 1 89 ? -8.927  -1.907  4.100   1.00 0.48 ? 89 LEU A N    1 
ATOM 1374 C CA   . LEU A 1 89 ? -9.815  -2.814  4.855   1.00 0.55 ? 89 LEU A CA   1 
ATOM 1375 C C    . LEU A 1 89 ? -10.547 -2.020  5.937   1.00 0.57 ? 89 LEU A C    1 
ATOM 1376 O O    . LEU A 1 89 ? -10.496 -0.808  5.977   1.00 0.65 ? 89 LEU A O    1 
ATOM 1377 C CB   . LEU A 1 89 ? -8.875  -3.841  5.489   1.00 0.59 ? 89 LEU A CB   1 
ATOM 1378 C CG   . LEU A 1 89 ? -7.937  -4.407  4.421   1.00 0.61 ? 89 LEU A CG   1 
ATOM 1379 C CD1  . LEU A 1 89 ? -6.953  -5.379  5.072   1.00 0.71 ? 89 LEU A CD1  1 
ATOM 1380 C CD2  . LEU A 1 89 ? -8.754  -5.145  3.358   1.00 0.75 ? 89 LEU A CD2  1 
ATOM 1381 H H    . LEU A 1 89 ? -8.415  -1.238  4.584   1.00 0.49 ? 89 LEU A H    1 
ATOM 1382 H HA   . LEU A 1 89 ? -10.516 -3.304  4.199   1.00 0.60 ? 89 LEU A HA   1 
ATOM 1383 H HB2  . LEU A 1 89 ? -8.293  -3.364  6.264   1.00 0.58 ? 89 LEU A HB2  1 
ATOM 1384 H HB3  . LEU A 1 89 ? -9.456  -4.643  5.919   1.00 0.68 ? 89 LEU A HB3  1 
ATOM 1385 H HG   . LEU A 1 89 ? -7.390  -3.598  3.957   1.00 0.55 ? 89 LEU A HG   1 
ATOM 1386 H HD11 . LEU A 1 89 ? -7.358  -6.380  5.035   1.00 1.41 ? 89 LEU A HD11 1 
ATOM 1387 H HD12 . LEU A 1 89 ? -6.792  -5.094  6.101   1.00 1.14 ? 89 LEU A HD12 1 
ATOM 1388 H HD13 . LEU A 1 89 ? -6.013  -5.353  4.539   1.00 1.16 ? 89 LEU A HD13 1 
ATOM 1389 H HD21 . LEU A 1 89 ? -8.226  -5.120  2.416   1.00 1.26 ? 89 LEU A HD21 1 
ATOM 1390 H HD22 . LEU A 1 89 ? -9.715  -4.668  3.246   1.00 1.28 ? 89 LEU A HD22 1 
ATOM 1391 H HD23 . LEU A 1 89 ? -8.896  -6.172  3.664   1.00 1.24 ? 89 LEU A HD23 1 
ATOM 1392 N N    . TYR A 1 90 ? -11.171 -2.712  6.837   1.00 0.94 ? 90 TYR A N    1 
ATOM 1393 C CA   . TYR A 1 90 ? -11.886 -2.050  7.974   1.00 1.02 ? 90 TYR A CA   1 
ATOM 1394 C C    . TYR A 1 90 ? -12.459 -0.683  7.559   1.00 0.96 ? 90 TYR A C    1 
ATOM 1395 O O    . TYR A 1 90 ? -13.605 -0.583  7.168   1.00 1.15 ? 90 TYR A O    1 
ATOM 1396 C CB   . TYR A 1 90 ? -10.819 -1.895  9.059   1.00 1.00 ? 90 TYR A CB   1 
ATOM 1397 C CG   . TYR A 1 90 ? -10.512 -3.250  9.651   1.00 1.34 ? 90 TYR A CG   1 
ATOM 1398 C CD1  . TYR A 1 90 ? -9.707  -4.155  8.945   1.00 1.64 ? 90 TYR A CD1  1 
ATOM 1399 C CD2  . TYR A 1 90 ? -11.032 -3.605  10.902  1.00 1.83 ? 90 TYR A CD2  1 
ATOM 1400 C CE1  . TYR A 1 90 ? -9.421  -5.412  9.492   1.00 2.14 ? 90 TYR A CE1  1 
ATOM 1401 C CE2  . TYR A 1 90 ? -10.746 -4.863  11.448  1.00 2.30 ? 90 TYR A CE2  1 
ATOM 1402 C CZ   . TYR A 1 90 ? -9.940  -5.766  10.743  1.00 2.36 ? 90 TYR A CZ   1 
ATOM 1403 O OH   . TYR A 1 90 ? -9.657  -7.005  11.279  1.00 2.93 ? 90 TYR A OH   1 
ATOM 1404 H H    . TYR A 1 90 ? -11.139 -3.683  6.783   1.00 1.26 ? 90 TYR A H    1 
ATOM 1405 H HA   . TYR A 1 90 ? -12.677 -2.689  8.335   1.00 1.26 ? 90 TYR A HA   1 
ATOM 1406 H HB2  . TYR A 1 90 ? -9.920  -1.484  8.624   1.00 1.08 ? 90 TYR A HB2  1 
ATOM 1407 H HB3  . TYR A 1 90 ? -11.183 -1.235  9.833   1.00 1.09 ? 90 TYR A HB3  1 
ATOM 1408 H HD1  . TYR A 1 90 ? -9.308  -3.883  7.980   1.00 1.76 ? 90 TYR A HD1  1 
ATOM 1409 H HD2  . TYR A 1 90 ? -11.653 -2.908  11.446  1.00 2.07 ? 90 TYR A HD2  1 
ATOM 1410 H HE1  . TYR A 1 90 ? -8.800  -6.108  8.947   1.00 2.53 ? 90 TYR A HE1  1 
ATOM 1411 H HE2  . TYR A 1 90 ? -11.147 -5.137  12.413  1.00 2.77 ? 90 TYR A HE2  1 
ATOM 1412 H HH   . TYR A 1 90 ? -10.038 -7.041  12.160  1.00 3.05 ? 90 TYR A HH   1 
ATOM 1413 N N    . ARG A 1 91 ? -11.689 0.369   7.651   1.00 0.94 ? 91 ARG A N    1 
ATOM 1414 C CA   . ARG A 1 91 ? -12.219 1.716   7.271   1.00 1.02 ? 91 ARG A CA   1 
ATOM 1415 C C    . ARG A 1 91 ? -13.424 2.090   8.135   1.00 1.21 ? 91 ARG A C    1 
ATOM 1416 O O    . ARG A 1 91 ? -14.423 2.580   7.646   1.00 1.57 ? 91 ARG A O    1 
ATOM 1417 C CB   . ARG A 1 91 ? -12.636 1.584   5.811   1.00 1.14 ? 91 ARG A CB   1 
ATOM 1418 C CG   . ARG A 1 91 ? -12.958 2.973   5.253   1.00 1.40 ? 91 ARG A CG   1 
ATOM 1419 C CD   . ARG A 1 91 ? -13.380 2.856   3.788   1.00 1.81 ? 91 ARG A CD   1 
ATOM 1420 N NE   . ARG A 1 91 ? -13.558 4.264   3.332   1.00 2.01 ? 91 ARG A NE   1 
ATOM 1421 C CZ   . ARG A 1 91 ? -14.264 4.524   2.264   1.00 2.45 ? 91 ARG A CZ   1 
ATOM 1422 N NH1  . ARG A 1 91 ? -14.820 3.551   1.594   1.00 2.69 ? 91 ARG A NH1  1 
ATOM 1423 N NH2  . ARG A 1 91 ? -14.413 5.758   1.867   1.00 3.09 ? 91 ARG A NH2  1 
ATOM 1424 H H    . ARG A 1 91 ? -10.770 0.278   7.974   1.00 1.05 ? 91 ARG A H    1 
ATOM 1425 H HA   . ARG A 1 91 ? -11.449 2.464   7.361   1.00 1.12 ? 91 ARG A HA   1 
ATOM 1426 H HB2  . ARG A 1 91 ? -11.828 1.146   5.249   1.00 1.31 ? 91 ARG A HB2  1 
ATOM 1427 H HB3  . ARG A 1 91 ? -13.509 0.953   5.739   1.00 1.52 ? 91 ARG A HB3  1 
ATOM 1428 H HG2  . ARG A 1 91 ? -13.764 3.409   5.825   1.00 1.95 ? 91 ARG A HG2  1 
ATOM 1429 H HG3  . ARG A 1 91 ? -12.083 3.602   5.328   1.00 1.69 ? 91 ARG A HG3  1 
ATOM 1430 H HD2  . ARG A 1 91 ? -12.606 2.371   3.214   1.00 2.11 ? 91 ARG A HD2  1 
ATOM 1431 H HD3  . ARG A 1 91 ? -14.309 2.312   3.706   1.00 2.46 ? 91 ARG A HD3  1 
ATOM 1432 H HE   . ARG A 1 91 ? -13.144 4.996   3.834   1.00 2.35 ? 91 ARG A HE   1 
ATOM 1433 H HH11 . ARG A 1 91 ? -14.707 2.606   1.896   1.00 2.59 ? 91 ARG A HH11 1 
ATOM 1434 H HH12 . ARG A 1 91 ? -15.359 3.754   0.776   1.00 3.25 ? 91 ARG A HH12 1 
ATOM 1435 H HH21 . ARG A 1 91 ? -13.987 6.504   2.380   1.00 3.26 ? 91 ARG A HH21 1 
ATOM 1436 H HH22 . ARG A 1 91 ? -14.952 5.958   1.049   1.00 3.61 ? 91 ARG A HH22 1 
ATOM 1437 N N    . ASN A 1 92 ? -13.305 1.944   9.423   1.00 1.77 ? 92 ASN A N    1 
ATOM 1438 C CA   . ASN A 1 92 ? -14.405 2.379   10.334  1.00 2.04 ? 92 ASN A CA   1 
ATOM 1439 C C    . ASN A 1 92 ? -14.157 1.853   11.750  1.00 2.70 ? 92 ASN A C    1 
ATOM 1440 O O    . ASN A 1 92 ? -13.029 1.488   12.036  1.00 3.40 ? 92 ASN A O    1 
ATOM 1441 C CB   . ASN A 1 92 ? -15.681 1.768   9.752   1.00 2.88 ? 92 ASN A CB   1 
ATOM 1442 C CG   . ASN A 1 92 ? -16.655 2.887   9.379   1.00 3.29 ? 92 ASN A CG   1 
ATOM 1443 O OD1  . ASN A 1 92 ? -17.849 2.757   9.563   1.00 3.75 ? 92 ASN A OD1  1 
ATOM 1444 N ND2  . ASN A 1 92 ? -16.192 3.991   8.858   1.00 3.57 ? 92 ASN A ND2  1 
ATOM 1445 O OXT  . ASN A 1 92 ? -15.099 1.825   12.524  1.00 3.09 ? 92 ASN A OXT  1 
ATOM 1446 H H    . ASN A 1 92 ? -12.465 1.605   9.796   1.00 2.30 ? 92 ASN A H    1 
ATOM 1447 H HA   . ASN A 1 92 ? -14.482 3.454   10.342  1.00 1.95 ? 92 ASN A HA   1 
ATOM 1448 H HB2  . ASN A 1 92 ? -15.437 1.192   8.871   1.00 3.14 ? 92 ASN A HB2  1 
ATOM 1449 H HB3  . ASN A 1 92 ? -16.139 1.123   10.487  1.00 3.48 ? 92 ASN A HB3  1 
ATOM 1450 H HD21 . ASN A 1 92 ? -15.230 4.098   8.710   1.00 3.58 ? 92 ASN A HD21 1 
ATOM 1451 H HD22 . ASN A 1 92 ? -16.808 4.714   8.616   1.00 4.00 ? 92 ASN A HD22 1 
# 
